data_7AC0
#
_entry.id   7AC0
#
_cell.length_a   140.016
_cell.length_b   156.570
_cell.length_c   112.581
_cell.angle_alpha   90.000
_cell.angle_beta   90.000
_cell.angle_gamma   90.000
#
_symmetry.space_group_name_H-M   'P 21 21 2'
#
loop_
_entity.id
_entity.type
_entity.pdbx_description
1 polymer 'Soluble epoxide hydrolase'
2 water water
#
_entity_poly.entity_id   1
_entity_poly.type   'polypeptide(L)'
_entity_poly.pdbx_seq_one_letter_code
;MGSSHHHHHHGLVPRGSHMSTEITHHQAMINGYRMHYVTAGSGYPLVLLHGWPQSWYEWRNVIPALAEQFTVIAPDLRGL
GDSEKPMTGFDKRTMATDVRELVSHLGYDKVGVIGHDWGGSVAFYFAYDNRDLVERLFILDMIPGLIKAGDSFPIPVALM
INHIFFHGGNPDWATALISKDVNLYLRRFLTTLDYNYSPNVFSEEDIAEYVRVNSLPGSIRSGCQWYATGLREDTENLAK
ATDKLTIPVIAWGGSHFLGDIRPAWQEVAENVEGGAVENCGHFVPEEKPQFVIDTALKFFAPLR
;
_entity_poly.pdbx_strand_id   AAA,BBB,CCC,DDD,EEE,FFF,GGG,HHH
#
# COMPACT_ATOMS: atom_id res chain seq x y z
N THR A 21 -5.54 29.06 -34.00
CA THR A 21 -6.33 28.63 -32.78
C THR A 21 -5.64 27.43 -32.08
N GLU A 22 -4.90 26.59 -32.83
CA GLU A 22 -4.00 25.47 -32.38
C GLU A 22 -3.08 25.89 -31.21
N ILE A 23 -3.25 25.35 -30.00
CA ILE A 23 -2.27 25.42 -28.87
C ILE A 23 -0.96 24.69 -29.26
N THR A 24 0.24 25.28 -29.08
CA THR A 24 1.56 24.59 -29.26
C THR A 24 2.35 24.61 -27.96
N HIS A 25 3.02 23.50 -27.63
CA HIS A 25 3.87 23.31 -26.42
C HIS A 25 5.32 23.72 -26.67
N HIS A 26 5.86 24.55 -25.77
CA HIS A 26 7.23 25.09 -25.84
C HIS A 26 7.90 24.97 -24.48
N GLN A 27 9.19 25.27 -24.49
CA GLN A 27 10.01 25.42 -23.29
C GLN A 27 11.04 26.50 -23.62
N ALA A 28 11.42 27.23 -22.58
CA ALA A 28 12.56 28.18 -22.59
C ALA A 28 13.38 27.96 -21.30
N MET A 29 14.67 28.25 -21.35
CA MET A 29 15.56 28.31 -20.16
C MET A 29 15.37 29.69 -19.51
N ILE A 30 14.75 29.71 -18.31
CA ILE A 30 14.30 30.94 -17.63
C ILE A 30 14.86 30.93 -16.22
N ASN A 31 15.72 31.90 -15.89
CA ASN A 31 16.36 32.04 -14.55
C ASN A 31 16.84 30.67 -14.05
N GLY A 32 17.51 29.88 -14.88
CA GLY A 32 18.22 28.68 -14.40
C GLY A 32 17.39 27.43 -14.39
N TYR A 33 16.13 27.43 -14.86
CA TYR A 33 15.32 26.18 -14.96
C TYR A 33 14.49 26.21 -16.25
N ARG A 34 14.02 25.04 -16.68
CA ARG A 34 13.23 24.88 -17.92
C ARG A 34 11.78 25.18 -17.60
N MET A 35 11.24 26.21 -18.25
CA MET A 35 9.84 26.62 -18.07
C MET A 35 9.04 26.13 -19.27
N HIS A 36 8.01 25.33 -19.03
CA HIS A 36 6.99 24.90 -20.00
C HIS A 36 5.99 26.04 -20.24
N TYR A 37 5.66 26.35 -21.49
CA TYR A 37 4.65 27.39 -21.77
C TYR A 37 3.95 26.96 -23.03
N VAL A 38 2.69 27.35 -23.19
CA VAL A 38 1.98 27.11 -24.47
C VAL A 38 1.65 28.47 -25.13
N THR A 39 1.47 28.44 -26.45
CA THR A 39 1.22 29.65 -27.26
C THR A 39 0.10 29.31 -28.24
N ALA A 40 -0.66 30.32 -28.62
CA ALA A 40 -1.70 30.25 -29.67
C ALA A 40 -1.96 31.64 -30.24
N GLY A 41 -2.51 31.66 -31.43
CA GLY A 41 -3.02 32.87 -32.08
C GLY A 41 -1.94 33.80 -32.57
N SER A 42 -2.35 35.04 -32.78
CA SER A 42 -1.55 36.08 -33.45
C SER A 42 -2.11 37.44 -33.07
N GLY A 43 -1.26 38.46 -33.08
CA GLY A 43 -1.59 39.83 -32.65
C GLY A 43 -0.97 40.16 -31.29
N TYR A 44 -1.51 41.19 -30.64
CA TYR A 44 -1.05 41.68 -29.32
C TYR A 44 -1.04 40.52 -28.31
N PRO A 45 0.02 40.43 -27.50
CA PRO A 45 0.16 39.33 -26.54
C PRO A 45 -0.55 39.54 -25.18
N LEU A 46 -1.31 38.53 -24.76
CA LEU A 46 -1.93 38.34 -23.44
C LEU A 46 -1.22 37.18 -22.75
N VAL A 47 -0.66 37.40 -21.57
CA VAL A 47 -0.04 36.36 -20.72
C VAL A 47 -1.11 35.91 -19.72
N LEU A 48 -1.50 34.63 -19.75
CA LEU A 48 -2.45 34.04 -18.76
C LEU A 48 -1.62 33.34 -17.69
N LEU A 49 -1.80 33.65 -16.40
CA LEU A 49 -1.02 33.07 -15.27
C LEU A 49 -1.91 32.29 -14.31
N HIS A 50 -1.75 30.98 -14.24
CA HIS A 50 -2.54 30.03 -13.42
C HIS A 50 -2.22 30.12 -11.92
N GLY A 51 -2.91 29.34 -11.11
CA GLY A 51 -2.66 29.28 -9.65
C GLY A 51 -2.52 27.86 -9.17
N TRP A 52 -2.68 27.67 -7.86
CA TRP A 52 -2.52 26.36 -7.22
C TRP A 52 -3.89 25.67 -7.16
N PRO A 53 -4.07 24.33 -7.39
CA PRO A 53 -3.03 23.39 -7.80
C PRO A 53 -3.04 23.10 -9.32
N GLN A 54 -2.93 24.10 -10.15
CA GLN A 54 -3.24 23.90 -11.57
C GLN A 54 -1.99 24.25 -12.40
N SER A 55 -2.22 24.75 -13.63
CA SER A 55 -1.23 24.86 -14.70
C SER A 55 -1.84 25.63 -15.88
N TRP A 56 -1.12 25.78 -16.98
CA TRP A 56 -1.65 26.43 -18.22
C TRP A 56 -3.03 25.85 -18.53
N TYR A 57 -3.18 24.57 -18.17
CA TYR A 57 -4.37 23.77 -18.57
C TYR A 57 -5.68 24.38 -18.07
N GLU A 58 -5.68 25.20 -17.01
CA GLU A 58 -6.93 25.83 -16.51
C GLU A 58 -7.47 26.86 -17.52
N TRP A 59 -6.69 27.23 -18.54
CA TRP A 59 -7.02 28.26 -19.55
C TRP A 59 -7.53 27.60 -20.82
N ARG A 60 -7.46 26.28 -20.89
CA ARG A 60 -7.73 25.50 -22.15
C ARG A 60 -9.05 25.95 -22.80
N ASN A 61 -10.08 26.34 -22.06
CA ASN A 61 -11.41 26.70 -22.66
C ASN A 61 -11.57 28.20 -22.94
N VAL A 62 -10.53 28.97 -22.67
CA VAL A 62 -10.45 30.45 -22.84
C VAL A 62 -9.48 30.78 -23.99
N ILE A 63 -8.34 30.10 -24.04
CA ILE A 63 -7.28 30.31 -25.06
C ILE A 63 -7.85 30.31 -26.48
N PRO A 64 -8.63 29.33 -26.99
CA PRO A 64 -8.95 29.33 -28.40
C PRO A 64 -9.69 30.62 -28.78
N ALA A 65 -10.58 31.12 -27.91
CA ALA A 65 -11.43 32.31 -28.19
C ALA A 65 -10.52 33.53 -28.16
N LEU A 66 -9.56 33.54 -27.24
CA LEU A 66 -8.66 34.72 -27.14
C LEU A 66 -7.74 34.74 -28.37
N ALA A 67 -7.33 33.56 -28.82
CA ALA A 67 -6.36 33.33 -29.90
C ALA A 67 -6.92 33.83 -31.25
N GLU A 68 -8.22 34.08 -31.40
CA GLU A 68 -8.80 34.65 -32.65
C GLU A 68 -8.41 36.12 -32.78
N GLN A 69 -8.04 36.78 -31.69
CA GLN A 69 -7.75 38.24 -31.74
C GLN A 69 -6.40 38.60 -31.14
N PHE A 70 -5.75 37.68 -30.42
CA PHE A 70 -4.52 37.95 -29.62
C PHE A 70 -3.55 36.79 -29.75
N THR A 71 -2.29 37.05 -29.42
CA THR A 71 -1.31 35.99 -29.18
C THR A 71 -1.53 35.62 -27.73
N VAL A 72 -1.71 34.35 -27.41
CA VAL A 72 -1.94 33.91 -26.03
C VAL A 72 -0.73 33.12 -25.58
N ILE A 73 -0.25 33.46 -24.40
CA ILE A 73 0.96 32.88 -23.76
C ILE A 73 0.56 32.45 -22.36
N ALA A 74 0.69 31.16 -22.07
CA ALA A 74 0.29 30.53 -20.81
C ALA A 74 1.40 29.59 -20.33
N PRO A 75 2.25 30.05 -19.40
CA PRO A 75 3.26 29.21 -18.79
C PRO A 75 2.77 28.42 -17.58
N ASP A 76 3.50 27.33 -17.31
CA ASP A 76 3.53 26.62 -16.02
C ASP A 76 4.53 27.38 -15.16
N LEU A 77 4.03 28.07 -14.14
CA LEU A 77 4.84 28.86 -13.20
C LEU A 77 5.80 27.95 -12.42
N ARG A 78 6.81 28.57 -11.83
CA ARG A 78 7.96 27.94 -11.13
C ARG A 78 7.48 26.80 -10.20
N GLY A 79 7.83 25.56 -10.54
CA GLY A 79 7.66 24.36 -9.71
C GLY A 79 6.41 23.58 -10.04
N LEU A 80 5.48 24.17 -10.79
CA LEU A 80 4.16 23.54 -11.04
C LEU A 80 3.99 23.20 -12.51
N GLY A 81 2.84 22.61 -12.83
CA GLY A 81 2.65 21.88 -14.09
C GLY A 81 3.90 21.07 -14.44
N ASP A 82 4.34 21.20 -15.68
CA ASP A 82 5.45 20.41 -16.23
C ASP A 82 6.71 21.26 -16.17
N SER A 83 6.65 22.50 -15.67
CA SER A 83 7.90 23.29 -15.53
C SER A 83 8.84 22.56 -14.55
N GLU A 84 10.14 22.82 -14.65
CA GLU A 84 11.13 22.33 -13.69
C GLU A 84 10.91 23.04 -12.35
N LYS A 85 11.54 22.49 -11.33
CA LYS A 85 11.11 22.71 -9.93
C LYS A 85 12.35 23.04 -9.11
N PRO A 86 12.80 24.30 -9.09
CA PRO A 86 13.88 24.69 -8.20
C PRO A 86 13.46 24.59 -6.72
N MET A 87 14.45 24.75 -5.83
CA MET A 87 14.30 24.61 -4.36
C MET A 87 14.00 25.99 -3.73
N THR A 88 14.20 27.09 -4.47
CA THR A 88 14.09 28.49 -3.99
C THR A 88 13.39 29.36 -5.02
N GLY A 89 13.11 30.61 -4.63
CA GLY A 89 12.54 31.71 -5.46
C GLY A 89 11.04 31.59 -5.67
N PHE A 90 10.32 31.09 -4.68
CA PHE A 90 8.85 30.85 -4.77
C PHE A 90 8.08 32.07 -4.24
N ASP A 91 8.76 33.11 -3.77
CA ASP A 91 8.06 34.40 -3.53
C ASP A 91 7.52 34.93 -4.87
N LYS A 92 6.40 35.67 -4.81
CA LYS A 92 5.61 36.05 -6.02
C LYS A 92 6.38 37.11 -6.83
N ARG A 93 7.16 37.97 -6.19
CA ARG A 93 8.05 38.89 -6.95
C ARG A 93 9.09 38.09 -7.74
N THR A 94 9.79 37.12 -7.14
CA THR A 94 10.78 36.31 -7.90
C THR A 94 10.09 35.63 -9.09
N MET A 95 8.94 35.05 -8.83
CA MET A 95 8.20 34.28 -9.86
CA MET A 95 8.20 34.28 -9.86
C MET A 95 7.78 35.20 -11.01
N ALA A 96 7.46 36.46 -10.71
CA ALA A 96 7.15 37.49 -11.72
C ALA A 96 8.38 37.74 -12.59
N THR A 97 9.61 37.69 -12.08
CA THR A 97 10.85 37.84 -12.92
C THR A 97 10.87 36.71 -13.96
N ASP A 98 10.43 35.51 -13.60
CA ASP A 98 10.31 34.38 -14.55
C ASP A 98 9.42 34.82 -15.72
N VAL A 99 8.27 35.42 -15.40
CA VAL A 99 7.27 35.80 -16.42
C VAL A 99 7.89 36.91 -17.26
N ARG A 100 8.59 37.86 -16.65
CA ARG A 100 9.35 38.92 -17.38
C ARG A 100 10.38 38.31 -18.36
N GLU A 101 11.15 37.32 -17.92
CA GLU A 101 12.19 36.68 -18.76
C GLU A 101 11.53 35.96 -19.95
N LEU A 102 10.38 35.32 -19.74
CA LEU A 102 9.61 34.63 -20.80
C LEU A 102 9.15 35.66 -21.84
N VAL A 103 8.56 36.74 -21.40
CA VAL A 103 7.98 37.77 -22.31
C VAL A 103 9.11 38.37 -23.14
N SER A 104 10.26 38.57 -22.51
CA SER A 104 11.49 39.14 -23.10
C SER A 104 12.05 38.16 -24.15
N HIS A 105 12.22 36.88 -23.78
CA HIS A 105 12.58 35.74 -24.66
C HIS A 105 11.65 35.68 -25.86
N LEU A 106 10.37 35.93 -25.71
CA LEU A 106 9.43 35.81 -26.85
C LEU A 106 9.50 37.07 -27.67
N GLY A 107 10.24 38.11 -27.27
CA GLY A 107 10.41 39.40 -28.00
C GLY A 107 9.32 40.46 -27.78
N TYR A 108 8.59 40.50 -26.67
CA TYR A 108 7.54 41.54 -26.53
C TYR A 108 7.89 42.55 -25.42
N ASP A 109 7.57 43.81 -25.68
CA ASP A 109 7.89 44.92 -24.77
C ASP A 109 6.59 45.55 -24.24
N LYS A 110 5.39 45.05 -24.62
CA LYS A 110 4.05 45.46 -24.08
C LYS A 110 3.16 44.23 -24.03
N VAL A 111 2.46 43.97 -22.93
CA VAL A 111 1.54 42.80 -22.79
C VAL A 111 0.33 43.19 -21.95
N GLY A 112 -0.77 42.45 -22.14
CA GLY A 112 -1.88 42.31 -21.19
C GLY A 112 -1.64 41.08 -20.34
N VAL A 113 -2.21 41.03 -19.15
CA VAL A 113 -2.07 39.86 -18.23
C VAL A 113 -3.45 39.51 -17.64
N ILE A 114 -3.73 38.22 -17.56
CA ILE A 114 -4.81 37.65 -16.72
C ILE A 114 -4.14 36.74 -15.69
N GLY A 115 -4.44 36.94 -14.42
CA GLY A 115 -3.95 36.10 -13.32
C GLY A 115 -5.12 35.61 -12.51
N HIS A 116 -5.16 34.32 -12.29
CA HIS A 116 -6.16 33.61 -11.46
C HIS A 116 -5.47 33.03 -10.25
N ASP A 117 -6.06 33.21 -9.06
CA ASP A 117 -5.50 32.58 -7.83
C ASP A 117 -4.10 33.16 -7.62
N TRP A 118 -3.11 32.35 -7.27
CA TRP A 118 -1.73 32.83 -7.03
C TRP A 118 -1.14 33.57 -8.25
N GLY A 119 -1.53 33.14 -9.44
CA GLY A 119 -1.19 33.82 -10.70
C GLY A 119 -1.61 35.28 -10.71
N GLY A 120 -2.60 35.66 -9.93
CA GLY A 120 -3.01 37.06 -9.69
C GLY A 120 -2.02 37.85 -8.86
N SER A 121 -1.38 37.22 -7.85
CA SER A 121 -0.35 37.82 -6.99
C SER A 121 0.93 37.98 -7.82
N VAL A 122 1.33 36.96 -8.57
CA VAL A 122 2.47 37.05 -9.52
C VAL A 122 2.16 38.13 -10.57
N ALA A 123 0.99 38.12 -11.18
CA ALA A 123 0.54 39.21 -12.07
C ALA A 123 0.75 40.55 -11.40
N PHE A 124 0.38 40.69 -10.13
CA PHE A 124 0.46 41.97 -9.39
C PHE A 124 1.91 42.45 -9.31
N TYR A 125 2.85 41.56 -8.94
CA TYR A 125 4.29 41.94 -8.88
C TYR A 125 4.84 42.13 -10.31
N PHE A 126 4.34 41.40 -11.28
CA PHE A 126 4.74 41.60 -12.69
C PHE A 126 4.36 43.01 -13.10
N ALA A 127 3.14 43.46 -12.83
CA ALA A 127 2.71 44.84 -13.17
C ALA A 127 3.46 45.90 -12.33
N TYR A 128 3.62 45.65 -11.02
CA TYR A 128 4.27 46.59 -10.07
C TYR A 128 5.72 46.85 -10.49
N ASP A 129 6.49 45.78 -10.77
CA ASP A 129 7.95 45.78 -11.08
C ASP A 129 8.27 46.10 -12.57
N ASN A 130 7.28 46.14 -13.46
CA ASN A 130 7.48 46.39 -14.92
C ASN A 130 6.36 47.32 -15.40
N ARG A 131 6.42 48.59 -15.06
CA ARG A 131 5.33 49.57 -15.26
C ARG A 131 5.20 50.00 -16.72
N ASP A 132 6.25 49.86 -17.52
CA ASP A 132 6.26 50.11 -18.98
C ASP A 132 5.99 48.85 -19.79
N LEU A 133 5.90 47.66 -19.15
CA LEU A 133 5.76 46.35 -19.84
C LEU A 133 4.29 45.98 -19.85
N VAL A 134 3.67 45.98 -18.67
CA VAL A 134 2.28 45.51 -18.51
C VAL A 134 1.27 46.68 -18.66
N GLU A 135 0.33 46.59 -19.58
CA GLU A 135 -0.51 47.74 -19.99
C GLU A 135 -1.88 47.62 -19.33
N ARG A 136 -2.30 46.38 -19.12
CA ARG A 136 -3.64 46.04 -18.57
C ARG A 136 -3.54 44.74 -17.77
N LEU A 137 -4.29 44.71 -16.66
CA LEU A 137 -4.28 43.60 -15.68
C LEU A 137 -5.72 43.24 -15.31
N PHE A 138 -6.09 41.96 -15.55
CA PHE A 138 -7.35 41.25 -15.29
C PHE A 138 -7.08 40.22 -14.19
N ILE A 139 -7.68 40.44 -13.02
CA ILE A 139 -7.55 39.51 -11.86
C ILE A 139 -8.81 38.65 -11.72
N LEU A 140 -8.65 37.35 -11.50
CA LEU A 140 -9.73 36.39 -11.22
C LEU A 140 -9.52 35.71 -9.86
N ASP A 141 -10.45 35.97 -8.95
CA ASP A 141 -10.61 35.28 -7.65
C ASP A 141 -9.26 35.15 -6.90
N MET A 142 -8.67 36.30 -6.60
CA MET A 142 -7.43 36.50 -5.81
C MET A 142 -7.44 37.91 -5.22
N ILE A 143 -6.68 38.08 -4.15
CA ILE A 143 -6.41 39.41 -3.56
C ILE A 143 -4.89 39.63 -3.66
N PRO A 144 -4.38 40.88 -3.60
CA PRO A 144 -2.98 41.12 -3.95
C PRO A 144 -1.97 40.21 -3.25
N GLY A 145 -2.29 39.80 -2.02
CA GLY A 145 -1.54 38.82 -1.21
C GLY A 145 -2.39 38.33 -0.06
N LEU A 146 -2.09 37.16 0.54
CA LEU A 146 -2.97 36.57 1.60
C LEU A 146 -3.22 37.60 2.72
N ILE A 147 -2.22 38.40 3.07
CA ILE A 147 -2.26 39.30 4.24
C ILE A 147 -1.02 40.19 4.20
N LYS A 148 -1.07 41.29 4.94
CA LYS A 148 0.05 42.24 5.08
C LYS A 148 0.79 41.91 6.38
N ALA A 149 2.12 41.97 6.40
CA ALA A 149 2.93 41.82 7.64
C ALA A 149 2.32 42.76 8.71
N GLY A 150 2.17 42.28 9.95
CA GLY A 150 1.65 43.04 11.10
C GLY A 150 0.14 42.87 11.31
N ASP A 151 -0.59 42.26 10.37
CA ASP A 151 -2.06 42.09 10.46
C ASP A 151 -2.35 40.67 10.96
N SER A 152 -3.61 40.44 11.30
CA SER A 152 -4.13 39.21 11.93
C SER A 152 -5.26 38.63 11.07
N PHE A 153 -5.37 37.29 11.01
CA PHE A 153 -6.48 36.57 10.33
C PHE A 153 -7.70 36.46 11.24
N PRO A 154 -8.87 37.08 10.89
CA PRO A 154 -10.13 36.84 11.60
C PRO A 154 -10.42 35.32 11.61
N ILE A 155 -11.14 34.81 12.59
CA ILE A 155 -11.39 33.33 12.73
C ILE A 155 -12.16 32.80 11.53
N PRO A 156 -13.24 33.46 11.02
CA PRO A 156 -13.95 32.99 9.82
C PRO A 156 -13.08 32.88 8.55
N VAL A 157 -12.14 33.82 8.39
CA VAL A 157 -11.18 33.86 7.24
C VAL A 157 -10.19 32.70 7.38
N ALA A 158 -9.61 32.48 8.57
CA ALA A 158 -8.66 31.37 8.81
C ALA A 158 -9.36 30.04 8.47
N LEU A 159 -10.63 29.87 8.82
CA LEU A 159 -11.38 28.59 8.59
C LEU A 159 -11.65 28.40 7.10
N MET A 160 -11.96 29.52 6.41
CA MET A 160 -12.35 29.54 4.97
C MET A 160 -11.15 29.07 4.15
N ILE A 161 -9.94 29.57 4.44
CA ILE A 161 -8.68 29.26 3.69
C ILE A 161 -7.68 28.47 4.57
N ASN A 162 -8.17 27.50 5.36
CA ASN A 162 -7.36 26.83 6.41
C ASN A 162 -6.19 26.08 5.75
N HIS A 163 -6.31 25.67 4.50
CA HIS A 163 -5.22 25.01 3.73
C HIS A 163 -3.93 25.86 3.67
N ILE A 164 -3.98 27.19 3.73
CA ILE A 164 -2.73 28.00 3.63
C ILE A 164 -1.82 27.67 4.84
N PHE A 165 -2.40 27.46 6.04
CA PHE A 165 -1.63 27.14 7.27
C PHE A 165 -1.05 25.72 7.15
N PHE A 166 -1.79 24.83 6.53
CA PHE A 166 -1.35 23.42 6.36
C PHE A 166 -0.14 23.39 5.40
N HIS A 167 -0.30 23.87 4.17
CA HIS A 167 0.79 23.96 3.17
C HIS A 167 1.98 24.81 3.69
N GLY A 168 1.70 26.00 4.22
CA GLY A 168 2.72 27.01 4.51
C GLY A 168 3.38 26.83 5.86
N GLY A 169 2.70 26.14 6.77
CA GLY A 169 3.09 26.08 8.19
C GLY A 169 4.37 25.29 8.33
N ASN A 170 4.26 23.98 8.12
CA ASN A 170 5.43 23.07 8.08
C ASN A 170 5.41 22.37 6.72
N PRO A 171 5.97 22.99 5.68
CA PRO A 171 5.82 22.49 4.31
C PRO A 171 6.26 21.02 4.06
N ASP A 172 7.36 20.54 4.65
CA ASP A 172 7.82 19.12 4.50
C ASP A 172 6.73 18.17 4.97
N TRP A 173 6.08 18.47 6.09
CA TRP A 173 5.02 17.63 6.70
C TRP A 173 3.76 17.65 5.83
N ALA A 174 3.32 18.81 5.38
CA ALA A 174 2.20 18.88 4.41
C ALA A 174 2.59 18.09 3.16
N THR A 175 3.81 18.26 2.70
CA THR A 175 4.26 17.61 1.46
C THR A 175 4.05 16.11 1.66
N ALA A 176 4.46 15.54 2.80
CA ALA A 176 4.34 14.09 3.04
C ALA A 176 2.85 13.72 3.08
N LEU A 177 1.98 14.48 3.77
CA LEU A 177 0.59 14.01 3.94
C LEU A 177 -0.08 14.11 2.58
N ILE A 178 0.26 15.11 1.78
CA ILE A 178 -0.45 15.30 0.50
C ILE A 178 0.03 14.29 -0.56
N SER A 179 1.34 14.08 -0.66
CA SER A 179 1.96 13.24 -1.72
C SER A 179 1.53 11.77 -1.59
N LYS A 180 0.99 11.40 -0.44
CA LYS A 180 0.57 10.01 -0.11
C LYS A 180 -0.66 9.64 -0.95
N ASP A 181 -1.47 10.65 -1.34
CA ASP A 181 -2.67 10.44 -2.18
C ASP A 181 -3.02 11.78 -2.84
N VAL A 182 -2.34 12.12 -3.94
CA VAL A 182 -2.60 13.42 -4.63
C VAL A 182 -4.03 13.47 -5.17
N ASN A 183 -4.57 12.33 -5.57
CA ASN A 183 -5.89 12.21 -6.21
C ASN A 183 -6.98 12.58 -5.19
N LEU A 184 -6.85 12.10 -3.95
CA LEU A 184 -7.77 12.49 -2.86
C LEU A 184 -7.67 13.99 -2.62
N TYR A 185 -6.48 14.45 -2.32
CA TYR A 185 -6.24 15.79 -1.76
C TYR A 185 -6.78 16.87 -2.72
N LEU A 186 -6.49 16.77 -4.01
CA LEU A 186 -6.83 17.90 -4.92
C LEU A 186 -8.36 18.07 -4.98
N ARG A 187 -9.10 16.99 -4.72
CA ARG A 187 -10.59 17.09 -4.78
C ARG A 187 -11.14 17.98 -3.65
N ARG A 188 -10.42 18.20 -2.54
CA ARG A 188 -10.78 19.22 -1.50
C ARG A 188 -11.12 20.53 -2.19
N PHE A 189 -10.41 20.79 -3.29
CA PHE A 189 -10.43 22.08 -4.04
C PHE A 189 -11.34 21.94 -5.25
N LEU A 190 -11.18 20.88 -6.05
CA LEU A 190 -11.74 20.75 -7.41
C LEU A 190 -13.21 20.36 -7.38
N THR A 191 -13.71 19.56 -6.43
CA THR A 191 -15.12 19.07 -6.54
C THR A 191 -16.02 19.56 -5.38
N THR A 192 -15.53 20.34 -4.42
CA THR A 192 -16.29 20.68 -3.20
C THR A 192 -17.24 21.86 -3.46
N LEU A 193 -18.32 21.93 -2.68
CA LEU A 193 -19.32 23.02 -2.82
C LEU A 193 -18.81 24.34 -2.24
N ASP A 194 -17.79 24.34 -1.36
CA ASP A 194 -17.30 25.61 -0.75
C ASP A 194 -16.28 26.28 -1.66
N TYR A 195 -15.67 25.56 -2.61
CA TYR A 195 -14.73 26.08 -3.64
C TYR A 195 -15.42 26.29 -4.99
N ASN A 196 -16.55 25.63 -5.27
CA ASN A 196 -17.22 25.61 -6.60
C ASN A 196 -18.73 25.81 -6.47
N TYR A 197 -19.38 26.49 -7.41
CA TYR A 197 -20.87 26.51 -7.42
C TYR A 197 -21.36 25.09 -7.68
N SER A 198 -20.88 24.43 -8.76
CA SER A 198 -21.21 23.03 -9.11
C SER A 198 -20.06 22.10 -8.73
N PRO A 199 -20.34 20.87 -8.23
CA PRO A 199 -19.30 19.89 -7.95
C PRO A 199 -18.84 19.18 -9.22
N ASN A 200 -19.17 19.73 -10.38
CA ASN A 200 -18.99 19.04 -11.67
C ASN A 200 -18.34 19.99 -12.69
N VAL A 201 -17.50 20.92 -12.25
CA VAL A 201 -16.73 21.81 -13.15
C VAL A 201 -15.67 20.99 -13.88
N PHE A 202 -15.18 19.91 -13.27
CA PHE A 202 -14.04 19.13 -13.79
C PHE A 202 -14.50 17.71 -14.07
N SER A 203 -14.22 17.28 -15.30
CA SER A 203 -14.34 15.86 -15.71
C SER A 203 -13.26 15.04 -14.98
N GLU A 204 -13.41 13.73 -14.92
CA GLU A 204 -12.37 12.80 -14.37
C GLU A 204 -11.06 12.97 -15.16
N GLU A 205 -11.12 13.20 -16.48
CA GLU A 205 -9.93 13.46 -17.32
C GLU A 205 -9.21 14.75 -16.84
N ASP A 206 -9.95 15.82 -16.57
CA ASP A 206 -9.37 17.09 -16.14
C ASP A 206 -8.69 16.90 -14.78
N ILE A 207 -9.33 16.26 -13.82
CA ILE A 207 -8.72 16.06 -12.48
C ILE A 207 -7.44 15.19 -12.63
N ALA A 208 -7.48 14.17 -13.48
CA ALA A 208 -6.31 13.28 -13.75
C ALA A 208 -5.14 14.11 -14.29
N GLU A 209 -5.43 15.16 -15.07
CA GLU A 209 -4.36 16.02 -15.61
C GLU A 209 -3.70 16.77 -14.46
N TYR A 210 -4.49 17.36 -13.57
CA TYR A 210 -3.94 18.04 -12.38
C TYR A 210 -3.27 17.04 -11.44
N VAL A 211 -3.76 15.82 -11.34
CA VAL A 211 -3.12 14.82 -10.44
C VAL A 211 -1.78 14.47 -11.08
N ARG A 212 -1.73 14.38 -12.43
CA ARG A 212 -0.49 14.02 -13.17
C ARG A 212 0.62 15.03 -12.84
N VAL A 213 0.38 16.32 -13.06
CA VAL A 213 1.40 17.36 -12.88
C VAL A 213 1.77 17.48 -11.39
N ASN A 214 0.81 17.36 -10.47
CA ASN A 214 1.10 17.53 -9.04
C ASN A 214 1.66 16.20 -8.49
N SER A 215 1.65 15.09 -9.25
CA SER A 215 2.35 13.83 -8.85
C SER A 215 3.81 13.84 -9.32
N LEU A 216 4.22 14.80 -10.15
CA LEU A 216 5.63 14.94 -10.60
C LEU A 216 6.40 15.33 -9.37
N PRO A 217 7.46 14.56 -9.04
CA PRO A 217 8.31 14.88 -7.89
C PRO A 217 8.78 16.33 -7.93
N GLY A 218 8.68 17.02 -6.79
CA GLY A 218 8.92 18.46 -6.68
C GLY A 218 7.66 19.30 -6.76
N SER A 219 6.55 18.86 -7.34
CA SER A 219 5.39 19.77 -7.57
C SER A 219 4.74 20.07 -6.22
N ILE A 220 4.56 19.04 -5.36
CA ILE A 220 3.86 19.28 -4.06
C ILE A 220 4.82 20.08 -3.16
N ARG A 221 6.10 19.73 -3.15
CA ARG A 221 7.13 20.55 -2.44
C ARG A 221 7.05 22.02 -2.90
N SER A 222 7.01 22.25 -4.19
CA SER A 222 7.08 23.60 -4.79
C SER A 222 5.81 24.34 -4.41
N GLY A 223 4.68 23.67 -4.53
CA GLY A 223 3.38 24.27 -4.21
C GLY A 223 3.32 24.69 -2.75
N CYS A 224 3.84 23.85 -1.85
CA CYS A 224 3.85 24.19 -0.43
C CYS A 224 4.72 25.43 -0.25
N GLN A 225 5.81 25.55 -1.00
CA GLN A 225 6.67 26.74 -0.89
C GLN A 225 5.88 27.97 -1.39
N TRP A 226 4.96 27.84 -2.33
CA TRP A 226 4.22 29.05 -2.76
C TRP A 226 3.53 29.60 -1.51
N TYR A 227 3.02 28.72 -0.65
CA TYR A 227 2.23 29.12 0.54
C TYR A 227 3.14 29.56 1.68
N ALA A 228 4.28 28.87 1.87
CA ALA A 228 5.27 29.18 2.92
C ALA A 228 5.72 30.63 2.76
N THR A 229 6.16 30.98 1.57
CA THR A 229 6.57 32.34 1.15
C THR A 229 5.36 33.29 1.21
N GLY A 230 4.18 32.76 0.89
CA GLY A 230 2.88 33.46 0.90
C GLY A 230 2.60 34.02 2.27
N LEU A 231 3.07 33.32 3.32
CA LEU A 231 2.83 33.72 4.74
C LEU A 231 4.06 34.36 5.38
N ARG A 232 5.14 34.66 4.62
CA ARG A 232 6.41 35.22 5.15
C ARG A 232 6.89 36.34 4.23
N GLU A 233 7.91 36.14 3.39
CA GLU A 233 8.47 37.13 2.43
CA GLU A 233 8.47 37.22 2.53
C GLU A 233 7.34 37.92 1.77
N ASP A 234 6.35 37.24 1.20
CA ASP A 234 5.28 37.94 0.45
C ASP A 234 4.52 38.97 1.32
N THR A 235 4.46 38.78 2.64
CA THR A 235 3.62 39.62 3.53
C THR A 235 4.35 40.95 3.71
N GLU A 236 5.68 40.86 3.81
CA GLU A 236 6.63 41.99 3.93
C GLU A 236 6.68 42.72 2.59
N ASN A 237 6.71 42.01 1.46
CA ASN A 237 6.79 42.67 0.12
C ASN A 237 5.51 43.51 -0.12
N LEU A 238 4.34 42.94 0.21
CA LEU A 238 3.02 43.60 0.11
C LEU A 238 3.01 44.86 0.98
N ALA A 239 3.57 44.84 2.18
CA ALA A 239 3.51 46.02 3.08
C ALA A 239 4.33 47.15 2.46
N LYS A 240 5.37 46.84 1.69
CA LYS A 240 6.37 47.82 1.16
C LYS A 240 5.95 48.32 -0.22
N ALA A 241 5.02 47.62 -0.86
CA ALA A 241 4.47 47.89 -2.21
C ALA A 241 3.41 48.98 -2.10
N THR A 242 3.85 50.22 -1.90
CA THR A 242 2.99 51.38 -1.54
C THR A 242 2.69 52.26 -2.77
N ASP A 243 3.29 51.93 -3.91
CA ASP A 243 3.10 52.65 -5.19
C ASP A 243 1.91 52.00 -5.94
N LYS A 244 0.75 52.60 -5.89
CA LYS A 244 -0.45 52.07 -6.59
C LYS A 244 -0.20 51.97 -8.09
N LEU A 245 -0.68 50.91 -8.72
CA LEU A 245 -0.65 50.77 -10.20
C LEU A 245 -1.47 51.93 -10.82
N THR A 246 -1.04 52.43 -11.99
CA THR A 246 -1.73 53.51 -12.73
C THR A 246 -2.57 52.91 -13.88
N ILE A 247 -2.20 51.72 -14.34
CA ILE A 247 -2.81 50.98 -15.49
C ILE A 247 -4.21 50.50 -15.16
N PRO A 248 -5.06 50.31 -16.19
CA PRO A 248 -6.38 49.76 -15.96
C PRO A 248 -6.26 48.35 -15.36
N VAL A 249 -7.05 48.14 -14.30
CA VAL A 249 -7.22 46.84 -13.61
C VAL A 249 -8.69 46.47 -13.63
N ILE A 250 -9.01 45.23 -14.00
CA ILE A 250 -10.33 44.65 -13.64
C ILE A 250 -10.10 43.46 -12.73
N ALA A 251 -10.97 43.33 -11.73
CA ALA A 251 -10.88 42.23 -10.72
C ALA A 251 -12.24 41.60 -10.50
N TRP A 252 -12.40 40.33 -10.87
CA TRP A 252 -13.70 39.61 -10.79
C TRP A 252 -13.49 38.38 -9.91
N GLY A 253 -14.32 38.24 -8.87
CA GLY A 253 -14.28 37.03 -8.02
C GLY A 253 -15.54 36.22 -8.25
N GLY A 254 -15.56 34.96 -7.82
CA GLY A 254 -16.79 34.15 -7.85
C GLY A 254 -17.69 34.48 -6.66
N SER A 255 -19.00 34.53 -6.92
CA SER A 255 -20.11 34.71 -5.95
C SER A 255 -19.91 33.73 -4.81
N HIS A 256 -19.45 32.51 -5.12
CA HIS A 256 -19.32 31.42 -4.14
C HIS A 256 -17.86 31.29 -3.68
N PHE A 257 -16.98 32.25 -3.93
CA PHE A 257 -15.66 32.29 -3.23
C PHE A 257 -15.33 33.73 -2.85
N LEU A 258 -14.42 34.48 -3.50
CA LEU A 258 -14.00 35.77 -2.90
C LEU A 258 -15.04 36.86 -3.12
N GLY A 259 -15.85 36.76 -4.18
CA GLY A 259 -16.96 37.69 -4.46
C GLY A 259 -16.44 38.99 -5.03
N ASP A 260 -16.90 40.09 -4.47
CA ASP A 260 -16.57 41.44 -5.01
C ASP A 260 -15.18 41.82 -4.51
N ILE A 261 -14.13 41.61 -5.31
CA ILE A 261 -12.70 41.84 -4.91
C ILE A 261 -12.20 43.22 -5.36
N ARG A 262 -13.08 44.11 -5.78
CA ARG A 262 -12.68 45.48 -6.16
C ARG A 262 -12.03 46.19 -4.99
N PRO A 263 -12.59 46.26 -3.76
CA PRO A 263 -11.96 47.02 -2.69
C PRO A 263 -10.50 46.55 -2.46
N ALA A 264 -10.26 45.25 -2.43
CA ALA A 264 -8.89 44.69 -2.19
C ALA A 264 -7.97 45.26 -3.25
N TRP A 265 -8.44 45.35 -4.50
CA TRP A 265 -7.54 45.79 -5.60
C TRP A 265 -7.43 47.32 -5.59
N GLN A 266 -8.40 48.03 -5.03
CA GLN A 266 -8.43 49.53 -4.91
C GLN A 266 -7.32 50.01 -3.97
N GLU A 267 -6.86 49.16 -3.06
CA GLU A 267 -5.71 49.49 -2.17
C GLU A 267 -4.40 49.58 -2.95
N VAL A 268 -4.21 48.80 -4.01
CA VAL A 268 -2.90 48.70 -4.71
C VAL A 268 -2.99 49.26 -6.15
N ALA A 269 -4.13 49.81 -6.54
CA ALA A 269 -4.38 50.29 -7.94
C ALA A 269 -5.42 51.40 -7.94
N GLU A 270 -5.21 52.42 -8.77
CA GLU A 270 -5.92 53.72 -8.84
C GLU A 270 -7.18 53.57 -9.69
N ASN A 271 -7.16 52.73 -10.73
CA ASN A 271 -8.25 52.51 -11.72
C ASN A 271 -8.65 51.03 -11.74
N VAL A 272 -9.67 50.66 -10.97
CA VAL A 272 -10.11 49.26 -10.71
C VAL A 272 -11.59 49.12 -11.00
N GLU A 273 -11.99 48.12 -11.76
CA GLU A 273 -13.41 47.78 -12.03
C GLU A 273 -13.54 46.27 -11.86
N GLY A 274 -14.78 45.78 -11.81
CA GLY A 274 -15.11 44.35 -11.77
C GLY A 274 -16.31 44.10 -10.89
N GLY A 275 -16.19 43.09 -10.04
CA GLY A 275 -17.34 42.60 -9.24
C GLY A 275 -17.27 41.10 -8.99
N ALA A 276 -18.44 40.51 -8.86
CA ALA A 276 -18.72 39.09 -8.57
C ALA A 276 -19.39 38.44 -9.77
N VAL A 277 -18.95 37.21 -10.09
CA VAL A 277 -19.53 36.42 -11.21
C VAL A 277 -20.62 35.55 -10.62
N GLU A 278 -21.85 35.61 -11.12
CA GLU A 278 -23.05 34.93 -10.53
C GLU A 278 -22.85 33.41 -10.58
N ASN A 279 -23.17 32.74 -9.49
CA ASN A 279 -23.20 31.25 -9.34
C ASN A 279 -21.90 30.68 -9.83
N CYS A 280 -20.84 31.30 -9.38
CA CYS A 280 -19.46 30.95 -9.77
C CYS A 280 -18.63 30.82 -8.50
N GLY A 281 -17.91 29.72 -8.42
CA GLY A 281 -16.86 29.50 -7.42
C GLY A 281 -15.53 30.12 -7.80
N HIS A 282 -14.50 29.54 -7.22
CA HIS A 282 -13.10 30.02 -7.26
C HIS A 282 -12.49 29.85 -8.66
N PHE A 283 -12.88 28.77 -9.33
CA PHE A 283 -12.19 28.34 -10.58
C PHE A 283 -12.90 28.99 -11.74
N VAL A 284 -12.84 30.33 -11.82
CA VAL A 284 -13.67 31.08 -12.80
C VAL A 284 -13.33 30.63 -14.22
N PRO A 285 -12.04 30.54 -14.65
CA PRO A 285 -11.74 30.15 -16.03
C PRO A 285 -12.40 28.84 -16.49
N GLU A 286 -12.61 27.90 -15.58
CA GLU A 286 -13.14 26.56 -15.94
C GLU A 286 -14.65 26.54 -15.68
N GLU A 287 -15.15 27.24 -14.66
CA GLU A 287 -16.59 27.19 -14.31
C GLU A 287 -17.37 28.21 -15.13
N LYS A 288 -16.77 29.31 -15.51
CA LYS A 288 -17.47 30.31 -16.37
C LYS A 288 -16.53 30.80 -17.46
N PRO A 289 -16.01 29.90 -18.33
CA PRO A 289 -15.09 30.31 -19.40
C PRO A 289 -15.66 31.42 -20.30
N GLN A 290 -16.89 31.33 -20.71
CA GLN A 290 -17.52 32.33 -21.59
C GLN A 290 -17.47 33.72 -20.91
N PHE A 291 -17.62 33.78 -19.57
CA PHE A 291 -17.52 35.05 -18.82
C PHE A 291 -16.09 35.60 -18.92
N VAL A 292 -15.08 34.76 -18.74
CA VAL A 292 -13.69 35.25 -18.81
C VAL A 292 -13.39 35.70 -20.25
N ILE A 293 -13.85 34.93 -21.23
CA ILE A 293 -13.59 35.23 -22.66
C ILE A 293 -14.19 36.60 -22.97
N ASP A 294 -15.49 36.79 -22.74
CA ASP A 294 -16.20 38.04 -23.15
C ASP A 294 -15.55 39.25 -22.45
N THR A 295 -15.22 39.10 -21.17
CA THR A 295 -14.63 40.16 -20.31
C THR A 295 -13.22 40.49 -20.85
N ALA A 296 -12.36 39.48 -21.06
CA ALA A 296 -11.01 39.76 -21.62
C ALA A 296 -11.10 40.48 -22.98
N LEU A 297 -11.86 39.97 -23.95
CA LEU A 297 -11.88 40.56 -25.32
C LEU A 297 -12.27 42.04 -25.26
N LYS A 298 -13.17 42.44 -24.34
CA LYS A 298 -13.68 43.83 -24.29
C LYS A 298 -12.61 44.68 -23.58
N PHE A 299 -12.02 44.12 -22.53
CA PHE A 299 -11.07 44.87 -21.67
C PHE A 299 -9.76 45.10 -22.42
N PHE A 300 -9.29 44.10 -23.19
CA PHE A 300 -7.99 44.15 -23.90
C PHE A 300 -8.16 44.69 -25.33
N ALA A 301 -9.40 44.93 -25.77
CA ALA A 301 -9.70 45.45 -27.12
C ALA A 301 -8.85 46.68 -27.45
N PRO A 302 -8.68 47.67 -26.55
CA PRO A 302 -7.96 48.88 -26.96
C PRO A 302 -6.48 48.61 -27.25
N LEU A 303 -5.93 47.47 -26.85
CA LEU A 303 -4.49 47.11 -27.11
C LEU A 303 -4.29 46.51 -28.51
N ARG A 304 -5.34 46.04 -29.18
CA ARG A 304 -5.23 45.35 -30.51
C ARG A 304 -4.85 46.33 -31.63
N GLU B 22 0.11 1.45 42.60
CA GLU B 22 -0.31 0.54 41.49
C GLU B 22 -1.57 1.09 40.81
N ILE B 23 -1.53 1.10 39.46
CA ILE B 23 -2.59 1.66 38.58
C ILE B 23 -3.57 0.53 38.25
N THR B 24 -4.88 0.76 38.45
CA THR B 24 -5.96 -0.20 38.08
C THR B 24 -6.79 0.39 36.93
N HIS B 25 -7.13 -0.45 35.94
CA HIS B 25 -7.91 -0.04 34.74
C HIS B 25 -9.39 -0.22 35.06
N HIS B 26 -10.21 0.74 34.68
CA HIS B 26 -11.65 0.74 35.03
C HIS B 26 -12.45 1.29 33.86
N GLN B 27 -13.75 0.97 33.79
CA GLN B 27 -14.67 1.63 32.82
C GLN B 27 -15.93 2.07 33.56
N ALA B 28 -16.60 3.10 33.08
CA ALA B 28 -17.94 3.49 33.58
C ALA B 28 -18.76 4.05 32.44
N MET B 29 -20.07 3.83 32.53
CA MET B 29 -21.06 4.32 31.54
C MET B 29 -21.28 5.82 31.86
N ILE B 30 -20.72 6.71 31.04
CA ILE B 30 -20.74 8.19 31.28
C ILE B 30 -21.42 8.86 30.10
N ASN B 31 -22.53 9.57 30.34
CA ASN B 31 -23.22 10.45 29.38
C ASN B 31 -23.44 9.66 28.09
N GLY B 32 -23.71 8.35 28.22
CA GLY B 32 -24.16 7.50 27.12
C GLY B 32 -23.04 6.74 26.43
N TYR B 33 -21.76 6.97 26.78
CA TYR B 33 -20.63 6.11 26.36
C TYR B 33 -19.82 5.47 27.51
N ARG B 34 -19.07 4.43 27.15
CA ARG B 34 -18.08 3.79 28.06
C ARG B 34 -16.85 4.67 28.14
N MET B 35 -16.53 5.16 29.34
CA MET B 35 -15.31 5.95 29.60
C MET B 35 -14.32 5.02 30.29
N HIS B 36 -13.15 4.85 29.68
CA HIS B 36 -11.96 4.22 30.31
C HIS B 36 -11.36 5.24 31.26
N TYR B 37 -11.00 4.80 32.46
CA TYR B 37 -10.21 5.59 33.45
C TYR B 37 -9.35 4.64 34.27
N VAL B 38 -8.23 5.15 34.80
CA VAL B 38 -7.32 4.44 35.75
C VAL B 38 -7.36 5.16 37.10
N THR B 39 -7.17 4.41 38.16
CA THR B 39 -7.10 4.90 39.55
C THR B 39 -5.91 4.26 40.24
N ALA B 40 -5.35 4.99 41.20
CA ALA B 40 -4.26 4.52 42.09
C ALA B 40 -4.26 5.34 43.37
N GLY B 41 -3.87 4.73 44.48
CA GLY B 41 -3.63 5.46 45.73
C GLY B 41 -4.89 5.59 46.57
N SER B 42 -4.84 6.44 47.59
CA SER B 42 -6.02 6.69 48.48
C SER B 42 -5.86 8.05 49.17
N GLY B 43 -6.90 8.48 49.86
CA GLY B 43 -7.00 9.86 50.40
C GLY B 43 -7.70 10.74 49.40
N TYR B 44 -7.46 12.05 49.48
CA TYR B 44 -8.15 13.10 48.68
C TYR B 44 -8.00 12.82 47.19
N PRO B 45 -9.11 12.95 46.40
CA PRO B 45 -9.07 12.71 44.95
C PRO B 45 -8.43 13.82 44.10
N LEU B 46 -7.46 13.44 43.26
CA LEU B 46 -6.90 14.29 42.17
C LEU B 46 -7.28 13.70 40.81
N VAL B 47 -7.83 14.57 39.96
CA VAL B 47 -8.18 14.26 38.57
C VAL B 47 -7.10 14.84 37.65
N LEU B 48 -6.48 13.96 36.84
CA LEU B 48 -5.47 14.33 35.83
C LEU B 48 -6.14 14.13 34.47
N LEU B 49 -6.20 15.23 33.71
CA LEU B 49 -6.87 15.37 32.40
C LEU B 49 -5.82 15.58 31.31
N HIS B 50 -5.69 14.59 30.44
CA HIS B 50 -4.73 14.57 29.30
C HIS B 50 -5.22 15.46 28.14
N GLY B 51 -4.34 15.63 27.15
CA GLY B 51 -4.64 16.38 25.91
C GLY B 51 -4.41 15.53 24.67
N TRP B 52 -4.39 16.21 23.52
CA TRP B 52 -4.23 15.63 22.16
C TRP B 52 -2.75 15.61 21.83
N PRO B 53 -2.18 14.54 21.26
CA PRO B 53 -2.88 13.29 20.91
C PRO B 53 -2.66 12.17 21.93
N GLN B 54 -2.99 12.44 23.18
CA GLN B 54 -2.56 11.52 24.27
C GLN B 54 -3.78 10.86 24.92
N SER B 55 -3.68 10.56 26.21
CA SER B 55 -4.49 9.55 26.91
C SER B 55 -4.03 9.66 28.35
N TRP B 56 -4.60 8.86 29.24
CA TRP B 56 -4.15 8.74 30.66
C TRP B 56 -2.64 8.47 30.73
N TYR B 57 -2.11 7.74 29.73
CA TYR B 57 -0.70 7.22 29.67
C TYR B 57 0.31 8.36 29.86
N GLU B 58 -0.05 9.60 29.50
CA GLU B 58 0.88 10.75 29.64
C GLU B 58 1.12 11.02 31.13
N TRP B 59 0.32 10.49 32.04
CA TRP B 59 0.57 10.72 33.49
C TRP B 59 1.23 9.51 34.12
N ARG B 60 1.64 8.54 33.34
CA ARG B 60 2.12 7.23 33.87
C ARG B 60 3.29 7.40 34.84
N ASN B 61 4.14 8.42 34.68
CA ASN B 61 5.37 8.61 35.49
C ASN B 61 5.15 9.66 36.59
N VAL B 62 3.95 10.23 36.69
CA VAL B 62 3.55 11.20 37.75
C VAL B 62 2.63 10.47 38.74
N ILE B 63 1.76 9.58 38.25
CA ILE B 63 0.73 8.95 39.10
C ILE B 63 1.32 8.24 40.32
N PRO B 64 2.32 7.32 40.21
CA PRO B 64 2.80 6.56 41.38
C PRO B 64 3.26 7.47 42.54
N ALA B 65 3.97 8.57 42.25
CA ALA B 65 4.40 9.54 43.29
C ALA B 65 3.16 10.21 43.91
N LEU B 66 2.18 10.67 43.12
CA LEU B 66 0.93 11.29 43.67
C LEU B 66 0.12 10.24 44.44
N ALA B 67 0.12 9.00 43.98
CA ALA B 67 -0.64 7.88 44.55
C ALA B 67 -0.26 7.67 46.01
N GLU B 68 0.92 8.13 46.46
CA GLU B 68 1.40 7.89 47.85
C GLU B 68 0.59 8.74 48.82
N GLN B 69 0.13 9.91 48.39
CA GLN B 69 -0.53 10.92 49.24
C GLN B 69 -1.96 11.19 48.79
N PHE B 70 -2.39 10.74 47.61
CA PHE B 70 -3.68 11.16 46.99
C PHE B 70 -4.37 9.98 46.34
N THR B 71 -5.70 9.99 46.23
CA THR B 71 -6.38 9.14 45.23
C THR B 71 -6.15 9.81 43.89
N VAL B 72 -5.70 9.05 42.87
CA VAL B 72 -5.44 9.62 41.51
C VAL B 72 -6.41 8.97 40.52
N ILE B 73 -7.12 9.82 39.76
CA ILE B 73 -8.12 9.40 38.75
C ILE B 73 -7.72 10.05 37.42
N ALA B 74 -7.35 9.24 36.43
CA ALA B 74 -6.95 9.73 35.10
C ALA B 74 -7.80 9.04 34.05
N PRO B 75 -8.84 9.72 33.52
CA PRO B 75 -9.67 9.16 32.47
C PRO B 75 -9.14 9.43 31.03
N ASP B 76 -9.49 8.56 30.09
CA ASP B 76 -9.38 8.85 28.62
C ASP B 76 -10.61 9.69 28.29
N LEU B 77 -10.44 10.98 28.02
CA LEU B 77 -11.53 11.94 27.69
C LEU B 77 -12.24 11.48 26.41
N ARG B 78 -13.40 12.09 26.17
CA ARG B 78 -14.35 11.70 25.08
C ARG B 78 -13.63 11.44 23.75
N GLY B 79 -13.77 10.21 23.24
CA GLY B 79 -13.32 9.86 21.89
C GLY B 79 -11.85 9.47 21.79
N LEU B 80 -11.01 9.79 22.78
CA LEU B 80 -9.53 9.54 22.68
C LEU B 80 -9.14 8.33 23.53
N GLY B 81 -7.85 7.98 23.54
CA GLY B 81 -7.36 6.77 24.22
C GLY B 81 -8.30 5.61 23.96
N ASP B 82 -8.58 4.76 24.95
CA ASP B 82 -9.45 3.56 24.80
C ASP B 82 -10.93 3.86 25.13
N SER B 83 -11.28 5.10 25.47
CA SER B 83 -12.68 5.50 25.69
C SER B 83 -13.50 5.31 24.40
N GLU B 84 -14.83 5.17 24.54
CA GLU B 84 -15.75 5.08 23.40
C GLU B 84 -15.80 6.47 22.76
N LYS B 85 -16.35 6.54 21.52
CA LYS B 85 -16.11 7.62 20.54
C LYS B 85 -17.44 8.04 19.96
N PRO B 86 -18.21 8.84 20.72
CA PRO B 86 -19.46 9.39 20.25
C PRO B 86 -19.17 10.23 19.00
N MET B 87 -20.21 10.72 18.32
CA MET B 87 -20.09 11.57 17.11
C MET B 87 -20.17 13.05 17.48
N THR B 88 -20.66 13.39 18.67
CA THR B 88 -20.82 14.79 19.13
C THR B 88 -20.41 14.96 20.59
N GLY B 89 -20.45 16.22 21.03
CA GLY B 89 -20.21 16.61 22.42
C GLY B 89 -18.74 16.79 22.68
N PHE B 90 -18.01 17.33 21.70
CA PHE B 90 -16.54 17.52 21.75
C PHE B 90 -16.20 18.96 22.11
N ASP B 91 -17.19 19.84 22.26
CA ASP B 91 -16.91 21.18 22.82
C ASP B 91 -16.47 20.93 24.26
N LYS B 92 -15.63 21.81 24.83
CA LYS B 92 -14.88 21.45 26.06
C LYS B 92 -15.81 21.52 27.26
N ARG B 93 -16.83 22.38 27.23
CA ARG B 93 -17.90 22.40 28.25
C ARG B 93 -18.52 20.99 28.33
N THR B 94 -18.92 20.39 27.21
CA THR B 94 -19.60 19.07 27.22
C THR B 94 -18.64 17.97 27.71
N MET B 95 -17.35 18.07 27.42
CA MET B 95 -16.35 17.08 27.88
CA MET B 95 -16.37 17.07 27.90
C MET B 95 -16.14 17.26 29.39
N ALA B 96 -16.28 18.48 29.91
CA ALA B 96 -16.31 18.74 31.38
C ALA B 96 -17.49 18.05 32.06
N THR B 97 -18.66 18.00 31.45
CA THR B 97 -19.82 17.32 32.09
C THR B 97 -19.46 15.84 32.28
N ASP B 98 -18.71 15.22 31.35
CA ASP B 98 -18.24 13.81 31.42
C ASP B 98 -17.44 13.60 32.70
N VAL B 99 -16.54 14.54 33.00
CA VAL B 99 -15.62 14.52 34.19
C VAL B 99 -16.47 14.71 35.44
N ARG B 100 -17.45 15.61 35.39
CA ARG B 100 -18.41 15.80 36.52
C ARG B 100 -19.09 14.47 36.78
N GLU B 101 -19.62 13.84 35.75
CA GLU B 101 -20.36 12.56 35.89
C GLU B 101 -19.41 11.48 36.41
N LEU B 102 -18.14 11.50 36.01
CA LEU B 102 -17.17 10.45 36.42
C LEU B 102 -16.99 10.57 37.92
N VAL B 103 -16.65 11.80 38.33
CA VAL B 103 -16.29 12.21 39.71
C VAL B 103 -17.47 11.91 40.65
N SER B 104 -18.70 12.28 40.26
CA SER B 104 -19.96 11.89 40.93
C SER B 104 -20.16 10.37 40.98
N HIS B 105 -19.98 9.64 39.88
CA HIS B 105 -20.02 8.14 39.85
C HIS B 105 -19.09 7.53 40.91
N LEU B 106 -17.95 8.16 41.16
CA LEU B 106 -16.90 7.60 42.05
C LEU B 106 -17.16 7.97 43.53
N GLY B 107 -18.19 8.78 43.83
CA GLY B 107 -18.61 9.11 45.22
C GLY B 107 -18.05 10.41 45.81
N TYR B 108 -17.28 11.23 45.06
CA TYR B 108 -16.51 12.42 45.55
C TYR B 108 -17.30 13.73 45.27
N ASP B 109 -17.33 14.68 46.23
CA ASP B 109 -18.04 15.98 46.08
C ASP B 109 -17.03 17.15 46.15
N LYS B 110 -15.74 16.81 46.33
CA LYS B 110 -14.57 17.74 46.30
C LYS B 110 -13.42 17.05 45.55
N VAL B 111 -12.77 17.77 44.61
CA VAL B 111 -11.60 17.27 43.84
C VAL B 111 -10.62 18.41 43.55
N GLY B 112 -9.34 18.01 43.49
CA GLY B 112 -8.25 18.72 42.81
C GLY B 112 -8.12 18.25 41.35
N VAL B 113 -7.76 19.18 40.45
CA VAL B 113 -7.67 18.86 39.01
C VAL B 113 -6.34 19.33 38.42
N ILE B 114 -5.74 18.49 37.57
CA ILE B 114 -4.54 18.84 36.76
C ILE B 114 -4.95 18.64 35.31
N GLY B 115 -4.65 19.62 34.48
CA GLY B 115 -5.03 19.67 33.06
C GLY B 115 -3.86 20.07 32.18
N HIS B 116 -3.50 19.20 31.23
CA HIS B 116 -2.44 19.43 30.22
C HIS B 116 -3.06 19.58 28.82
N ASP B 117 -2.52 20.52 28.04
CA ASP B 117 -3.00 20.75 26.66
C ASP B 117 -4.51 20.93 26.73
N TRP B 118 -5.29 20.25 25.90
CA TRP B 118 -6.78 20.42 25.86
C TRP B 118 -7.41 19.96 27.19
N GLY B 119 -6.81 19.01 27.89
CA GLY B 119 -7.15 18.67 29.28
C GLY B 119 -7.16 19.92 30.17
N GLY B 120 -6.33 20.90 29.87
CA GLY B 120 -6.35 22.18 30.61
C GLY B 120 -7.63 22.96 30.33
N SER B 121 -8.11 22.94 29.09
CA SER B 121 -9.29 23.74 28.66
C SER B 121 -10.54 23.11 29.26
N VAL B 122 -10.59 21.78 29.24
CA VAL B 122 -11.68 20.97 29.84
C VAL B 122 -11.69 21.25 31.35
N ALA B 123 -10.54 21.13 32.01
CA ALA B 123 -10.33 21.51 33.43
C ALA B 123 -11.00 22.87 33.67
N PHE B 124 -10.68 23.82 32.80
CA PHE B 124 -11.13 25.21 32.97
C PHE B 124 -12.66 25.25 33.06
N TYR B 125 -13.35 24.56 32.15
CA TYR B 125 -14.83 24.52 32.10
C TYR B 125 -15.36 23.67 33.26
N PHE B 126 -14.66 22.58 33.60
CA PHE B 126 -14.99 21.71 34.77
C PHE B 126 -15.07 22.58 36.05
N ALA B 127 -14.07 23.41 36.30
CA ALA B 127 -14.03 24.39 37.41
C ALA B 127 -15.10 25.46 37.22
N TYR B 128 -15.17 26.08 36.04
CA TYR B 128 -16.03 27.29 35.78
C TYR B 128 -17.49 26.94 36.09
N ASP B 129 -17.93 25.72 35.78
CA ASP B 129 -19.37 25.29 35.79
C ASP B 129 -19.69 24.53 37.08
N ASN B 130 -18.67 24.17 37.87
CA ASN B 130 -18.83 23.42 39.14
C ASN B 130 -17.98 24.10 40.23
N ARG B 131 -18.46 25.24 40.71
CA ARG B 131 -17.69 26.16 41.59
C ARG B 131 -17.50 25.53 42.98
N ASP B 132 -18.37 24.58 43.36
CA ASP B 132 -18.37 23.96 44.71
C ASP B 132 -17.82 22.52 44.62
N LEU B 133 -17.27 22.13 43.47
CA LEU B 133 -16.68 20.76 43.30
C LEU B 133 -15.16 20.84 43.20
N VAL B 134 -14.61 21.74 42.38
CA VAL B 134 -13.14 21.78 42.14
C VAL B 134 -12.52 22.81 43.09
N GLU B 135 -11.60 22.41 43.96
CA GLU B 135 -11.05 23.31 44.98
C GLU B 135 -9.76 24.00 44.52
N ARG B 136 -8.94 23.31 43.73
CA ARG B 136 -7.64 23.83 43.20
C ARG B 136 -7.43 23.29 41.78
N LEU B 137 -6.76 24.08 40.96
CA LEU B 137 -6.60 23.84 39.50
C LEU B 137 -5.14 24.03 39.13
N PHE B 138 -4.54 23.05 38.46
CA PHE B 138 -3.15 23.07 37.95
C PHE B 138 -3.19 22.91 36.41
N ILE B 139 -2.73 23.94 35.69
CA ILE B 139 -2.70 23.98 34.21
C ILE B 139 -1.25 23.79 33.75
N LEU B 140 -1.06 22.90 32.77
CA LEU B 140 0.26 22.70 32.13
C LEU B 140 0.16 23.03 30.63
N ASP B 141 1.00 23.98 30.22
CA ASP B 141 1.25 24.37 28.82
C ASP B 141 -0.10 24.41 28.08
N MET B 142 -0.98 25.29 28.55
CA MET B 142 -2.24 25.57 27.85
C MET B 142 -2.72 26.96 28.24
N ILE B 143 -3.57 27.54 27.40
CA ILE B 143 -4.34 28.78 27.66
C ILE B 143 -5.81 28.36 27.68
N PRO B 144 -6.68 29.15 28.33
CA PRO B 144 -8.07 28.75 28.57
C PRO B 144 -8.87 28.24 27.35
N GLY B 145 -8.75 28.93 26.24
CA GLY B 145 -9.10 28.39 24.91
C GLY B 145 -8.20 29.01 23.86
N LEU B 146 -8.35 28.60 22.59
CA LEU B 146 -7.43 29.04 21.50
C LEU B 146 -7.61 30.53 21.26
N ILE B 147 -8.81 31.07 21.45
CA ILE B 147 -9.15 32.46 21.03
C ILE B 147 -10.62 32.71 21.41
N LYS B 148 -11.01 33.97 21.66
CA LYS B 148 -12.44 34.30 21.85
C LYS B 148 -13.05 34.63 20.47
N ALA B 149 -14.31 34.27 20.26
CA ALA B 149 -15.13 34.77 19.13
C ALA B 149 -14.98 36.29 19.05
N GLY B 150 -14.70 36.81 17.85
CA GLY B 150 -14.47 38.26 17.62
C GLY B 150 -13.00 38.60 17.45
N ASP B 151 -12.09 37.76 17.97
CA ASP B 151 -10.63 38.07 17.96
C ASP B 151 -10.02 37.41 16.72
N SER B 152 -8.78 37.75 16.43
CA SER B 152 -8.11 37.30 15.20
C SER B 152 -6.68 36.85 15.53
N PHE B 153 -6.11 35.99 14.68
CA PHE B 153 -4.77 35.36 14.90
C PHE B 153 -3.64 36.21 14.30
N PRO B 154 -2.69 36.71 15.12
CA PRO B 154 -1.43 37.21 14.55
C PRO B 154 -0.78 36.08 13.73
N ILE B 155 -0.22 36.45 12.57
CA ILE B 155 0.52 35.57 11.60
C ILE B 155 1.50 34.67 12.35
N PRO B 156 2.48 35.21 13.15
CA PRO B 156 3.40 34.35 13.91
C PRO B 156 2.70 33.25 14.74
N VAL B 157 1.55 33.58 15.34
CA VAL B 157 0.76 32.63 16.19
C VAL B 157 0.15 31.56 15.28
N ALA B 158 -0.53 31.96 14.20
CA ALA B 158 -1.13 31.06 13.18
C ALA B 158 -0.09 30.04 12.63
N LEU B 159 1.14 30.50 12.34
CA LEU B 159 2.30 29.63 11.92
C LEU B 159 2.71 28.72 13.07
N MET B 160 2.86 29.18 14.31
CA MET B 160 3.27 28.35 15.48
C MET B 160 2.33 27.13 15.72
N ILE B 161 1.02 27.34 15.66
CA ILE B 161 0.00 26.26 15.91
C ILE B 161 -0.86 26.04 14.64
N ASN B 162 -0.19 25.98 13.46
CA ASN B 162 -0.82 25.84 12.13
C ASN B 162 -1.68 24.56 12.12
N HIS B 163 -1.33 23.57 12.93
CA HIS B 163 -2.11 22.32 12.99
C HIS B 163 -3.58 22.57 13.41
N ILE B 164 -3.88 23.59 14.23
CA ILE B 164 -5.30 23.72 14.69
C ILE B 164 -6.17 23.89 13.43
N PHE B 165 -5.70 24.63 12.41
CA PHE B 165 -6.56 24.94 11.24
C PHE B 165 -6.69 23.70 10.35
N PHE B 166 -5.70 22.82 10.39
CA PHE B 166 -5.67 21.58 9.60
C PHE B 166 -6.74 20.67 10.21
N HIS B 167 -6.63 20.36 11.50
CA HIS B 167 -7.54 19.46 12.24
C HIS B 167 -8.96 20.05 12.30
N GLY B 168 -9.08 21.35 12.52
CA GLY B 168 -10.39 21.96 12.81
C GLY B 168 -11.05 22.56 11.59
N GLY B 169 -10.27 22.83 10.55
CA GLY B 169 -10.85 23.48 9.35
C GLY B 169 -11.87 22.59 8.71
N ASN B 170 -11.43 21.46 8.17
CA ASN B 170 -12.24 20.45 7.42
C ASN B 170 -11.89 19.08 7.99
N PRO B 171 -12.47 18.74 9.15
CA PRO B 171 -12.01 17.61 9.93
C PRO B 171 -12.01 16.25 9.23
N ASP B 172 -13.01 15.95 8.38
CA ASP B 172 -13.05 14.69 7.58
C ASP B 172 -11.80 14.57 6.70
N TRP B 173 -11.38 15.69 6.11
CA TRP B 173 -10.22 15.72 5.16
C TRP B 173 -8.94 15.50 5.94
N ALA B 174 -8.79 16.22 7.03
CA ALA B 174 -7.69 16.02 8.00
C ALA B 174 -7.67 14.57 8.51
N THR B 175 -8.85 14.01 8.82
CA THR B 175 -9.00 12.64 9.35
C THR B 175 -8.43 11.68 8.29
N ALA B 176 -8.78 11.92 7.02
CA ALA B 176 -8.35 11.03 5.89
C ALA B 176 -6.82 11.05 5.80
N LEU B 177 -6.25 12.26 5.83
CA LEU B 177 -4.81 12.44 5.59
C LEU B 177 -3.97 11.97 6.78
N ILE B 178 -4.42 12.25 7.99
CA ILE B 178 -3.71 11.75 9.20
C ILE B 178 -3.80 10.20 9.24
N SER B 179 -4.98 9.62 9.06
CA SER B 179 -5.22 8.18 9.27
C SER B 179 -4.40 7.34 8.31
N LYS B 180 -3.99 7.82 7.12
CA LYS B 180 -3.15 6.96 6.23
C LYS B 180 -1.81 6.65 6.89
N ASP B 181 -1.35 7.43 7.87
CA ASP B 181 -0.07 7.12 8.54
C ASP B 181 0.02 7.84 9.89
N VAL B 182 -0.55 7.19 10.90
CA VAL B 182 -0.68 7.76 12.26
C VAL B 182 0.70 7.78 12.90
N ASN B 183 1.47 6.69 12.75
CA ASN B 183 2.86 6.60 13.27
C ASN B 183 3.69 7.82 12.79
N LEU B 184 3.58 8.17 11.49
CA LEU B 184 4.25 9.35 10.94
C LEU B 184 3.64 10.61 11.56
N TYR B 185 2.34 10.80 11.49
CA TYR B 185 1.77 12.13 11.82
C TYR B 185 2.01 12.52 13.30
N LEU B 186 1.80 11.61 14.24
CA LEU B 186 2.02 11.89 15.70
C LEU B 186 3.44 12.42 15.96
N ARG B 187 4.42 12.10 15.11
CA ARG B 187 5.84 12.48 15.38
C ARG B 187 6.04 13.96 15.11
N ARG B 188 5.22 14.58 14.27
CA ARG B 188 5.13 16.07 14.18
C ARG B 188 5.14 16.69 15.59
N PHE B 189 4.47 16.09 16.55
CA PHE B 189 4.31 16.62 17.93
C PHE B 189 5.31 15.96 18.87
N LEU B 190 5.56 14.64 18.76
CA LEU B 190 6.26 13.90 19.84
C LEU B 190 7.80 14.00 19.72
N THR B 191 8.40 14.11 18.52
CA THR B 191 9.88 14.17 18.40
C THR B 191 10.45 15.52 17.92
N THR B 192 9.64 16.47 17.45
CA THR B 192 10.18 17.72 16.86
C THR B 192 10.70 18.67 17.95
N LEU B 193 11.69 19.51 17.58
CA LEU B 193 12.34 20.46 18.51
C LEU B 193 11.46 21.69 18.76
N ASP B 194 10.39 21.89 17.99
CA ASP B 194 9.54 23.09 18.15
C ASP B 194 8.46 22.78 19.19
N TYR B 195 8.16 21.50 19.43
CA TYR B 195 7.25 21.06 20.54
C TYR B 195 8.00 20.53 21.77
N ASN B 196 9.31 20.22 21.68
CA ASN B 196 10.06 19.54 22.77
C ASN B 196 11.41 20.20 22.96
N TYR B 197 11.93 20.40 24.17
CA TYR B 197 13.37 20.74 24.33
C TYR B 197 14.18 19.62 23.65
N SER B 198 13.85 18.38 23.97
CA SER B 198 14.59 17.17 23.53
C SER B 198 13.74 16.30 22.61
N PRO B 199 14.36 15.74 21.56
CA PRO B 199 13.64 14.86 20.62
C PRO B 199 13.57 13.41 21.11
N ASN B 200 14.01 13.15 22.33
CA ASN B 200 14.05 11.77 22.87
C ASN B 200 13.24 11.72 24.18
N VAL B 201 12.19 12.54 24.31
CA VAL B 201 11.28 12.50 25.49
C VAL B 201 10.54 11.17 25.49
N PHE B 202 10.29 10.60 24.31
CA PHE B 202 9.45 9.40 24.15
C PHE B 202 10.30 8.26 23.60
N SER B 203 10.36 7.16 24.34
CA SER B 203 10.72 5.82 23.81
C SER B 203 9.84 5.49 22.58
N GLU B 204 10.31 4.58 21.75
CA GLU B 204 9.51 3.96 20.67
C GLU B 204 8.31 3.20 21.27
N GLU B 205 8.47 2.52 22.40
CA GLU B 205 7.34 1.83 23.10
C GLU B 205 6.27 2.90 23.42
N ASP B 206 6.68 4.09 23.84
CA ASP B 206 5.73 5.16 24.23
C ASP B 206 4.99 5.64 22.99
N ILE B 207 5.68 5.91 21.89
CA ILE B 207 5.04 6.50 20.69
C ILE B 207 4.02 5.48 20.21
N ALA B 208 4.44 4.20 20.24
CA ALA B 208 3.63 3.04 19.85
C ALA B 208 2.35 3.01 20.70
N GLU B 209 2.41 3.28 22.01
CA GLU B 209 1.11 3.34 22.75
C GLU B 209 0.23 4.46 22.14
N TYR B 210 0.76 5.64 21.83
CA TYR B 210 -0.08 6.76 21.33
C TYR B 210 -0.59 6.42 19.92
N VAL B 211 0.25 5.76 19.11
CA VAL B 211 -0.14 5.30 17.76
C VAL B 211 -1.30 4.34 17.95
N ARG B 212 -1.20 3.40 18.92
CA ARG B 212 -2.22 2.33 19.16
C ARG B 212 -3.59 2.97 19.39
N VAL B 213 -3.66 3.91 20.32
CA VAL B 213 -4.98 4.47 20.75
C VAL B 213 -5.51 5.39 19.64
N ASN B 214 -4.64 6.11 18.95
CA ASN B 214 -5.01 7.06 17.87
C ASN B 214 -5.30 6.32 16.54
N SER B 215 -4.95 5.04 16.45
CA SER B 215 -5.32 4.16 15.32
C SER B 215 -6.64 3.40 15.59
N LEU B 216 -7.18 3.44 16.80
CA LEU B 216 -8.53 2.89 17.05
C LEU B 216 -9.46 3.69 16.15
N PRO B 217 -10.31 3.04 15.32
CA PRO B 217 -11.31 3.76 14.54
C PRO B 217 -12.11 4.74 15.41
N GLY B 218 -12.05 6.02 15.07
CA GLY B 218 -12.82 7.07 15.75
C GLY B 218 -11.93 8.04 16.48
N SER B 219 -10.72 7.61 16.90
CA SER B 219 -9.82 8.43 17.73
C SER B 219 -9.42 9.65 16.91
N ILE B 220 -9.05 9.49 15.66
CA ILE B 220 -8.60 10.67 14.85
C ILE B 220 -9.82 11.54 14.60
N ARG B 221 -10.93 10.93 14.20
CA ARG B 221 -12.16 11.69 13.90
C ARG B 221 -12.49 12.55 15.13
N SER B 222 -12.44 11.90 16.31
CA SER B 222 -12.79 12.53 17.60
C SER B 222 -11.80 13.68 17.87
N GLY B 223 -10.52 13.43 17.66
CA GLY B 223 -9.46 14.45 17.87
C GLY B 223 -9.72 15.68 17.01
N CYS B 224 -9.99 15.50 15.71
CA CYS B 224 -10.26 16.64 14.81
C CYS B 224 -11.50 17.38 15.33
N GLN B 225 -12.48 16.69 15.94
CA GLN B 225 -13.68 17.36 16.53
C GLN B 225 -13.27 18.26 17.72
N TRP B 226 -12.19 17.90 18.43
CA TRP B 226 -11.67 18.74 19.54
C TRP B 226 -11.31 20.10 18.98
N TYR B 227 -10.46 20.12 17.94
CA TYR B 227 -10.03 21.33 17.20
C TYR B 227 -11.22 22.07 16.52
N ALA B 228 -12.17 21.34 15.91
CA ALA B 228 -13.27 21.98 15.16
C ALA B 228 -14.13 22.82 16.12
N THR B 229 -14.57 22.18 17.20
CA THR B 229 -15.30 22.87 18.30
C THR B 229 -14.38 23.94 18.91
N GLY B 230 -13.08 23.69 19.03
CA GLY B 230 -12.05 24.66 19.49
C GLY B 230 -12.07 25.97 18.72
N LEU B 231 -12.37 25.97 17.41
CA LEU B 231 -12.37 27.17 16.55
C LEU B 231 -13.81 27.67 16.36
N ARG B 232 -14.82 27.00 16.92
CA ARG B 232 -16.26 27.37 16.73
C ARG B 232 -16.92 27.53 18.12
N GLU B 233 -17.69 26.55 18.61
CA GLU B 233 -18.50 26.76 19.85
CA GLU B 233 -18.45 26.56 19.90
C GLU B 233 -17.59 27.17 21.02
N ASP B 234 -16.34 26.69 21.09
CA ASP B 234 -15.43 26.94 22.26
C ASP B 234 -15.16 28.43 22.33
N THR B 235 -15.10 29.07 21.19
CA THR B 235 -14.68 30.49 21.10
C THR B 235 -15.81 31.35 21.68
N GLU B 236 -17.05 30.91 21.49
CA GLU B 236 -18.27 31.59 22.01
C GLU B 236 -18.32 31.38 23.54
N ASN B 237 -17.99 30.19 24.04
CA ASN B 237 -18.13 29.84 25.47
C ASN B 237 -17.07 30.65 26.25
N LEU B 238 -15.87 30.77 25.65
CA LEU B 238 -14.72 31.50 26.26
C LEU B 238 -15.01 33.01 26.25
N ALA B 239 -15.57 33.57 25.17
CA ALA B 239 -16.01 35.00 25.11
C ALA B 239 -17.01 35.35 26.24
N LYS B 240 -17.86 34.41 26.68
CA LYS B 240 -18.89 34.59 27.74
C LYS B 240 -18.35 34.16 29.13
N ALA B 241 -17.18 33.53 29.20
CA ALA B 241 -16.53 33.07 30.45
C ALA B 241 -15.88 34.23 31.25
N THR B 242 -16.67 35.17 31.77
CA THR B 242 -16.19 36.51 32.23
C THR B 242 -16.19 36.61 33.78
N ASP B 243 -16.90 35.68 34.45
CA ASP B 243 -16.94 35.43 35.92
C ASP B 243 -15.68 34.67 36.38
N LYS B 244 -14.65 35.38 36.84
CA LYS B 244 -13.29 34.82 37.13
C LYS B 244 -13.39 33.71 38.18
N LEU B 245 -12.67 32.61 37.96
CA LEU B 245 -12.47 31.57 39.00
C LEU B 245 -12.00 32.27 40.27
N THR B 246 -12.41 31.81 41.44
CA THR B 246 -11.92 32.32 42.76
C THR B 246 -11.00 31.30 43.45
N ILE B 247 -11.13 30.02 43.11
CA ILE B 247 -10.26 28.92 43.66
C ILE B 247 -8.81 29.16 43.25
N PRO B 248 -7.81 28.69 44.05
CA PRO B 248 -6.41 28.69 43.63
C PRO B 248 -6.17 28.03 42.26
N VAL B 249 -5.43 28.74 41.39
CA VAL B 249 -4.94 28.25 40.07
C VAL B 249 -3.42 28.39 40.04
N ILE B 250 -2.73 27.37 39.55
CA ILE B 250 -1.33 27.53 39.06
C ILE B 250 -1.24 27.08 37.60
N ALA B 251 -0.45 27.83 36.83
CA ALA B 251 -0.30 27.68 35.37
C ALA B 251 1.19 27.70 35.03
N TRP B 252 1.67 26.56 34.55
CA TRP B 252 3.09 26.40 34.17
C TRP B 252 3.16 25.90 32.73
N GLY B 253 3.89 26.63 31.88
CA GLY B 253 4.18 26.23 30.50
C GLY B 253 5.65 25.95 30.29
N GLY B 254 6.00 25.14 29.29
CA GLY B 254 7.41 24.90 28.93
C GLY B 254 8.07 26.16 28.37
N SER B 255 9.29 26.47 28.78
CA SER B 255 10.21 27.49 28.19
C SER B 255 10.14 27.43 26.66
N HIS B 256 10.16 26.22 26.08
CA HIS B 256 10.29 25.94 24.63
C HIS B 256 8.92 25.62 24.00
N PHE B 257 7.82 26.01 24.67
CA PHE B 257 6.50 26.18 23.99
C PHE B 257 5.82 27.48 24.50
N LEU B 258 4.77 27.42 25.31
CA LEU B 258 3.96 28.62 25.72
C LEU B 258 4.69 29.43 26.79
N GLY B 259 5.59 28.79 27.54
CA GLY B 259 6.34 29.41 28.65
C GLY B 259 5.40 29.99 29.71
N ASP B 260 5.61 31.26 30.06
CA ASP B 260 4.92 31.92 31.20
C ASP B 260 3.44 32.16 30.84
N ILE B 261 2.56 31.21 31.17
CA ILE B 261 1.10 31.23 30.81
C ILE B 261 0.27 31.94 31.90
N ARG B 262 0.87 32.57 32.91
CA ARG B 262 0.15 33.24 34.02
C ARG B 262 -0.74 34.37 33.49
N PRO B 263 -0.20 35.29 32.65
CA PRO B 263 -0.99 36.39 32.10
C PRO B 263 -2.32 35.93 31.51
N ALA B 264 -2.34 34.78 30.83
CA ALA B 264 -3.54 34.28 30.11
C ALA B 264 -4.61 33.80 31.11
N TRP B 265 -4.22 32.99 32.09
CA TRP B 265 -5.10 32.47 33.17
C TRP B 265 -5.56 33.60 34.09
N GLN B 266 -4.73 34.61 34.32
CA GLN B 266 -5.09 35.79 35.12
C GLN B 266 -6.39 36.40 34.59
N GLU B 267 -6.68 36.25 33.29
CA GLU B 267 -7.90 36.79 32.64
C GLU B 267 -9.15 36.01 33.03
N VAL B 268 -9.04 34.74 33.47
CA VAL B 268 -10.27 33.97 33.86
C VAL B 268 -10.26 33.57 35.33
N ALA B 269 -9.27 34.04 36.10
CA ALA B 269 -8.98 33.54 37.46
C ALA B 269 -8.32 34.63 38.32
N GLU B 270 -8.81 34.80 39.55
CA GLU B 270 -8.37 35.90 40.46
C GLU B 270 -7.04 35.54 41.12
N ASN B 271 -6.78 34.25 41.40
CA ASN B 271 -5.64 33.77 42.22
C ASN B 271 -4.78 32.85 41.35
N VAL B 272 -3.72 33.38 40.74
CA VAL B 272 -2.87 32.72 39.69
C VAL B 272 -1.37 32.86 40.03
N GLU B 273 -0.71 31.72 40.20
CA GLU B 273 0.76 31.57 40.36
C GLU B 273 1.26 30.66 39.23
N GLY B 274 2.56 30.69 38.95
CA GLY B 274 3.22 29.74 38.04
C GLY B 274 4.34 30.37 37.25
N GLY B 275 4.34 30.18 35.94
CA GLY B 275 5.40 30.66 35.03
C GLY B 275 5.85 29.60 34.06
N ALA B 276 7.16 29.46 33.87
CA ALA B 276 7.81 28.72 32.77
C ALA B 276 8.77 27.68 33.33
N VAL B 277 8.73 26.45 32.81
CA VAL B 277 9.68 25.36 33.16
C VAL B 277 10.92 25.49 32.27
N GLU B 278 12.12 25.50 32.86
CA GLU B 278 13.42 25.65 32.16
C GLU B 278 13.67 24.42 31.28
N ASN B 279 14.13 24.65 30.04
CA ASN B 279 14.53 23.60 29.05
C ASN B 279 13.44 22.54 28.94
N CYS B 280 12.19 22.97 28.77
CA CYS B 280 11.03 22.05 28.66
C CYS B 280 10.10 22.48 27.54
N GLY B 281 9.67 21.52 26.72
CA GLY B 281 8.68 21.71 25.65
C GLY B 281 7.25 21.54 26.14
N HIS B 282 6.34 21.24 25.23
CA HIS B 282 4.89 21.25 25.51
C HIS B 282 4.51 20.12 26.47
N PHE B 283 5.19 18.99 26.41
CA PHE B 283 4.76 17.72 27.04
C PHE B 283 5.40 17.60 28.43
N VAL B 284 5.00 18.49 29.33
CA VAL B 284 5.63 18.73 30.66
C VAL B 284 5.52 17.47 31.54
N PRO B 285 4.36 16.79 31.61
CA PRO B 285 4.29 15.54 32.36
C PRO B 285 5.32 14.43 32.03
N GLU B 286 5.84 14.46 30.80
CA GLU B 286 6.73 13.41 30.24
C GLU B 286 8.14 13.93 30.09
N GLU B 287 8.30 15.22 29.80
CA GLU B 287 9.65 15.82 29.65
C GLU B 287 10.18 16.13 31.04
N LYS B 288 9.32 16.61 31.94
CA LYS B 288 9.74 17.00 33.31
C LYS B 288 8.82 16.38 34.36
N PRO B 289 8.77 15.03 34.45
CA PRO B 289 7.87 14.36 35.39
C PRO B 289 8.12 14.86 36.82
N GLN B 290 9.38 15.05 37.20
CA GLN B 290 9.72 15.39 38.61
C GLN B 290 9.17 16.79 38.91
N PHE B 291 9.23 17.72 37.96
CA PHE B 291 8.74 19.11 38.19
C PHE B 291 7.24 19.03 38.52
N VAL B 292 6.49 18.32 37.68
CA VAL B 292 5.02 18.17 37.88
C VAL B 292 4.72 17.50 39.24
N ILE B 293 5.42 16.41 39.60
CA ILE B 293 5.20 15.66 40.87
C ILE B 293 5.35 16.67 42.01
N ASP B 294 6.55 17.27 42.14
CA ASP B 294 6.97 18.28 43.16
C ASP B 294 5.94 19.42 43.23
N THR B 295 5.61 20.06 42.10
CA THR B 295 4.74 21.27 42.09
C THR B 295 3.34 20.92 42.59
N ALA B 296 2.81 19.76 42.19
CA ALA B 296 1.46 19.24 42.52
C ALA B 296 1.36 18.79 43.99
N LEU B 297 2.36 18.09 44.55
CA LEU B 297 2.33 17.66 45.98
C LEU B 297 2.20 18.89 46.86
N LYS B 298 2.98 19.93 46.59
CA LYS B 298 2.99 21.20 47.38
C LYS B 298 1.68 21.95 47.13
N PHE B 299 1.21 22.05 45.87
CA PHE B 299 -0.02 22.81 45.53
C PHE B 299 -1.25 22.19 46.19
N PHE B 300 -1.33 20.85 46.18
CA PHE B 300 -2.53 20.10 46.63
C PHE B 300 -2.46 19.76 48.12
N ALA B 301 -1.36 20.11 48.79
CA ALA B 301 -1.02 19.71 50.19
C ALA B 301 -2.16 20.08 51.15
N PRO B 302 -2.67 21.34 51.10
CA PRO B 302 -3.68 21.80 52.06
C PRO B 302 -5.05 21.09 51.96
N LEU B 303 -5.27 20.25 50.93
CA LEU B 303 -6.54 19.50 50.71
C LEU B 303 -6.54 18.12 51.40
N ARG B 304 -5.38 17.53 51.73
CA ARG B 304 -5.32 16.29 52.55
C ARG B 304 -5.70 16.61 54.00
N THR C 21 -34.90 20.31 -21.03
CA THR C 21 -34.84 19.02 -20.22
C THR C 21 -33.39 18.72 -19.79
N GLU C 22 -32.50 19.71 -19.88
CA GLU C 22 -31.08 19.57 -19.48
C GLU C 22 -30.95 19.84 -17.97
N ILE C 23 -30.20 18.96 -17.34
CA ILE C 23 -29.78 18.95 -15.92
C ILE C 23 -28.78 20.07 -15.65
N THR C 24 -29.08 20.91 -14.66
CA THR C 24 -28.20 21.94 -14.09
C THR C 24 -27.85 21.51 -12.65
N HIS C 25 -26.57 21.63 -12.27
CA HIS C 25 -26.08 21.43 -10.88
C HIS C 25 -26.31 22.71 -10.06
N HIS C 26 -26.72 22.56 -8.83
CA HIS C 26 -27.01 23.71 -7.94
C HIS C 26 -26.57 23.36 -6.53
N GLN C 27 -26.43 24.39 -5.71
CA GLN C 27 -26.31 24.20 -4.25
C GLN C 27 -27.22 25.19 -3.51
N ALA C 28 -27.54 24.85 -2.28
CA ALA C 28 -28.13 25.77 -1.29
C ALA C 28 -27.71 25.35 0.12
N MET C 29 -27.79 26.35 0.99
CA MET C 29 -27.51 26.24 2.44
C MET C 29 -28.80 25.70 3.08
N ILE C 30 -28.75 24.44 3.52
CA ILE C 30 -29.92 23.69 4.07
C ILE C 30 -29.51 23.21 5.47
N ASN C 31 -30.12 23.78 6.51
CA ASN C 31 -29.92 23.34 7.93
C ASN C 31 -28.44 23.30 8.27
N GLY C 32 -27.69 24.37 7.94
CA GLY C 32 -26.28 24.62 8.26
C GLY C 32 -25.23 23.96 7.36
N TYR C 33 -25.60 23.25 6.30
CA TYR C 33 -24.63 22.67 5.33
C TYR C 33 -25.06 22.91 3.87
N ARG C 34 -24.07 22.78 2.98
CA ARG C 34 -24.21 23.01 1.52
C ARG C 34 -24.73 21.71 0.92
N MET C 35 -25.97 21.77 0.47
CA MET C 35 -26.65 20.64 -0.18
C MET C 35 -26.55 20.80 -1.71
N HIS C 36 -25.96 19.81 -2.39
CA HIS C 36 -25.96 19.73 -3.88
C HIS C 36 -27.29 19.14 -4.33
N TYR C 37 -27.87 19.73 -5.36
CA TYR C 37 -29.09 19.21 -6.04
C TYR C 37 -29.02 19.53 -7.53
N VAL C 38 -29.69 18.71 -8.32
CA VAL C 38 -29.90 19.00 -9.76
C VAL C 38 -31.37 19.26 -10.05
N THR C 39 -31.64 20.14 -10.99
CA THR C 39 -32.97 20.42 -11.57
C THR C 39 -32.94 20.26 -13.10
N ALA C 40 -34.11 19.95 -13.61
CA ALA C 40 -34.45 19.77 -15.01
C ALA C 40 -35.95 20.05 -15.14
N GLY C 41 -36.34 20.58 -16.29
CA GLY C 41 -37.73 20.54 -16.78
C GLY C 41 -38.52 21.74 -16.31
N SER C 42 -39.83 21.64 -16.44
CA SER C 42 -40.77 22.69 -15.98
C SER C 42 -42.15 22.09 -15.72
N GLY C 43 -43.00 22.86 -15.02
CA GLY C 43 -44.31 22.43 -14.54
C GLY C 43 -44.20 21.85 -13.14
N TYR C 44 -45.12 20.97 -12.78
CA TYR C 44 -45.35 20.48 -11.41
C TYR C 44 -44.08 19.77 -10.94
N PRO C 45 -43.63 19.98 -9.68
CA PRO C 45 -42.39 19.40 -9.18
C PRO C 45 -42.43 17.99 -8.58
N LEU C 46 -41.48 17.15 -9.02
CA LEU C 46 -41.23 15.80 -8.49
C LEU C 46 -39.83 15.83 -7.90
N VAL C 47 -39.71 15.38 -6.66
CA VAL C 47 -38.48 15.27 -5.84
C VAL C 47 -38.06 13.80 -5.87
N LEU C 48 -36.86 13.53 -6.36
CA LEU C 48 -36.33 12.17 -6.46
C LEU C 48 -35.25 12.05 -5.42
N LEU C 49 -35.44 11.08 -4.53
CA LEU C 49 -34.60 10.83 -3.33
C LEU C 49 -33.90 9.49 -3.54
N HIS C 50 -32.60 9.57 -3.74
CA HIS C 50 -31.70 8.40 -3.86
C HIS C 50 -31.51 7.70 -2.50
N GLY C 51 -30.84 6.54 -2.53
CA GLY C 51 -30.42 5.75 -1.35
C GLY C 51 -28.94 5.44 -1.33
N TRP C 52 -28.56 4.49 -0.48
CA TRP C 52 -27.13 4.10 -0.26
C TRP C 52 -26.75 2.97 -1.23
N PRO C 53 -25.56 2.94 -1.86
CA PRO C 53 -24.51 3.96 -1.77
C PRO C 53 -24.44 4.96 -2.95
N GLN C 54 -25.49 5.73 -3.16
CA GLN C 54 -25.66 6.45 -4.43
C GLN C 54 -25.80 7.95 -4.18
N SER C 55 -26.54 8.60 -5.09
CA SER C 55 -26.56 10.05 -5.31
C SER C 55 -27.63 10.36 -6.33
N TRP C 56 -27.84 11.62 -6.68
CA TRP C 56 -28.82 12.01 -7.71
C TRP C 56 -28.49 11.23 -8.99
N TYR C 57 -27.20 10.93 -9.21
CA TYR C 57 -26.71 10.23 -10.43
C TYR C 57 -27.58 9.01 -10.77
N GLU C 58 -28.14 8.30 -9.78
CA GLU C 58 -28.91 7.07 -10.04
C GLU C 58 -30.22 7.34 -10.77
N TRP C 59 -30.69 8.61 -10.78
CA TRP C 59 -31.85 9.04 -11.61
C TRP C 59 -31.45 9.57 -12.96
N ARG C 60 -30.18 9.59 -13.33
CA ARG C 60 -29.78 10.26 -14.65
C ARG C 60 -30.55 9.72 -15.86
N ASN C 61 -31.02 8.47 -15.86
CA ASN C 61 -31.69 7.91 -17.06
C ASN C 61 -33.20 8.05 -16.91
N VAL C 62 -33.67 8.63 -15.81
CA VAL C 62 -35.13 8.81 -15.57
C VAL C 62 -35.49 10.28 -15.80
N ILE C 63 -34.62 11.19 -15.41
CA ILE C 63 -34.87 12.65 -15.25
C ILE C 63 -35.30 13.22 -16.59
N PRO C 64 -34.61 12.90 -17.71
CA PRO C 64 -34.90 13.57 -18.97
C PRO C 64 -36.35 13.32 -19.42
N ALA C 65 -36.82 12.07 -19.34
CA ALA C 65 -38.20 11.72 -19.72
C ALA C 65 -39.17 12.43 -18.77
N LEU C 66 -38.88 12.54 -17.49
CA LEU C 66 -39.86 13.14 -16.56
C LEU C 66 -39.86 14.64 -16.80
N ALA C 67 -38.69 15.20 -17.12
CA ALA C 67 -38.48 16.66 -17.29
C ALA C 67 -39.26 17.20 -18.52
N GLU C 68 -39.86 16.34 -19.34
CA GLU C 68 -40.66 16.80 -20.50
C GLU C 68 -42.04 17.25 -20.05
N GLN C 69 -42.46 16.87 -18.85
CA GLN C 69 -43.82 17.05 -18.29
C GLN C 69 -43.77 17.57 -16.86
N PHE C 70 -42.62 17.56 -16.19
CA PHE C 70 -42.49 17.95 -14.77
C PHE C 70 -41.22 18.78 -14.61
N THR C 71 -41.19 19.62 -13.58
CA THR C 71 -39.95 20.08 -12.94
C THR C 71 -39.40 18.89 -12.13
N VAL C 72 -38.11 18.59 -12.26
CA VAL C 72 -37.48 17.43 -11.57
C VAL C 72 -36.42 18.01 -10.66
N ILE C 73 -36.44 17.62 -9.40
CA ILE C 73 -35.49 18.05 -8.34
C ILE C 73 -34.92 16.78 -7.69
N ALA C 74 -33.60 16.66 -7.68
CA ALA C 74 -32.89 15.44 -7.23
C ALA C 74 -31.71 15.86 -6.40
N PRO C 75 -31.86 15.92 -5.08
CA PRO C 75 -30.75 16.30 -4.22
C PRO C 75 -29.85 15.10 -3.87
N ASP C 76 -28.62 15.43 -3.57
CA ASP C 76 -27.71 14.58 -2.77
C ASP C 76 -28.06 14.77 -1.28
N LEU C 77 -28.74 13.78 -0.67
CA LEU C 77 -29.12 13.74 0.79
C LEU C 77 -27.90 13.87 1.72
N ARG C 78 -28.16 14.34 2.94
CA ARG C 78 -27.15 14.74 3.94
C ARG C 78 -26.02 13.72 4.02
N GLY C 79 -24.77 14.14 3.79
CA GLY C 79 -23.59 13.22 3.92
C GLY C 79 -23.15 12.52 2.63
N LEU C 80 -24.04 12.35 1.63
CA LEU C 80 -23.73 11.50 0.46
C LEU C 80 -23.65 12.35 -0.79
N GLY C 81 -23.22 11.74 -1.90
CA GLY C 81 -22.87 12.48 -3.12
C GLY C 81 -21.86 13.58 -2.85
N ASP C 82 -22.07 14.78 -3.43
CA ASP C 82 -21.22 15.99 -3.36
C ASP C 82 -21.76 16.93 -2.29
N SER C 83 -22.85 16.55 -1.61
CA SER C 83 -23.42 17.34 -0.48
C SER C 83 -22.40 17.38 0.66
N GLU C 84 -22.41 18.45 1.45
CA GLU C 84 -21.51 18.53 2.62
C GLU C 84 -22.00 17.47 3.63
N LYS C 85 -21.27 17.29 4.72
CA LYS C 85 -21.34 16.03 5.49
C LYS C 85 -21.37 16.39 6.94
N PRO C 86 -22.53 16.71 7.54
CA PRO C 86 -22.55 16.96 8.99
C PRO C 86 -22.18 15.68 9.73
N MET C 87 -21.99 15.84 11.05
CA MET C 87 -21.62 14.76 12.01
C MET C 87 -22.85 14.11 12.64
N THR C 88 -24.01 14.77 12.56
CA THR C 88 -25.30 14.35 13.17
C THR C 88 -26.52 14.63 12.26
N GLY C 89 -27.69 14.17 12.66
CA GLY C 89 -28.97 14.41 11.97
C GLY C 89 -29.22 13.43 10.86
N PHE C 90 -28.75 12.17 10.98
CA PHE C 90 -28.84 11.12 9.93
C PHE C 90 -30.09 10.23 10.12
N ASP C 91 -30.82 10.36 11.22
CA ASP C 91 -32.19 9.80 11.34
C ASP C 91 -33.00 10.34 10.15
N LYS C 92 -33.93 9.56 9.65
CA LYS C 92 -34.58 9.86 8.37
C LYS C 92 -35.61 10.97 8.57
N ARG C 93 -36.07 11.20 9.79
CA ARG C 93 -37.03 12.30 10.05
C ARG C 93 -36.23 13.61 9.86
N THR C 94 -34.95 13.67 10.32
CA THR C 94 -34.13 14.90 10.30
C THR C 94 -33.73 15.18 8.85
N MET C 95 -33.37 14.12 8.13
CA MET C 95 -32.98 14.21 6.71
CA MET C 95 -32.98 14.21 6.71
C MET C 95 -34.20 14.63 5.88
N ALA C 96 -35.42 14.25 6.32
CA ALA C 96 -36.66 14.68 5.64
C ALA C 96 -36.80 16.19 5.82
N THR C 97 -36.29 16.76 6.90
CA THR C 97 -36.44 18.22 7.13
C THR C 97 -35.54 18.96 6.12
N ASP C 98 -34.47 18.32 5.65
CA ASP C 98 -33.58 18.93 4.62
C ASP C 98 -34.35 19.04 3.30
N VAL C 99 -35.10 18.00 2.98
CA VAL C 99 -35.89 17.95 1.72
C VAL C 99 -36.96 19.05 1.79
N ARG C 100 -37.62 19.19 2.96
CA ARG C 100 -38.64 20.23 3.20
CA ARG C 100 -38.62 20.24 3.27
C ARG C 100 -38.03 21.62 2.99
N GLU C 101 -36.89 21.92 3.63
CA GLU C 101 -36.18 23.22 3.53
CA GLU C 101 -36.25 23.26 3.52
C GLU C 101 -35.85 23.47 2.06
N LEU C 102 -35.40 22.43 1.35
CA LEU C 102 -35.02 22.54 -0.08
C LEU C 102 -36.24 22.92 -0.91
N VAL C 103 -37.36 22.20 -0.76
CA VAL C 103 -38.58 22.39 -1.55
C VAL C 103 -39.14 23.81 -1.36
N SER C 104 -39.30 24.24 -0.10
CA SER C 104 -39.74 25.59 0.30
C SER C 104 -38.74 26.63 -0.25
N HIS C 105 -37.44 26.32 -0.29
CA HIS C 105 -36.42 27.25 -0.85
C HIS C 105 -36.65 27.46 -2.37
N LEU C 106 -37.01 26.40 -3.09
CA LEU C 106 -37.35 26.47 -4.52
C LEU C 106 -38.74 27.08 -4.78
N GLY C 107 -39.52 27.40 -3.72
CA GLY C 107 -40.82 28.11 -3.86
C GLY C 107 -42.01 27.18 -4.01
N TYR C 108 -41.94 25.93 -3.62
CA TYR C 108 -43.04 24.96 -3.84
C TYR C 108 -43.71 24.60 -2.49
N ASP C 109 -45.04 24.62 -2.45
CA ASP C 109 -45.84 24.14 -1.30
C ASP C 109 -46.59 22.85 -1.62
N LYS C 110 -46.44 22.28 -2.84
CA LYS C 110 -47.02 20.98 -3.24
C LYS C 110 -46.02 20.23 -4.13
N VAL C 111 -45.80 18.95 -3.84
CA VAL C 111 -44.84 18.12 -4.60
C VAL C 111 -45.31 16.68 -4.68
N GLY C 112 -44.84 16.03 -5.75
CA GLY C 112 -44.78 14.56 -5.84
C GLY C 112 -43.39 14.12 -5.47
N VAL C 113 -43.24 12.87 -5.01
CA VAL C 113 -41.97 12.37 -4.43
C VAL C 113 -41.72 10.96 -4.94
N ILE C 114 -40.51 10.67 -5.40
CA ILE C 114 -40.08 9.28 -5.67
C ILE C 114 -38.91 9.02 -4.74
N GLY C 115 -38.89 7.91 -4.03
CA GLY C 115 -37.74 7.60 -3.16
C GLY C 115 -37.30 6.18 -3.34
N HIS C 116 -36.00 5.95 -3.50
CA HIS C 116 -35.46 4.59 -3.70
C HIS C 116 -34.63 4.26 -2.47
N ASP C 117 -34.72 3.04 -1.94
CA ASP C 117 -33.80 2.58 -0.86
C ASP C 117 -33.98 3.59 0.28
N TRP C 118 -32.88 4.09 0.86
CA TRP C 118 -33.04 4.94 2.06
C TRP C 118 -33.87 6.19 1.75
N GLY C 119 -33.79 6.69 0.50
CA GLY C 119 -34.64 7.76 -0.03
C GLY C 119 -36.11 7.49 0.15
N GLY C 120 -36.53 6.24 0.08
CA GLY C 120 -37.93 5.88 0.33
C GLY C 120 -38.33 6.03 1.78
N SER C 121 -37.40 5.86 2.72
CA SER C 121 -37.66 6.03 4.17
C SER C 121 -37.70 7.52 4.48
N VAL C 122 -36.69 8.26 3.99
CA VAL C 122 -36.71 9.73 4.03
C VAL C 122 -38.01 10.22 3.38
N ALA C 123 -38.37 9.70 2.20
CA ALA C 123 -39.63 10.07 1.54
C ALA C 123 -40.83 9.85 2.48
N PHE C 124 -40.84 8.74 3.22
CA PHE C 124 -41.96 8.38 4.13
C PHE C 124 -42.13 9.45 5.23
N TYR C 125 -41.04 9.90 5.83
CA TYR C 125 -41.08 10.85 6.96
C TYR C 125 -41.44 12.23 6.37
N PHE C 126 -40.99 12.48 5.13
CA PHE C 126 -41.20 13.76 4.42
C PHE C 126 -42.69 13.90 4.21
N ALA C 127 -43.39 12.82 3.84
CA ALA C 127 -44.88 12.79 3.66
C ALA C 127 -45.63 12.74 5.00
N TYR C 128 -45.07 12.03 5.97
CA TYR C 128 -45.74 11.78 7.26
C TYR C 128 -45.75 13.08 8.05
N ASP C 129 -44.63 13.82 8.05
CA ASP C 129 -44.41 15.09 8.78
C ASP C 129 -44.92 16.33 7.99
N ASN C 130 -45.34 16.19 6.73
CA ASN C 130 -45.74 17.35 5.90
C ASN C 130 -46.95 16.92 5.02
N ARG C 131 -48.11 16.76 5.63
CA ARG C 131 -49.33 16.29 4.93
C ARG C 131 -49.89 17.45 4.11
N ASP C 132 -49.31 18.64 4.23
CA ASP C 132 -49.75 19.84 3.49
C ASP C 132 -48.99 19.90 2.15
N LEU C 133 -47.93 19.11 2.03
CA LEU C 133 -46.84 19.37 1.07
C LEU C 133 -46.76 18.20 0.09
N VAL C 134 -46.67 16.97 0.58
CA VAL C 134 -46.57 15.80 -0.34
C VAL C 134 -47.94 15.33 -0.78
N GLU C 135 -48.21 15.29 -2.09
CA GLU C 135 -49.54 14.88 -2.62
C GLU C 135 -49.53 13.44 -3.15
N ARG C 136 -48.38 12.89 -3.58
CA ARG C 136 -48.28 11.53 -4.14
C ARG C 136 -46.90 10.98 -3.90
N LEU C 137 -46.82 9.69 -3.62
CA LEU C 137 -45.56 9.07 -3.13
C LEU C 137 -45.33 7.75 -3.86
N PHE C 138 -44.18 7.65 -4.54
CA PHE C 138 -43.73 6.50 -5.35
C PHE C 138 -42.47 5.95 -4.67
N ILE C 139 -42.56 4.75 -4.11
CA ILE C 139 -41.41 4.07 -3.46
C ILE C 139 -40.85 3.00 -4.41
N LEU C 140 -39.52 2.90 -4.43
CA LEU C 140 -38.83 1.82 -5.18
C LEU C 140 -37.94 1.04 -4.21
N ASP C 141 -38.12 -0.28 -4.20
CA ASP C 141 -37.34 -1.32 -3.44
C ASP C 141 -36.91 -0.78 -2.08
N MET C 142 -37.88 -0.53 -1.20
CA MET C 142 -37.65 -0.10 0.20
C MET C 142 -38.90 -0.44 1.00
N ILE C 143 -38.74 -0.65 2.31
CA ILE C 143 -39.81 -0.77 3.33
C ILE C 143 -39.73 0.46 4.21
N PRO C 144 -40.81 0.85 4.91
CA PRO C 144 -40.93 2.20 5.46
C PRO C 144 -39.78 2.54 6.41
N GLY C 145 -39.37 1.55 7.18
CA GLY C 145 -38.06 1.51 7.83
C GLY C 145 -37.63 0.07 7.98
N LEU C 146 -36.43 -0.18 8.50
CA LEU C 146 -35.85 -1.55 8.60
C LEU C 146 -36.72 -2.38 9.55
N ILE C 147 -37.11 -1.78 10.67
CA ILE C 147 -37.77 -2.53 11.77
C ILE C 147 -38.33 -1.49 12.74
N LYS C 148 -39.39 -1.85 13.47
CA LYS C 148 -39.92 -1.05 14.60
C LYS C 148 -39.24 -1.47 15.91
N ALA C 149 -39.05 -0.50 16.82
CA ALA C 149 -38.61 -0.74 18.20
C ALA C 149 -39.42 -1.91 18.73
N GLY C 150 -38.74 -2.84 19.42
CA GLY C 150 -39.41 -3.95 20.13
C GLY C 150 -39.67 -5.16 19.25
N ASP C 151 -39.42 -5.11 17.94
CA ASP C 151 -39.59 -6.28 17.02
C ASP C 151 -38.23 -6.98 16.84
N SER C 152 -38.27 -8.16 16.27
CA SER C 152 -37.08 -9.00 16.05
C SER C 152 -36.87 -9.16 14.54
N PHE C 153 -35.68 -9.64 14.18
CA PHE C 153 -35.24 -9.92 12.78
C PHE C 153 -35.24 -11.43 12.55
N PRO C 154 -36.06 -11.97 11.62
CA PRO C 154 -35.99 -13.41 11.31
C PRO C 154 -34.61 -13.71 10.71
N ILE C 155 -34.04 -14.90 10.95
CA ILE C 155 -32.64 -15.22 10.53
C ILE C 155 -32.47 -14.93 9.03
N PRO C 156 -33.36 -15.43 8.12
CA PRO C 156 -33.20 -15.20 6.68
C PRO C 156 -33.15 -13.74 6.22
N VAL C 157 -33.94 -12.83 6.85
CA VAL C 157 -33.91 -11.35 6.61
C VAL C 157 -32.55 -10.80 7.05
N ALA C 158 -32.06 -11.21 8.24
CA ALA C 158 -30.76 -10.80 8.83
C ALA C 158 -29.62 -11.09 7.84
N LEU C 159 -29.60 -12.30 7.26
CA LEU C 159 -28.64 -12.81 6.23
C LEU C 159 -28.86 -12.05 4.92
N MET C 160 -30.09 -11.89 4.46
CA MET C 160 -30.32 -11.15 3.20
C MET C 160 -29.84 -9.68 3.29
N ILE C 161 -29.88 -9.08 4.50
CA ILE C 161 -29.48 -7.64 4.61
C ILE C 161 -28.43 -7.47 5.70
N ASN C 162 -27.45 -8.37 5.75
CA ASN C 162 -26.43 -8.43 6.84
C ASN C 162 -25.69 -7.11 6.90
N HIS C 163 -25.54 -6.46 5.78
CA HIS C 163 -24.75 -5.20 5.71
C HIS C 163 -25.28 -4.16 6.71
N ILE C 164 -26.59 -4.13 7.06
CA ILE C 164 -27.14 -3.08 7.99
C ILE C 164 -26.42 -3.16 9.34
N PHE C 165 -26.03 -4.35 9.77
CA PHE C 165 -25.43 -4.65 11.10
C PHE C 165 -23.94 -4.30 11.08
N PHE C 166 -23.31 -4.51 9.92
CA PHE C 166 -21.88 -4.13 9.73
C PHE C 166 -21.80 -2.58 9.70
N HIS C 167 -22.54 -1.93 8.81
CA HIS C 167 -22.55 -0.42 8.70
C HIS C 167 -23.00 0.23 10.01
N GLY C 168 -24.05 -0.29 10.64
CA GLY C 168 -24.72 0.45 11.72
C GLY C 168 -24.30 -0.06 13.07
N GLY C 169 -23.72 -1.25 13.11
CA GLY C 169 -23.25 -1.89 14.35
C GLY C 169 -22.28 -1.00 15.08
N ASN C 170 -21.00 -1.05 14.68
CA ASN C 170 -19.89 -0.13 15.12
C ASN C 170 -19.42 0.65 13.90
N PRO C 171 -20.09 1.78 13.64
CA PRO C 171 -19.89 2.55 12.42
C PRO C 171 -18.46 3.05 12.16
N ASP C 172 -17.66 3.41 13.19
CA ASP C 172 -16.26 3.83 12.97
C ASP C 172 -15.42 2.63 12.43
N TRP C 173 -15.63 1.41 12.92
CA TRP C 173 -14.93 0.18 12.45
C TRP C 173 -15.39 -0.15 11.03
N ALA C 174 -16.67 -0.05 10.74
CA ALA C 174 -17.16 -0.27 9.37
C ALA C 174 -16.46 0.72 8.42
N THR C 175 -16.44 2.00 8.80
CA THR C 175 -15.92 3.13 7.98
C THR C 175 -14.45 2.88 7.59
N ALA C 176 -13.63 2.52 8.57
CA ALA C 176 -12.21 2.12 8.40
C ALA C 176 -12.12 0.97 7.37
N LEU C 177 -12.91 -0.10 7.53
CA LEU C 177 -12.76 -1.34 6.73
C LEU C 177 -13.22 -1.05 5.29
N ILE C 178 -14.25 -0.23 5.14
CA ILE C 178 -14.80 0.11 3.81
C ILE C 178 -13.85 1.09 3.15
N SER C 179 -13.47 2.17 3.84
CA SER C 179 -12.69 3.29 3.24
C SER C 179 -11.34 2.76 2.74
N LYS C 180 -10.84 1.65 3.28
CA LYS C 180 -9.57 1.03 2.82
C LYS C 180 -9.62 0.76 1.32
N ASP C 181 -10.79 0.33 0.81
CA ASP C 181 -11.01 -0.05 -0.62
C ASP C 181 -12.46 0.19 -1.05
N VAL C 182 -12.85 1.43 -1.33
CA VAL C 182 -14.25 1.75 -1.69
C VAL C 182 -14.56 1.07 -3.02
N ASN C 183 -13.61 1.09 -3.95
CA ASN C 183 -13.86 0.44 -5.26
C ASN C 183 -14.28 -1.04 -5.06
N LEU C 184 -13.63 -1.80 -4.18
CA LEU C 184 -14.04 -3.21 -3.94
C LEU C 184 -15.40 -3.24 -3.23
N TYR C 185 -15.53 -2.49 -2.15
CA TYR C 185 -16.70 -2.62 -1.28
C TYR C 185 -17.99 -2.34 -2.05
N LEU C 186 -18.04 -1.29 -2.88
CA LEU C 186 -19.34 -0.87 -3.47
C LEU C 186 -19.81 -1.97 -4.39
N ARG C 187 -18.88 -2.75 -4.90
CA ARG C 187 -19.24 -3.79 -5.90
C ARG C 187 -20.03 -4.94 -5.22
N ARG C 188 -19.88 -5.15 -3.92
CA ARG C 188 -20.78 -6.05 -3.17
C ARG C 188 -22.26 -5.73 -3.47
N PHE C 189 -22.62 -4.47 -3.77
CA PHE C 189 -24.04 -4.04 -4.04
C PHE C 189 -24.30 -3.84 -5.53
N LEU C 190 -23.32 -3.31 -6.25
CA LEU C 190 -23.51 -2.83 -7.65
C LEU C 190 -23.42 -3.98 -8.68
N THR C 191 -22.65 -5.07 -8.45
CA THR C 191 -22.45 -6.08 -9.51
C THR C 191 -22.87 -7.48 -9.13
N THR C 192 -23.19 -7.76 -7.88
CA THR C 192 -23.50 -9.12 -7.41
C THR C 192 -24.92 -9.51 -7.85
N LEU C 193 -25.15 -10.81 -7.92
CA LEU C 193 -26.41 -11.43 -8.34
C LEU C 193 -27.45 -11.39 -7.22
N ASP C 194 -27.05 -11.19 -5.96
CA ASP C 194 -28.09 -11.17 -4.91
C ASP C 194 -28.67 -9.76 -4.82
N TYR C 195 -28.05 -8.74 -5.46
CA TYR C 195 -28.58 -7.34 -5.49
C TYR C 195 -29.14 -6.94 -6.85
N ASN C 196 -28.76 -7.65 -7.89
CA ASN C 196 -29.16 -7.31 -9.28
C ASN C 196 -29.57 -8.55 -10.04
N TYR C 197 -30.53 -8.41 -10.95
CA TYR C 197 -30.85 -9.50 -11.90
C TYR C 197 -29.59 -9.79 -12.73
N SER C 198 -29.02 -8.76 -13.34
CA SER C 198 -27.85 -8.77 -14.26
C SER C 198 -26.67 -8.16 -13.52
N PRO C 199 -25.47 -8.79 -13.63
CA PRO C 199 -24.25 -8.24 -13.03
C PRO C 199 -23.69 -7.06 -13.82
N ASN C 200 -24.42 -6.60 -14.82
CA ASN C 200 -23.92 -5.60 -15.79
C ASN C 200 -24.84 -4.38 -15.87
N VAL C 201 -25.51 -4.05 -14.76
CA VAL C 201 -26.44 -2.88 -14.72
C VAL C 201 -25.60 -1.62 -14.89
N PHE C 202 -24.36 -1.64 -14.37
CA PHE C 202 -23.47 -0.46 -14.20
C PHE C 202 -22.25 -0.59 -15.09
N SER C 203 -21.97 0.41 -15.93
CA SER C 203 -20.70 0.51 -16.67
C SER C 203 -19.61 0.74 -15.62
N GLU C 204 -18.34 0.45 -15.96
CA GLU C 204 -17.19 0.86 -15.11
C GLU C 204 -17.18 2.39 -14.84
N GLU C 205 -17.57 3.22 -15.81
CA GLU C 205 -17.72 4.69 -15.64
C GLU C 205 -18.70 5.02 -14.51
N ASP C 206 -19.86 4.38 -14.53
CA ASP C 206 -20.98 4.58 -13.56
C ASP C 206 -20.50 4.17 -12.15
N ILE C 207 -19.86 3.02 -12.04
CA ILE C 207 -19.27 2.54 -10.76
C ILE C 207 -18.22 3.54 -10.28
N ALA C 208 -17.36 4.04 -11.17
CA ALA C 208 -16.31 5.06 -10.86
C ALA C 208 -16.98 6.32 -10.26
N GLU C 209 -18.17 6.69 -10.74
CA GLU C 209 -18.89 7.91 -10.23
C GLU C 209 -19.31 7.64 -8.77
N TYR C 210 -19.88 6.48 -8.49
CA TYR C 210 -20.25 6.10 -7.11
C TYR C 210 -18.99 5.97 -6.27
N VAL C 211 -17.89 5.47 -6.81
CA VAL C 211 -16.64 5.38 -6.01
C VAL C 211 -16.10 6.79 -5.73
N ARG C 212 -16.19 7.72 -6.71
CA ARG C 212 -15.75 9.13 -6.55
C ARG C 212 -16.50 9.76 -5.36
N VAL C 213 -17.83 9.64 -5.31
CA VAL C 213 -18.58 10.38 -4.24
C VAL C 213 -18.45 9.64 -2.89
N ASN C 214 -18.39 8.32 -2.90
CA ASN C 214 -18.23 7.61 -1.60
C ASN C 214 -16.79 7.74 -1.11
N SER C 215 -15.86 8.20 -1.94
CA SER C 215 -14.43 8.33 -1.54
C SER C 215 -14.19 9.72 -0.97
N LEU C 216 -15.11 10.68 -1.15
CA LEU C 216 -14.93 12.04 -0.57
C LEU C 216 -14.84 11.84 0.92
N PRO C 217 -13.83 12.36 1.64
CA PRO C 217 -13.83 12.25 3.10
C PRO C 217 -15.18 12.69 3.70
N GLY C 218 -15.76 11.77 4.51
CA GLY C 218 -17.03 11.89 5.22
C GLY C 218 -18.21 11.13 4.62
N SER C 219 -18.14 10.72 3.37
CA SER C 219 -19.26 10.04 2.69
C SER C 219 -19.51 8.68 3.38
N ILE C 220 -18.47 7.93 3.66
CA ILE C 220 -18.61 6.59 4.25
C ILE C 220 -19.06 6.79 5.70
N ARG C 221 -18.47 7.73 6.43
CA ARG C 221 -18.87 8.06 7.84
C ARG C 221 -20.36 8.40 7.83
N SER C 222 -20.78 9.30 6.96
CA SER C 222 -22.20 9.71 6.88
C SER C 222 -23.05 8.48 6.54
N GLY C 223 -22.65 7.65 5.59
CA GLY C 223 -23.47 6.49 5.17
C GLY C 223 -23.65 5.48 6.29
N CYS C 224 -22.60 5.21 7.08
CA CYS C 224 -22.74 4.29 8.24
C CYS C 224 -23.68 4.89 9.29
N GLN C 225 -23.74 6.23 9.41
CA GLN C 225 -24.70 6.93 10.31
C GLN C 225 -26.11 6.69 9.75
N TRP C 226 -26.31 6.67 8.43
CA TRP C 226 -27.64 6.36 7.87
C TRP C 226 -28.11 5.02 8.44
N TYR C 227 -27.23 4.01 8.57
CA TYR C 227 -27.58 2.65 9.03
C TYR C 227 -27.69 2.64 10.56
N ALA C 228 -26.78 3.36 11.21
CA ALA C 228 -26.67 3.34 12.68
C ALA C 228 -27.96 3.98 13.26
N THR C 229 -28.42 5.14 12.77
CA THR C 229 -29.73 5.69 13.15
C THR C 229 -30.84 4.74 12.67
N GLY C 230 -30.61 4.04 11.56
CA GLY C 230 -31.59 3.10 11.01
C GLY C 230 -31.92 1.96 11.96
N LEU C 231 -31.01 1.61 12.88
CA LEU C 231 -31.27 0.50 13.83
C LEU C 231 -31.52 1.06 15.21
N ARG C 232 -31.56 2.39 15.36
CA ARG C 232 -31.73 3.05 16.69
C ARG C 232 -32.87 4.09 16.60
N GLU C 233 -32.57 5.38 16.48
CA GLU C 233 -33.66 6.40 16.57
CA GLU C 233 -33.59 6.47 16.47
C GLU C 233 -34.75 6.10 15.54
N ASP C 234 -34.42 5.57 14.36
CA ASP C 234 -35.43 5.39 13.27
C ASP C 234 -36.44 4.32 13.68
N THR C 235 -36.00 3.35 14.47
CA THR C 235 -36.86 2.22 14.85
C THR C 235 -37.89 2.77 15.83
N GLU C 236 -37.52 3.74 16.67
CA GLU C 236 -38.44 4.35 17.66
CA GLU C 236 -38.47 4.32 17.66
C GLU C 236 -39.44 5.24 16.89
N ASN C 237 -38.97 5.95 15.85
CA ASN C 237 -39.87 6.81 15.05
C ASN C 237 -40.91 5.92 14.35
N LEU C 238 -40.50 4.75 13.86
CA LEU C 238 -41.38 3.88 13.03
C LEU C 238 -42.47 3.32 13.93
N ALA C 239 -42.11 2.82 15.11
CA ALA C 239 -43.08 2.31 16.08
C ALA C 239 -44.12 3.41 16.43
N LYS C 240 -43.77 4.70 16.37
CA LYS C 240 -44.70 5.78 16.80
C LYS C 240 -45.47 6.34 15.58
N ALA C 241 -45.18 5.87 14.36
CA ALA C 241 -45.78 6.40 13.11
C ALA C 241 -47.01 5.57 12.73
N THR C 242 -48.10 5.70 13.49
CA THR C 242 -49.33 4.89 13.42
C THR C 242 -50.40 5.66 12.65
N ASP C 243 -50.17 6.93 12.31
CA ASP C 243 -51.19 7.73 11.59
C ASP C 243 -51.02 7.48 10.09
N LYS C 244 -51.76 6.54 9.52
CA LYS C 244 -51.53 6.09 8.12
C LYS C 244 -51.57 7.29 7.15
N LEU C 245 -50.66 7.34 6.19
CA LEU C 245 -50.78 8.32 5.07
C LEU C 245 -52.17 8.18 4.42
N THR C 246 -52.78 9.27 3.97
CA THR C 246 -54.05 9.24 3.22
C THR C 246 -53.80 9.50 1.72
N ILE C 247 -52.61 9.94 1.31
CA ILE C 247 -52.30 10.28 -0.11
C ILE C 247 -52.14 9.01 -0.94
N PRO C 248 -52.29 9.11 -2.28
CA PRO C 248 -51.98 7.96 -3.14
C PRO C 248 -50.50 7.57 -3.00
N VAL C 249 -50.24 6.29 -2.79
CA VAL C 249 -48.86 5.74 -2.65
C VAL C 249 -48.69 4.59 -3.64
N ILE C 250 -47.57 4.51 -4.35
CA ILE C 250 -47.28 3.25 -5.09
C ILE C 250 -45.95 2.73 -4.60
N ALA C 251 -45.82 1.42 -4.51
CA ALA C 251 -44.62 0.78 -3.95
C ALA C 251 -44.24 -0.37 -4.88
N TRP C 252 -43.10 -0.26 -5.54
CA TRP C 252 -42.64 -1.31 -6.50
C TRP C 252 -41.25 -1.75 -6.05
N GLY C 253 -41.05 -3.05 -5.91
CA GLY C 253 -39.72 -3.60 -5.64
C GLY C 253 -39.26 -4.47 -6.78
N GLY C 254 -38.01 -4.92 -6.74
CA GLY C 254 -37.46 -5.76 -7.81
C GLY C 254 -37.72 -7.21 -7.47
N SER C 255 -38.18 -8.00 -8.43
CA SER C 255 -38.27 -9.47 -8.29
C SER C 255 -37.05 -9.99 -7.52
N HIS C 256 -35.84 -9.49 -7.76
CA HIS C 256 -34.61 -10.24 -7.35
C HIS C 256 -34.01 -9.55 -6.13
N PHE C 257 -34.82 -8.78 -5.40
CA PHE C 257 -34.47 -8.21 -4.07
C PHE C 257 -35.73 -8.16 -3.21
N LEU C 258 -36.39 -7.02 -2.96
CA LEU C 258 -37.44 -7.00 -1.89
C LEU C 258 -38.77 -7.58 -2.45
N GLY C 259 -38.91 -7.74 -3.76
CA GLY C 259 -40.13 -8.28 -4.36
C GLY C 259 -41.34 -7.39 -4.17
N ASP C 260 -42.47 -7.99 -3.81
CA ASP C 260 -43.73 -7.24 -3.63
C ASP C 260 -43.71 -6.47 -2.30
N ILE C 261 -43.40 -5.19 -2.34
CA ILE C 261 -43.34 -4.32 -1.14
C ILE C 261 -44.69 -3.62 -0.90
N ARG C 262 -45.71 -3.88 -1.73
CA ARG C 262 -47.03 -3.23 -1.63
C ARG C 262 -47.61 -3.50 -0.24
N PRO C 263 -47.64 -4.77 0.24
CA PRO C 263 -48.17 -5.05 1.58
C PRO C 263 -47.48 -4.27 2.71
N ALA C 264 -46.17 -4.15 2.65
CA ALA C 264 -45.41 -3.43 3.68
C ALA C 264 -45.89 -1.97 3.77
N TRP C 265 -46.22 -1.35 2.65
CA TRP C 265 -46.58 0.09 2.62
C TRP C 265 -48.04 0.21 2.98
N GLN C 266 -48.82 -0.85 2.69
CA GLN C 266 -50.25 -0.94 3.08
C GLN C 266 -50.36 -0.70 4.60
N GLU C 267 -49.34 -1.07 5.39
CA GLU C 267 -49.31 -0.93 6.88
C GLU C 267 -49.22 0.54 7.31
N VAL C 268 -48.59 1.43 6.54
CA VAL C 268 -48.42 2.88 6.94
C VAL C 268 -49.20 3.83 6.03
N ALA C 269 -50.10 3.30 5.20
CA ALA C 269 -50.83 4.04 4.16
C ALA C 269 -52.15 3.34 3.81
N GLU C 270 -53.23 4.12 3.69
CA GLU C 270 -54.58 3.64 3.35
C GLU C 270 -54.61 3.22 1.88
N ASN C 271 -53.96 3.95 0.98
CA ASN C 271 -54.17 3.80 -0.50
C ASN C 271 -52.82 3.40 -1.12
N VAL C 272 -52.58 2.10 -1.30
CA VAL C 272 -51.25 1.60 -1.79
C VAL C 272 -51.47 0.60 -2.94
N GLU C 273 -50.96 0.92 -4.15
CA GLU C 273 -50.88 -0.02 -5.30
C GLU C 273 -49.40 -0.34 -5.55
N GLY C 274 -49.10 -1.39 -6.33
CA GLY C 274 -47.71 -1.74 -6.66
C GLY C 274 -47.53 -3.24 -6.83
N GLY C 275 -46.34 -3.74 -6.55
CA GLY C 275 -45.93 -5.14 -6.74
C GLY C 275 -44.42 -5.26 -6.92
N ALA C 276 -44.02 -6.18 -7.79
CA ALA C 276 -42.62 -6.51 -8.08
C ALA C 276 -42.40 -6.32 -9.58
N VAL C 277 -41.23 -5.84 -9.93
CA VAL C 277 -40.77 -5.69 -11.34
C VAL C 277 -40.05 -7.00 -11.76
N GLU C 278 -40.49 -7.65 -12.83
CA GLU C 278 -39.93 -8.97 -13.25
C GLU C 278 -38.44 -8.78 -13.57
N ASN C 279 -37.60 -9.74 -13.20
CA ASN C 279 -36.20 -9.87 -13.67
C ASN C 279 -35.42 -8.59 -13.38
N CYS C 280 -35.66 -8.04 -12.18
CA CYS C 280 -35.11 -6.75 -11.75
C CYS C 280 -34.63 -6.86 -10.32
N GLY C 281 -33.42 -6.39 -10.05
CA GLY C 281 -32.91 -6.34 -8.68
C GLY C 281 -33.31 -5.05 -7.96
N HIS C 282 -32.45 -4.65 -7.02
CA HIS C 282 -32.60 -3.55 -6.05
C HIS C 282 -32.59 -2.17 -6.74
N PHE C 283 -31.73 -1.97 -7.74
CA PHE C 283 -31.47 -0.66 -8.37
C PHE C 283 -32.41 -0.47 -9.54
N VAL C 284 -33.68 -0.33 -9.22
CA VAL C 284 -34.79 -0.29 -10.22
C VAL C 284 -34.61 0.89 -11.17
N PRO C 285 -34.29 2.12 -10.70
CA PRO C 285 -34.03 3.24 -11.63
C PRO C 285 -32.95 2.99 -12.71
N GLU C 286 -31.99 2.10 -12.43
CA GLU C 286 -30.83 1.85 -13.32
C GLU C 286 -30.99 0.52 -14.06
N GLU C 287 -31.61 -0.52 -13.49
CA GLU C 287 -31.84 -1.84 -14.15
C GLU C 287 -33.09 -1.75 -15.04
N LYS C 288 -34.12 -1.01 -14.64
CA LYS C 288 -35.35 -0.86 -15.47
C LYS C 288 -35.81 0.58 -15.47
N PRO C 289 -35.00 1.50 -16.05
CA PRO C 289 -35.36 2.91 -16.07
C PRO C 289 -36.69 3.15 -16.79
N GLN C 290 -37.02 2.37 -17.81
CA GLN C 290 -38.27 2.61 -18.58
C GLN C 290 -39.51 2.27 -17.71
N PHE C 291 -39.41 1.24 -16.86
CA PHE C 291 -40.44 0.92 -15.86
C PHE C 291 -40.67 2.19 -14.99
N VAL C 292 -39.63 2.82 -14.47
CA VAL C 292 -39.75 3.97 -13.52
C VAL C 292 -40.34 5.17 -14.26
N ILE C 293 -39.81 5.44 -15.44
CA ILE C 293 -40.30 6.53 -16.33
C ILE C 293 -41.81 6.37 -16.55
N ASP C 294 -42.24 5.23 -17.08
CA ASP C 294 -43.65 5.00 -17.52
C ASP C 294 -44.55 5.02 -16.27
N THR C 295 -44.18 4.26 -15.23
CA THR C 295 -44.95 4.16 -13.97
C THR C 295 -45.17 5.57 -13.38
N ALA C 296 -44.13 6.39 -13.33
CA ALA C 296 -44.12 7.74 -12.78
C ALA C 296 -44.99 8.70 -13.63
N LEU C 297 -44.90 8.67 -14.95
CA LEU C 297 -45.64 9.61 -15.81
C LEU C 297 -47.13 9.32 -15.61
N LYS C 298 -47.51 8.05 -15.51
CA LYS C 298 -48.93 7.71 -15.28
C LYS C 298 -49.32 8.08 -13.84
N PHE C 299 -48.49 7.77 -12.84
CA PHE C 299 -48.83 7.93 -11.40
C PHE C 299 -48.98 9.42 -11.06
N PHE C 300 -48.13 10.30 -11.59
CA PHE C 300 -48.11 11.77 -11.32
C PHE C 300 -48.97 12.52 -12.33
N ALA C 301 -49.57 11.91 -13.33
CA ALA C 301 -50.26 12.71 -14.37
C ALA C 301 -51.36 13.59 -13.76
N PRO C 302 -52.15 13.14 -12.76
CA PRO C 302 -53.26 13.95 -12.22
C PRO C 302 -52.78 15.26 -11.58
N LEU C 303 -51.47 15.38 -11.32
CA LEU C 303 -50.87 16.57 -10.68
C LEU C 303 -50.46 17.62 -11.70
N ARG C 304 -50.29 17.30 -12.98
CA ARG C 304 -49.85 18.28 -14.02
C ARG C 304 -50.96 19.27 -14.35
N THR D 21 5.10 -30.09 34.05
CA THR D 21 4.43 -28.82 34.46
C THR D 21 4.70 -27.71 33.41
N GLU D 22 5.17 -28.06 32.18
CA GLU D 22 5.55 -27.16 31.03
C GLU D 22 4.96 -27.66 29.70
N ILE D 23 4.42 -26.73 28.89
CA ILE D 23 3.61 -27.03 27.68
C ILE D 23 4.49 -27.64 26.59
N THR D 24 3.97 -28.56 25.78
CA THR D 24 4.70 -29.17 24.64
C THR D 24 3.83 -29.13 23.38
N HIS D 25 4.43 -28.72 22.26
CA HIS D 25 3.77 -28.50 20.96
C HIS D 25 3.70 -29.85 20.23
N HIS D 26 2.51 -30.23 19.74
CA HIS D 26 2.28 -31.54 19.08
C HIS D 26 1.41 -31.33 17.83
N GLN D 27 1.35 -32.31 16.95
CA GLN D 27 0.34 -32.32 15.85
C GLN D 27 -0.16 -33.74 15.62
N ALA D 28 -1.31 -33.87 14.94
CA ALA D 28 -1.95 -35.18 14.64
C ALA D 28 -2.81 -35.10 13.35
N MET D 29 -2.85 -36.17 12.55
CA MET D 29 -3.73 -36.30 11.35
C MET D 29 -5.16 -36.61 11.83
N ILE D 30 -6.07 -35.64 11.65
CA ILE D 30 -7.45 -35.68 12.22
C ILE D 30 -8.44 -35.38 11.08
N ASN D 31 -9.18 -36.40 10.62
CA ASN D 31 -10.28 -36.23 9.65
C ASN D 31 -9.72 -35.50 8.41
N GLY D 32 -8.53 -35.89 7.95
CA GLY D 32 -7.92 -35.45 6.66
C GLY D 32 -7.03 -34.21 6.75
N TYR D 33 -6.89 -33.57 7.92
CA TYR D 33 -5.95 -32.43 8.09
C TYR D 33 -5.09 -32.57 9.34
N ARG D 34 -3.99 -31.80 9.36
CA ARG D 34 -3.02 -31.74 10.48
C ARG D 34 -3.55 -30.78 11.55
N MET D 35 -3.80 -31.30 12.75
CA MET D 35 -4.31 -30.47 13.86
C MET D 35 -3.18 -30.27 14.90
N HIS D 36 -2.95 -29.02 15.27
CA HIS D 36 -1.99 -28.57 16.30
C HIS D 36 -2.64 -28.70 17.67
N TYR D 37 -1.89 -29.09 18.66
CA TYR D 37 -2.35 -29.18 20.06
C TYR D 37 -1.12 -29.11 20.98
N VAL D 38 -1.34 -28.53 22.16
CA VAL D 38 -0.33 -28.51 23.24
C VAL D 38 -0.91 -29.39 24.36
N THR D 39 -0.08 -30.20 24.96
CA THR D 39 -0.35 -30.98 26.20
C THR D 39 0.55 -30.46 27.33
N ALA D 40 0.09 -30.62 28.57
CA ALA D 40 0.92 -30.42 29.78
C ALA D 40 0.42 -31.32 30.92
N GLY D 41 1.31 -31.56 31.87
CA GLY D 41 0.94 -32.19 33.16
C GLY D 41 0.58 -33.65 33.00
N SER D 42 -0.31 -34.13 33.88
CA SER D 42 -0.71 -35.56 34.03
C SER D 42 -1.84 -35.74 35.06
N GLY D 43 -2.38 -36.96 35.02
CA GLY D 43 -3.59 -37.40 35.72
C GLY D 43 -4.78 -37.30 34.77
N TYR D 44 -5.97 -37.13 35.31
CA TYR D 44 -7.24 -37.13 34.55
C TYR D 44 -7.15 -36.01 33.53
N PRO D 45 -7.58 -36.30 32.29
CA PRO D 45 -7.56 -35.34 31.18
C PRO D 45 -8.68 -34.28 31.13
N LEU D 46 -8.29 -33.01 30.94
CA LEU D 46 -9.20 -31.88 30.60
C LEU D 46 -8.86 -31.36 29.21
N VAL D 47 -9.89 -31.14 28.41
CA VAL D 47 -9.77 -30.69 27.02
C VAL D 47 -10.25 -29.24 27.02
N LEU D 48 -9.37 -28.31 26.68
CA LEU D 48 -9.70 -26.86 26.66
C LEU D 48 -9.86 -26.45 25.20
N LEU D 49 -11.00 -25.83 24.86
CA LEU D 49 -11.45 -25.51 23.50
C LEU D 49 -11.63 -24.00 23.37
N HIS D 50 -10.69 -23.40 22.64
CA HIS D 50 -10.66 -21.94 22.35
C HIS D 50 -11.83 -21.52 21.45
N GLY D 51 -11.91 -20.22 21.18
CA GLY D 51 -12.91 -19.61 20.30
C GLY D 51 -12.24 -18.62 19.37
N TRP D 52 -13.03 -17.73 18.80
CA TRP D 52 -12.58 -16.78 17.76
C TRP D 52 -12.33 -15.43 18.43
N PRO D 53 -11.24 -14.70 18.16
CA PRO D 53 -10.25 -15.03 17.13
C PRO D 53 -8.99 -15.65 17.72
N GLN D 54 -9.10 -16.75 18.43
CA GLN D 54 -7.95 -17.13 19.28
C GLN D 54 -7.47 -18.51 18.86
N SER D 55 -7.01 -19.31 19.81
CA SER D 55 -6.14 -20.51 19.66
C SER D 55 -5.94 -21.12 21.05
N TRP D 56 -5.16 -22.20 21.17
CA TRP D 56 -4.71 -22.78 22.46
C TRP D 56 -4.12 -21.63 23.34
N TYR D 57 -3.54 -20.60 22.73
CA TYR D 57 -2.79 -19.54 23.44
C TYR D 57 -3.67 -18.81 24.49
N GLU D 58 -5.00 -18.78 24.32
CA GLU D 58 -5.87 -18.01 25.26
C GLU D 58 -5.84 -18.68 26.63
N TRP D 59 -5.48 -19.96 26.67
CA TRP D 59 -5.44 -20.81 27.88
C TRP D 59 -4.06 -20.77 28.52
N ARG D 60 -3.14 -19.92 28.08
CA ARG D 60 -1.73 -20.02 28.51
C ARG D 60 -1.60 -19.67 30.00
N ASN D 61 -2.50 -18.88 30.63
CA ASN D 61 -2.32 -18.48 32.06
C ASN D 61 -3.14 -19.36 33.02
N VAL D 62 -3.70 -20.43 32.47
CA VAL D 62 -4.67 -21.40 33.07
C VAL D 62 -3.96 -22.75 33.13
N ILE D 63 -3.44 -23.21 31.98
CA ILE D 63 -2.82 -24.55 31.76
C ILE D 63 -1.81 -24.88 32.86
N PRO D 64 -0.90 -23.96 33.27
CA PRO D 64 0.16 -24.33 34.22
C PRO D 64 -0.37 -24.65 35.64
N ALA D 65 -1.51 -24.08 36.05
CA ALA D 65 -2.21 -24.43 37.31
C ALA D 65 -2.94 -25.75 37.10
N LEU D 66 -3.67 -25.91 36.00
CA LEU D 66 -4.46 -27.16 35.84
C LEU D 66 -3.49 -28.35 35.77
N ALA D 67 -2.29 -28.16 35.19
CA ALA D 67 -1.32 -29.25 34.90
C ALA D 67 -0.72 -29.86 36.17
N GLU D 68 -0.83 -29.22 37.35
CA GLU D 68 -0.33 -29.77 38.65
C GLU D 68 -1.19 -30.98 39.07
N GLN D 69 -2.48 -30.97 38.68
CA GLN D 69 -3.50 -31.98 39.08
C GLN D 69 -4.04 -32.76 37.86
N PHE D 70 -4.00 -32.18 36.66
CA PHE D 70 -4.65 -32.77 35.44
C PHE D 70 -3.66 -32.88 34.27
N THR D 71 -3.97 -33.82 33.38
CA THR D 71 -3.50 -33.78 31.96
C THR D 71 -4.35 -32.74 31.23
N VAL D 72 -3.68 -31.82 30.54
CA VAL D 72 -4.32 -30.67 29.86
C VAL D 72 -4.03 -30.79 28.37
N ILE D 73 -5.08 -30.89 27.57
CA ILE D 73 -5.07 -30.96 26.09
C ILE D 73 -5.81 -29.70 25.56
N ALA D 74 -5.10 -28.83 24.84
CA ALA D 74 -5.60 -27.55 24.27
C ALA D 74 -5.22 -27.51 22.79
N PRO D 75 -6.15 -27.90 21.89
CA PRO D 75 -5.87 -27.89 20.45
C PRO D 75 -6.18 -26.56 19.78
N ASP D 76 -5.60 -26.32 18.58
CA ASP D 76 -6.10 -25.30 17.61
C ASP D 76 -7.24 -25.96 16.82
N LEU D 77 -8.46 -25.50 17.04
CA LEU D 77 -9.68 -26.03 16.39
C LEU D 77 -9.62 -25.74 14.89
N ARG D 78 -10.52 -26.33 14.12
CA ARG D 78 -10.38 -26.52 12.66
C ARG D 78 -10.29 -25.11 12.06
N GLY D 79 -9.24 -24.87 11.29
CA GLY D 79 -9.10 -23.67 10.43
C GLY D 79 -8.30 -22.57 11.10
N LEU D 80 -8.25 -22.59 12.44
CA LEU D 80 -7.67 -21.49 13.23
C LEU D 80 -6.36 -21.93 13.88
N GLY D 81 -5.70 -21.01 14.56
CA GLY D 81 -4.37 -21.23 15.17
C GLY D 81 -3.39 -21.63 14.08
N ASP D 82 -2.55 -22.59 14.41
CA ASP D 82 -1.57 -23.21 13.48
C ASP D 82 -2.09 -24.54 12.94
N SER D 83 -3.35 -24.87 13.20
CA SER D 83 -4.00 -26.04 12.58
C SER D 83 -4.13 -25.78 11.06
N GLU D 84 -4.13 -26.85 10.27
CA GLU D 84 -4.49 -26.79 8.84
C GLU D 84 -5.97 -26.44 8.77
N LYS D 85 -6.47 -26.23 7.55
CA LYS D 85 -7.64 -25.35 7.29
C LYS D 85 -8.38 -25.86 6.06
N PRO D 86 -9.20 -26.91 6.17
CA PRO D 86 -9.95 -27.39 5.02
C PRO D 86 -10.98 -26.35 4.59
N MET D 87 -11.78 -26.73 3.60
CA MET D 87 -12.70 -25.82 2.89
C MET D 87 -14.13 -26.00 3.39
N THR D 88 -14.44 -27.11 4.08
CA THR D 88 -15.71 -27.34 4.83
C THR D 88 -15.52 -28.02 6.19
N GLY D 89 -16.66 -28.32 6.81
CA GLY D 89 -16.80 -29.06 8.07
C GLY D 89 -16.67 -28.13 9.25
N PHE D 90 -17.20 -26.91 9.14
CA PHE D 90 -17.06 -25.81 10.13
C PHE D 90 -18.29 -25.66 11.03
N ASP D 91 -19.41 -26.35 10.75
CA ASP D 91 -20.51 -26.54 11.74
C ASP D 91 -19.92 -27.19 13.01
N LYS D 92 -20.47 -26.89 14.19
CA LYS D 92 -19.80 -27.26 15.46
C LYS D 92 -19.94 -28.76 15.69
N ARG D 93 -21.02 -29.38 15.23
CA ARG D 93 -21.13 -30.86 15.19
C ARG D 93 -19.85 -31.44 14.51
N THR D 94 -19.42 -30.93 13.34
CA THR D 94 -18.33 -31.60 12.57
C THR D 94 -17.00 -31.36 13.31
N MET D 95 -16.79 -30.13 13.81
CA MET D 95 -15.57 -29.78 14.57
C MET D 95 -15.52 -30.56 15.89
N ALA D 96 -16.66 -30.97 16.42
CA ALA D 96 -16.65 -31.72 17.69
C ALA D 96 -16.12 -33.14 17.42
N THR D 97 -16.28 -33.62 16.17
CA THR D 97 -15.84 -34.97 15.75
C THR D 97 -14.32 -34.97 15.66
N ASP D 98 -13.76 -33.80 15.37
CA ASP D 98 -12.29 -33.49 15.40
C ASP D 98 -11.80 -33.71 16.84
N VAL D 99 -12.50 -33.12 17.81
CA VAL D 99 -12.11 -33.25 19.24
C VAL D 99 -12.25 -34.73 19.63
N ARG D 100 -13.29 -35.42 19.15
CA ARG D 100 -13.51 -36.86 19.45
C ARG D 100 -12.32 -37.66 18.91
N GLU D 101 -11.95 -37.40 17.64
CA GLU D 101 -10.89 -38.13 16.92
C GLU D 101 -9.57 -37.90 17.68
N LEU D 102 -9.34 -36.72 18.24
CA LEU D 102 -8.05 -36.39 18.90
C LEU D 102 -7.92 -37.15 20.22
N VAL D 103 -8.98 -37.06 21.01
CA VAL D 103 -9.12 -37.69 22.36
C VAL D 103 -8.93 -39.22 22.25
N SER D 104 -9.55 -39.83 21.23
CA SER D 104 -9.36 -41.24 20.81
C SER D 104 -7.87 -41.46 20.46
N HIS D 105 -7.28 -40.58 19.66
CA HIS D 105 -5.84 -40.62 19.29
C HIS D 105 -4.94 -40.69 20.54
N LEU D 106 -5.29 -39.94 21.61
CA LEU D 106 -4.43 -39.77 22.82
C LEU D 106 -4.71 -40.85 23.89
N GLY D 107 -5.64 -41.78 23.65
CA GLY D 107 -5.85 -42.98 24.51
C GLY D 107 -6.94 -42.80 25.55
N TYR D 108 -7.72 -41.72 25.48
CA TYR D 108 -8.75 -41.36 26.50
C TYR D 108 -10.15 -41.68 25.96
N ASP D 109 -10.91 -42.30 26.86
CA ASP D 109 -12.31 -42.76 26.68
C ASP D 109 -13.24 -42.09 27.72
N LYS D 110 -12.70 -41.21 28.59
CA LYS D 110 -13.41 -40.33 29.57
C LYS D 110 -12.65 -39.00 29.77
N VAL D 111 -13.27 -37.83 29.50
CA VAL D 111 -12.62 -36.50 29.67
C VAL D 111 -13.56 -35.46 30.30
N GLY D 112 -12.93 -34.47 30.94
CA GLY D 112 -13.50 -33.17 31.29
C GLY D 112 -13.27 -32.19 30.16
N VAL D 113 -14.13 -31.17 30.01
CA VAL D 113 -14.05 -30.18 28.90
C VAL D 113 -14.37 -28.76 29.39
N ILE D 114 -13.50 -27.80 29.04
CA ILE D 114 -13.79 -26.34 29.16
C ILE D 114 -13.92 -25.77 27.73
N GLY D 115 -15.00 -25.02 27.47
CA GLY D 115 -15.22 -24.31 26.19
C GLY D 115 -15.47 -22.84 26.39
N HIS D 116 -14.62 -21.99 25.85
CA HIS D 116 -14.83 -20.52 25.76
C HIS D 116 -15.25 -20.14 24.34
N ASP D 117 -16.21 -19.22 24.23
CA ASP D 117 -16.66 -18.67 22.94
C ASP D 117 -17.09 -19.86 22.08
N TRP D 118 -16.79 -19.89 20.78
CA TRP D 118 -17.23 -20.99 19.88
C TRP D 118 -16.76 -22.33 20.42
N GLY D 119 -15.63 -22.38 21.13
CA GLY D 119 -15.18 -23.61 21.81
C GLY D 119 -16.34 -24.21 22.61
N GLY D 120 -17.13 -23.33 23.22
CA GLY D 120 -18.34 -23.64 24.01
C GLY D 120 -19.34 -24.45 23.20
N SER D 121 -19.60 -24.02 21.96
CA SER D 121 -20.62 -24.66 21.08
C SER D 121 -20.06 -26.00 20.59
N VAL D 122 -18.80 -26.00 20.13
CA VAL D 122 -18.06 -27.26 19.81
C VAL D 122 -18.18 -28.20 21.02
N ALA D 123 -17.98 -27.70 22.24
CA ALA D 123 -18.00 -28.52 23.49
C ALA D 123 -19.41 -29.07 23.72
N PHE D 124 -20.43 -28.22 23.51
CA PHE D 124 -21.86 -28.62 23.61
C PHE D 124 -22.09 -29.83 22.72
N TYR D 125 -21.68 -29.79 21.46
CA TYR D 125 -21.96 -30.91 20.53
C TYR D 125 -21.07 -32.11 20.90
N PHE D 126 -19.88 -31.83 21.42
CA PHE D 126 -18.91 -32.88 21.80
C PHE D 126 -19.57 -33.70 22.93
N ALA D 127 -20.19 -33.02 23.90
CA ALA D 127 -20.89 -33.66 25.06
C ALA D 127 -22.18 -34.37 24.60
N TYR D 128 -22.92 -33.76 23.68
CA TYR D 128 -24.27 -34.20 23.21
C TYR D 128 -24.15 -35.51 22.40
N ASP D 129 -23.13 -35.59 21.53
CA ASP D 129 -22.91 -36.65 20.53
C ASP D 129 -22.07 -37.80 21.12
N ASN D 130 -21.53 -37.65 22.35
CA ASN D 130 -20.64 -38.65 23.01
C ASN D 130 -21.00 -38.69 24.51
N ARG D 131 -22.16 -39.27 24.84
CA ARG D 131 -22.69 -39.25 26.23
C ARG D 131 -21.77 -40.00 27.19
N ASP D 132 -20.92 -40.88 26.68
CA ASP D 132 -20.11 -41.80 27.53
C ASP D 132 -18.69 -41.22 27.62
N LEU D 133 -18.38 -40.23 26.78
CA LEU D 133 -17.02 -39.66 26.67
C LEU D 133 -16.89 -38.43 27.58
N VAL D 134 -17.80 -37.45 27.45
CA VAL D 134 -17.68 -36.19 28.22
C VAL D 134 -18.44 -36.34 29.54
N GLU D 135 -17.67 -36.32 30.63
CA GLU D 135 -18.16 -36.58 32.00
C GLU D 135 -18.56 -35.28 32.68
N ARG D 136 -17.84 -34.16 32.48
CA ARG D 136 -18.24 -32.82 33.03
C ARG D 136 -17.92 -31.74 32.01
N LEU D 137 -18.60 -30.60 32.07
CA LEU D 137 -18.53 -29.51 31.06
C LEU D 137 -18.59 -28.17 31.78
N PHE D 138 -17.55 -27.34 31.61
CA PHE D 138 -17.39 -25.96 32.10
C PHE D 138 -17.40 -25.06 30.86
N ILE D 139 -18.40 -24.17 30.73
CA ILE D 139 -18.55 -23.15 29.63
C ILE D 139 -18.12 -21.77 30.13
N LEU D 140 -17.45 -20.97 29.28
CA LEU D 140 -17.17 -19.52 29.52
C LEU D 140 -17.78 -18.66 28.40
N ASP D 141 -18.52 -17.64 28.82
CA ASP D 141 -19.10 -16.56 27.99
C ASP D 141 -19.48 -17.10 26.61
N MET D 142 -20.44 -18.02 26.59
CA MET D 142 -21.06 -18.56 25.35
C MET D 142 -22.41 -19.17 25.71
N ILE D 143 -23.27 -19.27 24.70
CA ILE D 143 -24.59 -19.96 24.74
C ILE D 143 -24.53 -21.11 23.75
N PRO D 144 -25.37 -22.15 23.90
CA PRO D 144 -25.13 -23.40 23.15
C PRO D 144 -25.03 -23.23 21.61
N GLY D 145 -25.63 -22.15 21.10
CA GLY D 145 -25.58 -21.70 19.69
C GLY D 145 -26.13 -20.29 19.58
N LEU D 146 -25.85 -19.56 18.50
CA LEU D 146 -26.29 -18.13 18.37
C LEU D 146 -27.79 -18.03 18.48
N ILE D 147 -28.49 -18.98 17.87
CA ILE D 147 -29.96 -18.99 17.71
C ILE D 147 -30.38 -20.32 17.10
N LYS D 148 -31.66 -20.67 17.24
CA LYS D 148 -32.30 -21.91 16.71
C LYS D 148 -33.14 -21.57 15.47
N ALA D 149 -33.07 -22.41 14.43
CA ALA D 149 -33.90 -22.28 13.21
C ALA D 149 -35.32 -21.90 13.64
N GLY D 150 -35.88 -20.86 13.02
CA GLY D 150 -37.28 -20.45 13.23
C GLY D 150 -37.39 -19.26 14.15
N ASP D 151 -36.34 -18.95 14.91
CA ASP D 151 -36.36 -17.83 15.90
C ASP D 151 -35.84 -16.54 15.24
N SER D 152 -35.91 -15.45 15.99
CA SER D 152 -35.54 -14.08 15.54
C SER D 152 -34.59 -13.40 16.52
N PHE D 153 -33.76 -12.48 16.02
CA PHE D 153 -32.84 -11.66 16.84
C PHE D 153 -33.51 -10.38 17.31
N PRO D 154 -33.61 -10.11 18.63
CA PRO D 154 -34.05 -8.80 19.10
C PRO D 154 -33.01 -7.78 18.59
N ILE D 155 -33.43 -6.55 18.27
CA ILE D 155 -32.49 -5.47 17.85
C ILE D 155 -31.31 -5.40 18.84
N PRO D 156 -31.54 -5.27 20.17
CA PRO D 156 -30.44 -5.16 21.15
C PRO D 156 -29.35 -6.24 20.98
N VAL D 157 -29.76 -7.48 20.77
CA VAL D 157 -28.81 -8.63 20.61
C VAL D 157 -28.13 -8.53 19.24
N ALA D 158 -28.87 -8.23 18.16
CA ALA D 158 -28.30 -8.06 16.79
C ALA D 158 -27.15 -7.04 16.80
N LEU D 159 -27.34 -5.89 17.46
CA LEU D 159 -26.33 -4.80 17.66
C LEU D 159 -25.18 -5.28 18.54
N MET D 160 -25.46 -5.88 19.70
CA MET D 160 -24.40 -6.35 20.65
C MET D 160 -23.41 -7.25 19.91
N ILE D 161 -23.88 -8.20 19.09
CA ILE D 161 -23.00 -9.17 18.37
C ILE D 161 -23.06 -8.94 16.85
N ASN D 162 -23.17 -7.68 16.36
CA ASN D 162 -23.32 -7.35 14.92
C ASN D 162 -22.27 -8.08 14.06
N HIS D 163 -21.08 -8.38 14.59
CA HIS D 163 -19.99 -9.05 13.83
C HIS D 163 -20.48 -10.37 13.20
N ILE D 164 -21.40 -11.06 13.86
CA ILE D 164 -21.85 -12.42 13.40
C ILE D 164 -22.43 -12.27 12.00
N PHE D 165 -23.10 -11.16 11.68
CA PHE D 165 -23.75 -10.91 10.36
C PHE D 165 -22.69 -10.53 9.31
N PHE D 166 -21.71 -9.72 9.71
CA PHE D 166 -20.54 -9.38 8.86
C PHE D 166 -19.77 -10.66 8.48
N HIS D 167 -19.30 -11.44 9.47
CA HIS D 167 -18.48 -12.66 9.22
C HIS D 167 -19.30 -13.69 8.44
N GLY D 168 -20.60 -13.83 8.75
CA GLY D 168 -21.38 -15.03 8.40
C GLY D 168 -22.33 -14.83 7.24
N GLY D 169 -22.56 -13.57 6.89
CA GLY D 169 -23.51 -13.20 5.83
C GLY D 169 -22.94 -13.50 4.46
N ASN D 170 -21.83 -12.86 4.09
CA ASN D 170 -21.07 -13.14 2.85
C ASN D 170 -19.61 -13.33 3.19
N PRO D 171 -19.26 -14.54 3.65
CA PRO D 171 -17.93 -14.79 4.21
C PRO D 171 -16.74 -14.28 3.35
N ASP D 172 -16.84 -14.36 2.00
CA ASP D 172 -15.74 -14.04 1.07
C ASP D 172 -15.47 -12.54 1.15
N TRP D 173 -16.56 -11.74 1.18
CA TRP D 173 -16.50 -10.27 1.29
C TRP D 173 -15.93 -9.86 2.65
N ALA D 174 -16.36 -10.48 3.72
CA ALA D 174 -15.82 -10.21 5.07
C ALA D 174 -14.35 -10.63 5.13
N THR D 175 -14.01 -11.80 4.59
CA THR D 175 -12.59 -12.26 4.56
C THR D 175 -11.75 -11.19 3.88
N ALA D 176 -12.25 -10.59 2.77
CA ALA D 176 -11.47 -9.61 2.01
C ALA D 176 -11.23 -8.37 2.86
N LEU D 177 -12.28 -7.80 3.47
CA LEU D 177 -12.14 -6.53 4.27
C LEU D 177 -11.32 -6.77 5.55
N ILE D 178 -11.49 -7.89 6.22
CA ILE D 178 -10.67 -8.18 7.43
C ILE D 178 -9.21 -8.40 7.01
N SER D 179 -8.96 -9.17 5.95
CA SER D 179 -7.58 -9.63 5.59
C SER D 179 -6.69 -8.46 5.19
N LYS D 180 -7.25 -7.35 4.69
CA LYS D 180 -6.49 -6.09 4.42
C LYS D 180 -5.71 -5.60 5.66
N ASP D 181 -6.22 -5.81 6.87
CA ASP D 181 -5.56 -5.26 8.09
C ASP D 181 -6.04 -6.06 9.30
N VAL D 182 -5.47 -7.23 9.50
CA VAL D 182 -5.78 -8.15 10.63
C VAL D 182 -5.45 -7.42 11.94
N ASN D 183 -4.32 -6.73 11.98
CA ASN D 183 -3.85 -6.02 13.19
C ASN D 183 -4.97 -5.08 13.64
N LEU D 184 -5.50 -4.24 12.73
CA LEU D 184 -6.65 -3.35 13.04
C LEU D 184 -7.85 -4.20 13.49
N TYR D 185 -8.30 -5.15 12.67
CA TYR D 185 -9.67 -5.71 12.92
C TYR D 185 -9.69 -6.43 14.28
N LEU D 186 -8.68 -7.25 14.56
CA LEU D 186 -8.70 -8.09 15.76
C LEU D 186 -8.96 -7.21 16.99
N ARG D 187 -8.56 -5.93 16.93
CA ARG D 187 -8.57 -5.04 18.10
C ARG D 187 -10.01 -4.62 18.42
N ARG D 188 -10.93 -4.68 17.44
CA ARG D 188 -12.40 -4.52 17.67
C ARG D 188 -12.80 -5.36 18.89
N PHE D 189 -12.19 -6.53 19.03
CA PHE D 189 -12.53 -7.53 20.06
C PHE D 189 -11.53 -7.45 21.22
N LEU D 190 -10.24 -7.30 20.94
CA LEU D 190 -9.19 -7.56 21.96
C LEU D 190 -9.04 -6.37 22.92
N THR D 191 -9.33 -5.13 22.50
CA THR D 191 -8.98 -3.96 23.36
C THR D 191 -10.17 -3.03 23.66
N THR D 192 -11.38 -3.36 23.22
CA THR D 192 -12.55 -2.48 23.34
C THR D 192 -13.27 -2.71 24.67
N LEU D 193 -14.00 -1.69 25.07
CA LEU D 193 -14.66 -1.60 26.40
C LEU D 193 -15.97 -2.39 26.39
N ASP D 194 -16.53 -2.69 25.21
CA ASP D 194 -17.77 -3.49 25.12
C ASP D 194 -17.43 -4.98 25.20
N TYR D 195 -16.17 -5.37 24.93
CA TYR D 195 -15.74 -6.80 24.94
C TYR D 195 -14.96 -7.14 26.22
N ASN D 196 -14.32 -6.15 26.85
CA ASN D 196 -13.38 -6.36 27.96
C ASN D 196 -13.72 -5.36 29.04
N TYR D 197 -13.56 -5.74 30.31
CA TYR D 197 -13.69 -4.75 31.41
C TYR D 197 -12.53 -3.75 31.29
N SER D 198 -11.30 -4.26 31.21
CA SER D 198 -10.09 -3.42 31.01
C SER D 198 -9.68 -3.46 29.54
N PRO D 199 -9.21 -2.34 28.95
CA PRO D 199 -8.76 -2.38 27.56
C PRO D 199 -7.36 -2.96 27.48
N ASN D 200 -6.87 -3.50 28.59
CA ASN D 200 -5.43 -3.85 28.73
C ASN D 200 -5.29 -5.32 29.14
N VAL D 201 -6.20 -6.17 28.71
CA VAL D 201 -6.09 -7.64 28.98
C VAL D 201 -4.86 -8.18 28.23
N PHE D 202 -4.58 -7.66 27.05
CA PHE D 202 -3.59 -8.19 26.07
C PHE D 202 -2.41 -7.23 25.94
N SER D 203 -1.19 -7.72 26.16
CA SER D 203 0.05 -6.99 25.82
C SER D 203 0.07 -6.91 24.29
N GLU D 204 0.94 -6.08 23.70
CA GLU D 204 1.16 -6.04 22.23
C GLU D 204 1.71 -7.40 21.74
N GLU D 205 2.53 -8.09 22.53
CA GLU D 205 3.07 -9.42 22.16
C GLU D 205 1.89 -10.42 22.07
N ASP D 206 0.92 -10.38 22.99
CA ASP D 206 -0.24 -11.29 22.94
C ASP D 206 -1.04 -11.01 21.66
N ILE D 207 -1.26 -9.74 21.35
CA ILE D 207 -2.10 -9.38 20.16
C ILE D 207 -1.35 -9.83 18.92
N ALA D 208 -0.05 -9.59 18.91
CA ALA D 208 0.83 -10.01 17.80
C ALA D 208 0.78 -11.53 17.61
N GLU D 209 0.60 -12.32 18.66
CA GLU D 209 0.43 -13.79 18.49
C GLU D 209 -0.88 -14.05 17.74
N TYR D 210 -1.97 -13.45 18.17
CA TYR D 210 -3.29 -13.72 17.56
C TYR D 210 -3.34 -13.08 16.17
N VAL D 211 -2.60 -12.02 15.91
CA VAL D 211 -2.45 -11.51 14.51
C VAL D 211 -1.63 -12.53 13.70
N ARG D 212 -0.54 -13.07 14.23
CA ARG D 212 0.23 -14.06 13.45
C ARG D 212 -0.71 -15.19 12.97
N VAL D 213 -1.39 -15.87 13.90
CA VAL D 213 -2.17 -17.08 13.53
C VAL D 213 -3.29 -16.65 12.57
N ASN D 214 -3.87 -15.46 12.75
CA ASN D 214 -5.04 -15.08 11.91
C ASN D 214 -4.55 -14.49 10.58
N SER D 215 -3.28 -14.22 10.46
CA SER D 215 -2.63 -13.78 9.21
C SER D 215 -2.14 -15.00 8.41
N LEU D 216 -2.27 -16.23 8.92
CA LEU D 216 -1.94 -17.43 8.08
C LEU D 216 -3.04 -17.56 7.04
N PRO D 217 -2.73 -17.65 5.73
CA PRO D 217 -3.77 -17.80 4.71
C PRO D 217 -4.67 -18.99 5.04
N GLY D 218 -5.96 -18.68 5.18
CA GLY D 218 -7.05 -19.65 5.42
C GLY D 218 -7.69 -19.45 6.81
N SER D 219 -6.96 -18.84 7.73
CA SER D 219 -7.39 -18.58 9.12
C SER D 219 -8.64 -17.68 9.11
N ILE D 220 -8.65 -16.58 8.35
CA ILE D 220 -9.83 -15.66 8.29
C ILE D 220 -10.95 -16.34 7.54
N ARG D 221 -10.65 -17.01 6.43
CA ARG D 221 -11.71 -17.70 5.66
C ARG D 221 -12.39 -18.73 6.58
N SER D 222 -11.63 -19.64 7.21
CA SER D 222 -12.11 -20.64 8.19
C SER D 222 -12.93 -19.91 9.29
N GLY D 223 -12.37 -18.88 9.89
CA GLY D 223 -13.06 -18.09 10.94
C GLY D 223 -14.44 -17.65 10.43
N CYS D 224 -14.55 -17.11 9.23
CA CYS D 224 -15.89 -16.68 8.71
C CYS D 224 -16.78 -17.89 8.42
N GLN D 225 -16.27 -19.04 8.02
CA GLN D 225 -17.09 -20.28 7.90
C GLN D 225 -17.70 -20.66 9.27
N TRP D 226 -17.01 -20.36 10.37
CA TRP D 226 -17.52 -20.60 11.74
C TRP D 226 -18.80 -19.80 11.95
N TYR D 227 -18.81 -18.52 11.55
CA TYR D 227 -20.04 -17.70 11.72
C TYR D 227 -21.07 -18.07 10.67
N ALA D 228 -20.66 -18.35 9.43
CA ALA D 228 -21.57 -18.72 8.32
C ALA D 228 -22.35 -20.02 8.66
N THR D 229 -21.67 -21.07 9.14
CA THR D 229 -22.35 -22.31 9.61
C THR D 229 -23.11 -21.94 10.90
N GLY D 230 -22.49 -21.13 11.74
CA GLY D 230 -23.18 -20.45 12.87
C GLY D 230 -24.64 -20.06 12.57
N LEU D 231 -25.00 -19.56 11.37
CA LEU D 231 -26.36 -19.01 11.14
C LEU D 231 -27.19 -19.87 10.17
N ARG D 232 -26.64 -21.02 9.79
CA ARG D 232 -27.30 -21.92 8.81
C ARG D 232 -27.48 -23.29 9.46
N GLU D 233 -26.53 -24.20 9.28
CA GLU D 233 -26.69 -25.62 9.69
C GLU D 233 -26.69 -25.72 11.22
N ASP D 234 -25.90 -24.90 11.90
CA ASP D 234 -25.76 -24.91 13.39
C ASP D 234 -27.12 -24.65 14.04
N THR D 235 -27.97 -23.83 13.39
CA THR D 235 -29.29 -23.37 13.89
C THR D 235 -30.30 -24.50 13.72
N GLU D 236 -30.17 -25.24 12.64
CA GLU D 236 -30.96 -26.49 12.43
C GLU D 236 -30.54 -27.47 13.55
N ASN D 237 -29.24 -27.65 13.80
CA ASN D 237 -28.73 -28.71 14.71
C ASN D 237 -29.24 -28.39 16.14
N LEU D 238 -29.31 -27.10 16.47
CA LEU D 238 -29.75 -26.67 17.82
C LEU D 238 -31.27 -26.87 17.99
N ALA D 239 -32.08 -26.61 16.95
CA ALA D 239 -33.54 -26.85 16.98
C ALA D 239 -33.86 -28.36 17.23
N LYS D 240 -32.91 -29.25 16.95
CA LYS D 240 -33.10 -30.72 17.04
C LYS D 240 -32.38 -31.30 18.27
N ALA D 241 -31.65 -30.47 19.03
CA ALA D 241 -30.91 -30.88 20.27
C ALA D 241 -31.77 -30.64 21.52
N THR D 242 -32.76 -31.50 21.75
CA THR D 242 -33.77 -31.34 22.82
C THR D 242 -33.62 -32.42 23.89
N ASP D 243 -32.81 -33.44 23.60
CA ASP D 243 -32.34 -34.47 24.56
C ASP D 243 -31.23 -33.82 25.41
N LYS D 244 -31.61 -33.37 26.60
CA LYS D 244 -30.76 -32.53 27.48
C LYS D 244 -29.61 -33.38 27.98
N LEU D 245 -28.47 -32.72 28.27
CA LEU D 245 -27.29 -33.37 28.91
C LEU D 245 -27.70 -33.75 30.34
N THR D 246 -27.14 -34.83 30.84
CA THR D 246 -27.36 -35.33 32.22
C THR D 246 -26.13 -35.05 33.08
N ILE D 247 -24.97 -34.85 32.45
CA ILE D 247 -23.65 -34.63 33.13
C ILE D 247 -23.65 -33.27 33.83
N PRO D 248 -22.92 -33.09 34.96
CA PRO D 248 -22.77 -31.75 35.54
C PRO D 248 -22.30 -30.73 34.50
N VAL D 249 -22.92 -29.54 34.52
CA VAL D 249 -22.52 -28.40 33.66
C VAL D 249 -22.37 -27.17 34.55
N ILE D 250 -21.32 -26.37 34.34
CA ILE D 250 -21.22 -24.99 34.88
C ILE D 250 -20.96 -24.03 33.72
N ALA D 251 -21.47 -22.83 33.86
CA ALA D 251 -21.55 -21.82 32.78
C ALA D 251 -21.42 -20.46 33.42
N TRP D 252 -20.24 -19.85 33.25
CA TRP D 252 -19.85 -18.52 33.78
C TRP D 252 -19.66 -17.58 32.60
N GLY D 253 -20.53 -16.58 32.49
CA GLY D 253 -20.29 -15.44 31.58
C GLY D 253 -19.59 -14.34 32.34
N GLY D 254 -19.00 -13.36 31.64
CA GLY D 254 -18.46 -12.13 32.24
C GLY D 254 -19.56 -11.11 32.47
N SER D 255 -19.52 -10.43 33.61
CA SER D 255 -20.43 -9.30 33.98
C SER D 255 -20.58 -8.36 32.79
N HIS D 256 -19.50 -8.04 32.07
CA HIS D 256 -19.42 -6.97 31.03
C HIS D 256 -19.49 -7.55 29.61
N PHE D 257 -19.90 -8.80 29.47
CA PHE D 257 -20.40 -9.35 28.20
C PHE D 257 -21.67 -10.15 28.43
N LEU D 258 -21.64 -11.49 28.47
CA LEU D 258 -22.89 -12.30 28.39
C LEU D 258 -23.58 -12.43 29.77
N GLY D 259 -22.87 -12.22 30.89
CA GLY D 259 -23.44 -12.18 32.26
C GLY D 259 -23.93 -13.55 32.73
N ASP D 260 -25.11 -13.59 33.35
CA ASP D 260 -25.66 -14.85 33.91
C ASP D 260 -26.15 -15.71 32.73
N ILE D 261 -25.29 -16.58 32.23
CA ILE D 261 -25.62 -17.48 31.09
C ILE D 261 -26.30 -18.79 31.56
N ARG D 262 -26.58 -18.96 32.86
CA ARG D 262 -27.15 -20.22 33.40
C ARG D 262 -28.44 -20.61 32.69
N PRO D 263 -29.43 -19.68 32.53
CA PRO D 263 -30.70 -20.02 31.88
C PRO D 263 -30.53 -20.57 30.45
N ALA D 264 -29.68 -19.95 29.63
CA ALA D 264 -29.35 -20.46 28.27
C ALA D 264 -28.90 -21.93 28.36
N TRP D 265 -28.16 -22.32 29.39
CA TRP D 265 -27.58 -23.69 29.47
C TRP D 265 -28.59 -24.67 30.09
N GLN D 266 -29.53 -24.17 30.93
CA GLN D 266 -30.65 -24.97 31.51
C GLN D 266 -31.60 -25.47 30.42
N GLU D 267 -31.70 -24.76 29.29
CA GLU D 267 -32.53 -25.20 28.13
C GLU D 267 -31.98 -26.50 27.52
N VAL D 268 -30.69 -26.80 27.68
CA VAL D 268 -30.07 -27.98 26.99
C VAL D 268 -29.40 -28.93 28.00
N ALA D 269 -29.52 -28.69 29.30
CA ALA D 269 -28.84 -29.47 30.36
C ALA D 269 -29.66 -29.51 31.68
N GLU D 270 -29.79 -30.70 32.27
CA GLU D 270 -30.65 -30.93 33.48
C GLU D 270 -30.01 -30.32 34.74
N ASN D 271 -28.67 -30.31 34.82
CA ASN D 271 -27.85 -30.03 36.03
C ASN D 271 -26.86 -28.93 35.68
N VAL D 272 -27.27 -27.67 35.89
CA VAL D 272 -26.51 -26.44 35.53
C VAL D 272 -26.37 -25.59 36.79
N GLU D 273 -25.17 -25.09 37.08
CA GLU D 273 -24.88 -24.05 38.09
C GLU D 273 -23.96 -23.01 37.44
N GLY D 274 -23.66 -21.92 38.14
CA GLY D 274 -22.66 -20.91 37.69
C GLY D 274 -23.18 -19.48 37.88
N GLY D 275 -22.90 -18.58 36.93
CA GLY D 275 -23.39 -17.18 36.98
C GLY D 275 -22.45 -16.22 36.24
N ALA D 276 -22.25 -15.02 36.80
CA ALA D 276 -21.47 -13.92 36.21
C ALA D 276 -20.17 -13.77 36.98
N VAL D 277 -19.03 -13.67 36.27
CA VAL D 277 -17.69 -13.27 36.82
C VAL D 277 -17.66 -11.74 36.86
N GLU D 278 -17.38 -11.16 38.03
CA GLU D 278 -17.58 -9.71 38.24
C GLU D 278 -16.39 -8.94 37.63
N ASN D 279 -16.71 -7.78 37.07
CA ASN D 279 -15.76 -6.80 36.44
C ASN D 279 -14.88 -7.55 35.43
N CYS D 280 -15.51 -8.33 34.57
CA CYS D 280 -14.83 -9.21 33.60
C CYS D 280 -15.64 -9.16 32.31
N GLY D 281 -14.93 -9.04 31.17
CA GLY D 281 -15.52 -8.96 29.84
C GLY D 281 -15.59 -10.36 29.25
N HIS D 282 -15.44 -10.45 27.95
CA HIS D 282 -15.77 -11.67 27.19
C HIS D 282 -14.64 -12.68 27.38
N PHE D 283 -13.40 -12.23 27.56
CA PHE D 283 -12.18 -13.08 27.44
C PHE D 283 -11.77 -13.55 28.84
N VAL D 284 -12.62 -14.40 29.40
CA VAL D 284 -12.61 -14.77 30.85
C VAL D 284 -11.27 -15.47 31.11
N PRO D 285 -10.82 -16.38 30.23
CA PRO D 285 -9.55 -17.06 30.52
C PRO D 285 -8.35 -16.10 30.61
N GLU D 286 -8.39 -14.89 30.02
CA GLU D 286 -7.22 -13.97 30.06
C GLU D 286 -7.46 -12.77 30.97
N GLU D 287 -8.71 -12.33 31.14
CA GLU D 287 -9.00 -11.17 32.01
C GLU D 287 -9.10 -11.67 33.45
N LYS D 288 -9.59 -12.90 33.67
CA LYS D 288 -9.72 -13.48 35.05
C LYS D 288 -9.29 -14.94 35.04
N PRO D 289 -7.98 -15.19 34.77
CA PRO D 289 -7.42 -16.56 34.78
C PRO D 289 -7.59 -17.25 36.14
N GLN D 290 -7.34 -16.54 37.25
CA GLN D 290 -7.41 -17.10 38.64
C GLN D 290 -8.85 -17.64 38.85
N PHE D 291 -9.86 -16.89 38.40
CA PHE D 291 -11.26 -17.34 38.50
C PHE D 291 -11.37 -18.66 37.74
N VAL D 292 -10.82 -18.75 36.54
CA VAL D 292 -11.02 -19.99 35.72
C VAL D 292 -10.29 -21.16 36.41
N ILE D 293 -9.12 -20.89 36.94
CA ILE D 293 -8.26 -21.90 37.63
C ILE D 293 -9.03 -22.50 38.82
N ASP D 294 -9.60 -21.64 39.69
CA ASP D 294 -10.18 -22.07 41.00
C ASP D 294 -11.47 -22.87 40.73
N THR D 295 -12.33 -22.34 39.86
CA THR D 295 -13.58 -22.98 39.41
C THR D 295 -13.22 -24.36 38.82
N ALA D 296 -12.23 -24.42 37.93
CA ALA D 296 -11.95 -25.65 37.17
C ALA D 296 -11.46 -26.69 38.18
N LEU D 297 -10.49 -26.34 39.02
CA LEU D 297 -9.91 -27.32 40.00
C LEU D 297 -11.05 -27.94 40.83
N LYS D 298 -12.02 -27.11 41.26
CA LYS D 298 -13.09 -27.52 42.21
C LYS D 298 -14.11 -28.34 41.40
N PHE D 299 -14.52 -27.86 40.23
CA PHE D 299 -15.56 -28.52 39.40
C PHE D 299 -15.12 -29.93 38.92
N PHE D 300 -13.84 -30.11 38.57
CA PHE D 300 -13.31 -31.37 37.97
C PHE D 300 -12.68 -32.30 39.03
N ALA D 301 -12.42 -31.82 40.26
CA ALA D 301 -11.81 -32.59 41.39
C ALA D 301 -12.49 -33.96 41.51
N PRO D 302 -13.84 -34.08 41.49
CA PRO D 302 -14.50 -35.38 41.54
C PRO D 302 -14.10 -36.46 40.52
N LEU D 303 -13.33 -36.11 39.49
CA LEU D 303 -13.01 -36.98 38.33
C LEU D 303 -11.59 -37.55 38.45
N ARG D 304 -10.72 -36.90 39.24
CA ARG D 304 -9.42 -37.44 39.71
C ARG D 304 -9.69 -38.79 40.37
N GLU E 22 -27.71 -10.88 -30.44
CA GLU E 22 -27.58 -9.83 -29.33
C GLU E 22 -27.75 -10.43 -27.91
N ILE E 23 -26.81 -10.14 -27.00
CA ILE E 23 -26.57 -10.89 -25.74
C ILE E 23 -27.41 -10.30 -24.59
N THR E 24 -28.15 -11.13 -23.84
CA THR E 24 -28.87 -10.74 -22.60
C THR E 24 -28.26 -11.47 -21.39
N HIS E 25 -28.10 -10.73 -20.28
CA HIS E 25 -27.66 -11.27 -18.95
C HIS E 25 -28.86 -11.87 -18.22
N HIS E 26 -28.65 -13.09 -17.66
CA HIS E 26 -29.64 -13.83 -16.82
C HIS E 26 -28.96 -14.45 -15.59
N GLN E 27 -29.75 -14.81 -14.61
CA GLN E 27 -29.27 -15.75 -13.57
C GLN E 27 -30.35 -16.78 -13.29
N ALA E 28 -29.91 -17.85 -12.64
CA ALA E 28 -30.74 -18.98 -12.19
C ALA E 28 -30.14 -19.56 -10.92
N MET E 29 -31.00 -20.07 -10.05
CA MET E 29 -30.58 -20.76 -8.81
C MET E 29 -30.27 -22.19 -9.27
N ILE E 30 -29.01 -22.58 -9.18
CA ILE E 30 -28.50 -23.86 -9.71
C ILE E 30 -27.72 -24.50 -8.57
N ASN E 31 -28.07 -25.70 -8.18
CA ASN E 31 -27.38 -26.42 -7.07
C ASN E 31 -26.97 -25.47 -5.93
N GLY E 32 -27.92 -24.69 -5.40
CA GLY E 32 -27.74 -23.87 -4.20
C GLY E 32 -26.97 -22.56 -4.42
N TYR E 33 -26.62 -22.14 -5.61
CA TYR E 33 -25.96 -20.83 -5.81
C TYR E 33 -26.58 -20.13 -7.00
N ARG E 34 -26.38 -18.82 -7.13
CA ARG E 34 -26.89 -18.05 -8.30
C ARG E 34 -25.85 -18.12 -9.39
N MET E 35 -26.20 -18.78 -10.49
CA MET E 35 -25.33 -18.89 -11.68
C MET E 35 -25.66 -17.75 -12.65
N HIS E 36 -24.67 -16.95 -13.02
CA HIS E 36 -24.74 -16.01 -14.17
C HIS E 36 -24.57 -16.76 -15.48
N TYR E 37 -25.35 -16.36 -16.49
CA TYR E 37 -25.22 -16.84 -17.87
C TYR E 37 -25.79 -15.78 -18.82
N VAL E 38 -25.26 -15.78 -20.04
CA VAL E 38 -25.79 -14.95 -21.14
C VAL E 38 -26.42 -15.90 -22.15
N THR E 39 -27.44 -15.39 -22.87
CA THR E 39 -28.06 -16.02 -24.04
C THR E 39 -28.10 -15.05 -25.23
N ALA E 40 -28.17 -15.62 -26.43
CA ALA E 40 -28.34 -14.92 -27.71
C ALA E 40 -28.90 -15.91 -28.74
N GLY E 41 -29.72 -15.42 -29.65
CA GLY E 41 -30.09 -16.10 -30.91
C GLY E 41 -31.35 -16.92 -30.76
N SER E 42 -31.61 -17.84 -31.70
CA SER E 42 -32.76 -18.76 -31.70
C SER E 42 -32.38 -20.05 -32.44
N GLY E 43 -33.21 -21.09 -32.28
CA GLY E 43 -33.00 -22.47 -32.73
C GLY E 43 -32.14 -23.31 -31.77
N TYR E 44 -31.43 -24.28 -32.33
CA TYR E 44 -30.82 -25.39 -31.56
C TYR E 44 -29.80 -24.81 -30.60
N PRO E 45 -29.80 -25.23 -29.32
CA PRO E 45 -28.89 -24.70 -28.33
C PRO E 45 -27.42 -25.17 -28.35
N LEU E 46 -26.52 -24.21 -28.37
CA LEU E 46 -25.09 -24.42 -28.12
C LEU E 46 -24.74 -23.82 -26.76
N VAL E 47 -24.13 -24.66 -25.90
CA VAL E 47 -23.59 -24.30 -24.58
C VAL E 47 -22.08 -24.09 -24.73
N LEU E 48 -21.63 -22.91 -24.38
CA LEU E 48 -20.23 -22.47 -24.48
C LEU E 48 -19.64 -22.43 -23.07
N LEU E 49 -18.63 -23.26 -22.80
CA LEU E 49 -18.03 -23.37 -21.45
C LEU E 49 -16.61 -22.80 -21.41
N HIS E 50 -16.47 -21.73 -20.65
CA HIS E 50 -15.21 -21.00 -20.43
C HIS E 50 -14.30 -21.78 -19.51
N GLY E 51 -13.08 -21.28 -19.34
CA GLY E 51 -12.05 -21.81 -18.43
C GLY E 51 -11.39 -20.68 -17.67
N TRP E 52 -10.15 -20.90 -17.25
CA TRP E 52 -9.51 -20.06 -16.20
C TRP E 52 -8.39 -19.28 -16.87
N PRO E 53 -8.17 -17.98 -16.51
CA PRO E 53 -8.95 -17.26 -15.51
C PRO E 53 -10.05 -16.41 -16.14
N GLN E 54 -11.02 -16.99 -16.83
CA GLN E 54 -11.94 -16.22 -17.72
C GLN E 54 -13.40 -16.37 -17.24
N SER E 55 -14.35 -16.42 -18.16
CA SER E 55 -15.80 -16.24 -17.92
C SER E 55 -16.51 -16.32 -19.27
N TRP E 56 -17.81 -16.04 -19.32
CA TRP E 56 -18.58 -16.03 -20.59
C TRP E 56 -17.94 -15.05 -21.58
N TYR E 57 -17.21 -14.06 -21.10
CA TYR E 57 -16.74 -12.89 -21.89
C TYR E 57 -15.74 -13.40 -22.93
N GLU E 58 -15.13 -14.57 -22.72
CA GLU E 58 -14.13 -15.10 -23.66
C GLU E 58 -14.83 -15.45 -24.97
N TRP E 59 -16.14 -15.69 -24.95
CA TRP E 59 -16.94 -16.06 -26.14
C TRP E 59 -17.53 -14.84 -26.86
N ARG E 60 -17.16 -13.61 -26.49
CA ARG E 60 -17.96 -12.42 -26.88
C ARG E 60 -17.86 -12.18 -28.40
N ASN E 61 -16.81 -12.64 -29.09
CA ASN E 61 -16.60 -12.38 -30.55
C ASN E 61 -17.02 -13.60 -31.38
N VAL E 62 -17.48 -14.66 -30.71
CA VAL E 62 -18.01 -15.90 -31.34
C VAL E 62 -19.53 -15.95 -31.24
N ILE E 63 -20.08 -15.47 -30.14
CA ILE E 63 -21.54 -15.61 -29.82
C ILE E 63 -22.38 -14.99 -30.94
N PRO E 64 -22.11 -13.76 -31.42
CA PRO E 64 -22.98 -13.15 -32.44
C PRO E 64 -23.07 -13.99 -33.74
N ALA E 65 -21.94 -14.43 -34.32
CA ALA E 65 -21.99 -15.30 -35.53
C ALA E 65 -22.77 -16.60 -35.23
N LEU E 66 -22.56 -17.26 -34.08
CA LEU E 66 -23.25 -18.53 -33.78
C LEU E 66 -24.76 -18.27 -33.62
N ALA E 67 -25.11 -17.12 -33.06
CA ALA E 67 -26.49 -16.75 -32.74
C ALA E 67 -27.29 -16.48 -34.00
N GLU E 68 -26.65 -16.31 -35.15
CA GLU E 68 -27.39 -16.11 -36.44
C GLU E 68 -28.13 -17.40 -36.81
N GLN E 69 -27.77 -18.52 -36.15
CA GLN E 69 -28.16 -19.90 -36.58
C GLN E 69 -28.47 -20.79 -35.36
N PHE E 70 -28.10 -20.38 -34.15
CA PHE E 70 -28.32 -21.20 -32.94
C PHE E 70 -28.79 -20.31 -31.79
N THR E 71 -29.42 -20.90 -30.77
CA THR E 71 -29.52 -20.33 -29.39
C THR E 71 -28.18 -20.59 -28.75
N VAL E 72 -27.52 -19.55 -28.25
CA VAL E 72 -26.19 -19.63 -27.58
C VAL E 72 -26.35 -19.31 -26.10
N ILE E 73 -25.75 -20.15 -25.28
CA ILE E 73 -25.81 -20.16 -23.79
C ILE E 73 -24.37 -20.27 -23.32
N ALA E 74 -23.90 -19.23 -22.64
CA ALA E 74 -22.55 -19.10 -22.07
C ALA E 74 -22.73 -18.75 -20.60
N PRO E 75 -22.61 -19.72 -19.67
CA PRO E 75 -22.60 -19.42 -18.23
C PRO E 75 -21.21 -19.07 -17.70
N ASP E 76 -21.15 -18.38 -16.57
CA ASP E 76 -19.97 -18.28 -15.69
C ASP E 76 -20.03 -19.48 -14.74
N LEU E 77 -19.05 -20.37 -14.89
CA LEU E 77 -19.00 -21.63 -14.15
C LEU E 77 -18.79 -21.36 -12.64
N ARG E 78 -19.21 -22.31 -11.82
CA ARG E 78 -19.16 -22.20 -10.34
C ARG E 78 -17.92 -21.43 -9.93
N GLY E 79 -18.11 -20.34 -9.20
CA GLY E 79 -17.05 -19.65 -8.48
C GLY E 79 -16.39 -18.58 -9.33
N LEU E 80 -16.51 -18.65 -10.65
CA LEU E 80 -15.85 -17.64 -11.52
C LEU E 80 -16.85 -16.62 -12.09
N GLY E 81 -16.33 -15.65 -12.83
CA GLY E 81 -17.12 -14.60 -13.50
C GLY E 81 -17.96 -13.89 -12.46
N ASP E 82 -19.23 -13.66 -12.74
CA ASP E 82 -20.15 -12.98 -11.82
C ASP E 82 -20.99 -14.03 -11.09
N SER E 83 -20.73 -15.31 -11.32
CA SER E 83 -21.50 -16.38 -10.64
C SER E 83 -21.20 -16.30 -9.13
N GLU E 84 -22.14 -16.76 -8.29
CA GLU E 84 -21.85 -17.00 -6.87
C GLU E 84 -20.78 -18.11 -6.72
N LYS E 85 -20.26 -18.21 -5.49
CA LYS E 85 -18.93 -18.79 -5.20
C LYS E 85 -19.09 -19.74 -4.00
N PRO E 86 -19.63 -20.96 -4.19
CA PRO E 86 -19.72 -21.90 -3.09
C PRO E 86 -18.30 -22.27 -2.63
N MET E 87 -18.23 -23.02 -1.53
CA MET E 87 -16.96 -23.33 -0.85
C MET E 87 -16.44 -24.67 -1.33
N THR E 88 -17.31 -25.52 -1.88
CA THR E 88 -16.98 -26.88 -2.37
C THR E 88 -17.63 -27.17 -3.73
N GLY E 89 -17.36 -28.37 -4.27
CA GLY E 89 -17.94 -28.92 -5.53
C GLY E 89 -17.25 -28.35 -6.75
N PHE E 90 -15.93 -28.16 -6.70
CA PHE E 90 -15.12 -27.63 -7.83
C PHE E 90 -14.55 -28.74 -8.72
N ASP E 91 -14.61 -30.00 -8.29
CA ASP E 91 -14.30 -31.17 -9.17
C ASP E 91 -15.13 -31.03 -10.45
N LYS E 92 -14.61 -31.42 -11.62
CA LYS E 92 -15.27 -31.05 -12.90
C LYS E 92 -16.58 -31.84 -13.08
N ARG E 93 -16.69 -33.02 -12.46
CA ARG E 93 -17.92 -33.84 -12.60
C ARG E 93 -19.12 -33.04 -12.01
N THR E 94 -18.92 -32.42 -10.86
CA THR E 94 -19.95 -31.63 -10.13
C THR E 94 -20.26 -30.36 -10.91
N MET E 95 -19.24 -29.68 -11.45
CA MET E 95 -19.51 -28.42 -12.18
C MET E 95 -20.27 -28.80 -13.44
N ALA E 96 -20.06 -30.02 -13.92
CA ALA E 96 -20.84 -30.57 -15.05
C ALA E 96 -22.29 -30.64 -14.61
N THR E 97 -22.62 -31.01 -13.35
CA THR E 97 -24.04 -31.13 -12.90
C THR E 97 -24.72 -29.75 -12.90
N ASP E 98 -23.96 -28.66 -12.73
CA ASP E 98 -24.53 -27.28 -12.76
C ASP E 98 -25.00 -27.03 -14.19
N VAL E 99 -24.17 -27.43 -15.16
CA VAL E 99 -24.47 -27.15 -16.58
C VAL E 99 -25.72 -27.95 -16.93
N ARG E 100 -25.80 -29.19 -16.42
CA ARG E 100 -26.97 -30.09 -16.59
C ARG E 100 -28.21 -29.36 -16.04
N GLU E 101 -28.14 -28.82 -14.81
CA GLU E 101 -29.31 -28.13 -14.17
C GLU E 101 -29.68 -26.89 -14.99
N LEU E 102 -28.69 -26.12 -15.41
CA LEU E 102 -28.95 -24.89 -16.21
C LEU E 102 -29.74 -25.25 -17.48
N VAL E 103 -29.22 -26.24 -18.23
CA VAL E 103 -29.80 -26.69 -19.52
C VAL E 103 -31.23 -27.19 -19.26
N SER E 104 -31.43 -27.87 -18.14
CA SER E 104 -32.75 -28.41 -17.69
C SER E 104 -33.70 -27.25 -17.28
N HIS E 105 -33.24 -26.25 -16.55
CA HIS E 105 -34.01 -25.01 -16.24
C HIS E 105 -34.47 -24.33 -17.55
N LEU E 106 -33.64 -24.38 -18.57
CA LEU E 106 -33.89 -23.69 -19.86
C LEU E 106 -34.81 -24.53 -20.75
N GLY E 107 -35.04 -25.81 -20.44
CA GLY E 107 -36.08 -26.62 -21.09
C GLY E 107 -35.54 -27.42 -22.28
N TYR E 108 -34.24 -27.64 -22.35
CA TYR E 108 -33.58 -28.35 -23.48
C TYR E 108 -33.27 -29.79 -23.03
N ASP E 109 -33.54 -30.80 -23.88
CA ASP E 109 -33.13 -32.20 -23.63
C ASP E 109 -32.04 -32.61 -24.64
N LYS E 110 -31.69 -31.73 -25.59
CA LYS E 110 -30.60 -31.95 -26.58
C LYS E 110 -29.82 -30.66 -26.77
N VAL E 111 -28.51 -30.72 -26.52
CA VAL E 111 -27.60 -29.57 -26.76
C VAL E 111 -26.31 -30.03 -27.44
N GLY E 112 -25.65 -29.05 -28.02
CA GLY E 112 -24.24 -29.14 -28.43
C GLY E 112 -23.39 -28.30 -27.52
N VAL E 113 -22.14 -28.70 -27.35
CA VAL E 113 -21.27 -28.07 -26.30
C VAL E 113 -19.93 -27.74 -26.91
N ILE E 114 -19.48 -26.50 -26.63
CA ILE E 114 -18.10 -26.04 -26.89
C ILE E 114 -17.46 -25.80 -25.53
N GLY E 115 -16.26 -26.34 -25.32
CA GLY E 115 -15.51 -26.24 -24.04
C GLY E 115 -14.06 -25.86 -24.28
N HIS E 116 -13.56 -24.86 -23.54
CA HIS E 116 -12.19 -24.31 -23.59
C HIS E 116 -11.49 -24.43 -22.24
N ASP E 117 -10.20 -24.74 -22.25
CA ASP E 117 -9.40 -24.83 -21.00
C ASP E 117 -10.20 -25.74 -20.04
N TRP E 118 -10.38 -25.35 -18.79
CA TRP E 118 -11.17 -26.15 -17.82
C TRP E 118 -12.62 -26.38 -18.30
N GLY E 119 -13.22 -25.47 -19.07
CA GLY E 119 -14.59 -25.67 -19.60
C GLY E 119 -14.65 -26.91 -20.47
N GLY E 120 -13.50 -27.25 -21.06
CA GLY E 120 -13.29 -28.48 -21.82
C GLY E 120 -13.44 -29.72 -20.94
N SER E 121 -12.85 -29.72 -19.74
CA SER E 121 -12.83 -30.93 -18.86
C SER E 121 -14.24 -31.06 -18.27
N VAL E 122 -14.90 -29.91 -18.01
CA VAL E 122 -16.33 -29.85 -17.58
C VAL E 122 -17.18 -30.41 -18.72
N ALA E 123 -16.97 -30.01 -19.96
CA ALA E 123 -17.78 -30.49 -21.09
C ALA E 123 -17.61 -32.01 -21.23
N PHE E 124 -16.41 -32.51 -20.98
CA PHE E 124 -16.17 -33.98 -21.10
C PHE E 124 -17.04 -34.72 -20.08
N TYR E 125 -17.03 -34.33 -18.79
CA TYR E 125 -17.87 -35.02 -17.75
C TYR E 125 -19.34 -34.77 -18.07
N PHE E 126 -19.67 -33.61 -18.62
CA PHE E 126 -21.09 -33.28 -18.98
C PHE E 126 -21.58 -34.29 -20.01
N ALA E 127 -20.79 -34.50 -21.05
CA ALA E 127 -21.13 -35.46 -22.13
C ALA E 127 -21.05 -36.92 -21.63
N TYR E 128 -20.11 -37.21 -20.74
CA TYR E 128 -19.84 -38.59 -20.23
C TYR E 128 -21.01 -39.05 -19.36
N ASP E 129 -21.51 -38.15 -18.50
CA ASP E 129 -22.53 -38.43 -17.45
C ASP E 129 -23.96 -38.26 -18.02
N ASN E 130 -24.11 -37.70 -19.23
CA ASN E 130 -25.44 -37.37 -19.84
C ASN E 130 -25.42 -37.77 -21.31
N ARG E 131 -25.46 -39.09 -21.58
CA ARG E 131 -25.18 -39.69 -22.91
C ARG E 131 -26.28 -39.30 -23.90
N ASP E 132 -27.48 -39.01 -23.43
CA ASP E 132 -28.66 -38.71 -24.29
C ASP E 132 -28.84 -37.20 -24.47
N LEU E 133 -28.13 -36.38 -23.70
CA LEU E 133 -28.34 -34.89 -23.64
C LEU E 133 -27.38 -34.15 -24.59
N VAL E 134 -26.08 -34.48 -24.55
CA VAL E 134 -25.02 -33.84 -25.38
C VAL E 134 -24.82 -34.66 -26.65
N GLU E 135 -25.04 -34.03 -27.81
CA GLU E 135 -25.13 -34.71 -29.10
C GLU E 135 -23.80 -34.58 -29.84
N ARG E 136 -23.10 -33.47 -29.61
CA ARG E 136 -21.83 -33.11 -30.32
C ARG E 136 -21.01 -32.28 -29.36
N LEU E 137 -19.71 -32.57 -29.27
CA LEU E 137 -18.77 -31.93 -28.33
C LEU E 137 -17.59 -31.33 -29.11
N PHE E 138 -17.39 -30.00 -29.04
CA PHE E 138 -16.22 -29.24 -29.59
C PHE E 138 -15.30 -28.81 -28.43
N ILE E 139 -14.07 -29.32 -28.44
CA ILE E 139 -13.06 -28.97 -27.38
C ILE E 139 -12.02 -28.03 -27.96
N LEU E 140 -11.56 -27.03 -27.17
CA LEU E 140 -10.46 -26.09 -27.56
C LEU E 140 -9.36 -26.07 -26.49
N ASP E 141 -8.14 -26.36 -26.92
CA ASP E 141 -6.88 -26.31 -26.17
C ASP E 141 -7.12 -26.82 -24.73
N MET E 142 -7.59 -28.05 -24.62
CA MET E 142 -7.70 -28.83 -23.37
C MET E 142 -7.56 -30.32 -23.73
N ILE E 143 -7.01 -31.03 -22.75
CA ILE E 143 -7.04 -32.51 -22.63
C ILE E 143 -8.10 -32.84 -21.57
N PRO E 144 -8.61 -34.09 -21.59
CA PRO E 144 -9.74 -34.47 -20.73
C PRO E 144 -9.60 -34.14 -19.23
N GLY E 145 -8.43 -34.44 -18.65
CA GLY E 145 -8.03 -33.91 -17.34
C GLY E 145 -6.54 -33.70 -17.28
N LEU E 146 -6.01 -33.04 -16.26
CA LEU E 146 -4.53 -32.83 -16.17
C LEU E 146 -3.82 -34.18 -16.22
N ILE E 147 -4.31 -35.25 -15.56
CA ILE E 147 -3.53 -36.51 -15.37
C ILE E 147 -4.40 -37.56 -14.67
N LYS E 148 -4.25 -38.83 -15.02
CA LYS E 148 -4.89 -39.98 -14.35
C LYS E 148 -4.15 -40.29 -13.05
N ALA E 149 -4.85 -40.46 -11.92
CA ALA E 149 -4.29 -41.02 -10.67
C ALA E 149 -3.38 -42.22 -11.05
N GLY E 150 -2.18 -42.27 -10.49
CA GLY E 150 -1.17 -43.36 -10.67
C GLY E 150 -0.14 -43.00 -11.75
N ASP E 151 -0.40 -41.92 -12.50
CA ASP E 151 0.51 -41.40 -13.54
C ASP E 151 1.43 -40.34 -12.93
N SER E 152 2.47 -40.03 -13.70
CA SER E 152 3.57 -39.10 -13.39
C SER E 152 3.65 -37.98 -14.45
N PHE E 153 4.28 -36.88 -14.06
CA PHE E 153 4.51 -35.67 -14.89
C PHE E 153 5.95 -35.66 -15.39
N PRO E 154 6.22 -35.65 -16.73
CA PRO E 154 7.56 -35.32 -17.19
C PRO E 154 7.91 -33.87 -16.79
N ILE E 155 9.21 -33.65 -16.56
CA ILE E 155 9.80 -32.36 -16.15
C ILE E 155 9.43 -31.28 -17.17
N PRO E 156 9.59 -31.45 -18.51
CA PRO E 156 9.13 -30.43 -19.47
C PRO E 156 7.64 -30.02 -19.35
N VAL E 157 6.78 -31.00 -19.05
CA VAL E 157 5.31 -30.77 -18.91
C VAL E 157 5.06 -30.00 -17.60
N ALA E 158 5.75 -30.38 -16.51
CA ALA E 158 5.66 -29.74 -15.17
C ALA E 158 6.06 -28.26 -15.29
N LEU E 159 7.14 -27.96 -16.00
CA LEU E 159 7.61 -26.57 -16.30
C LEU E 159 6.63 -25.85 -17.23
N MET E 160 6.15 -26.49 -18.29
CA MET E 160 5.21 -25.86 -19.26
C MET E 160 3.95 -25.34 -18.52
N ILE E 161 3.40 -26.14 -17.62
CA ILE E 161 2.14 -25.77 -16.89
C ILE E 161 2.39 -25.72 -15.36
N ASN E 162 3.49 -25.09 -14.91
CA ASN E 162 3.93 -25.06 -13.48
C ASN E 162 2.88 -24.39 -12.59
N HIS E 163 2.04 -23.51 -13.14
CA HIS E 163 0.99 -22.78 -12.37
C HIS E 163 0.01 -23.78 -11.75
N ILE E 164 -0.20 -24.96 -12.33
CA ILE E 164 -1.20 -25.92 -11.77
C ILE E 164 -0.82 -26.30 -10.31
N PHE E 165 0.48 -26.44 -10.01
CA PHE E 165 1.01 -26.91 -8.69
C PHE E 165 0.97 -25.75 -7.68
N PHE E 166 1.03 -24.53 -8.20
CA PHE E 166 1.04 -23.32 -7.37
C PHE E 166 -0.41 -23.15 -6.90
N HIS E 167 -1.35 -23.11 -7.83
CA HIS E 167 -2.81 -22.96 -7.52
C HIS E 167 -3.31 -24.14 -6.70
N GLY E 168 -2.81 -25.36 -6.97
CA GLY E 168 -3.44 -26.60 -6.49
C GLY E 168 -2.74 -27.14 -5.26
N GLY E 169 -1.47 -26.79 -5.09
CA GLY E 169 -0.65 -27.31 -3.99
C GLY E 169 -1.21 -26.88 -2.65
N ASN E 170 -1.10 -25.60 -2.29
CA ASN E 170 -1.62 -25.02 -1.02
C ASN E 170 -2.49 -23.82 -1.42
N PRO E 171 -3.72 -24.10 -1.88
CA PRO E 171 -4.60 -23.10 -2.49
C PRO E 171 -4.82 -21.77 -1.74
N ASP E 172 -4.83 -21.80 -0.42
CA ASP E 172 -4.98 -20.61 0.46
C ASP E 172 -3.80 -19.65 0.24
N TRP E 173 -2.61 -20.22 0.12
CA TRP E 173 -1.34 -19.46 0.04
C TRP E 173 -1.25 -18.88 -1.36
N ALA E 174 -1.60 -19.68 -2.39
CA ALA E 174 -1.69 -19.20 -3.80
C ALA E 174 -2.75 -18.11 -3.86
N THR E 175 -3.85 -18.28 -3.13
CA THR E 175 -4.95 -17.28 -3.14
C THR E 175 -4.41 -15.94 -2.59
N ALA E 176 -3.62 -16.00 -1.50
CA ALA E 176 -3.08 -14.79 -0.86
C ALA E 176 -2.17 -14.05 -1.85
N LEU E 177 -1.22 -14.79 -2.43
CA LEU E 177 -0.11 -14.22 -3.25
C LEU E 177 -0.72 -13.63 -4.50
N ILE E 178 -1.70 -14.32 -5.06
CA ILE E 178 -2.39 -13.85 -6.29
C ILE E 178 -3.21 -12.60 -5.98
N SER E 179 -4.08 -12.67 -4.97
CA SER E 179 -5.04 -11.59 -4.61
C SER E 179 -4.32 -10.26 -4.32
N LYS E 180 -3.09 -10.27 -3.80
CA LYS E 180 -2.27 -9.03 -3.60
C LYS E 180 -2.27 -8.10 -4.84
N ASP E 181 -2.26 -8.69 -6.04
CA ASP E 181 -2.13 -7.99 -7.36
C ASP E 181 -2.62 -8.90 -8.50
N VAL E 182 -3.94 -8.86 -8.73
CA VAL E 182 -4.64 -9.71 -9.72
C VAL E 182 -4.31 -9.19 -11.12
N ASN E 183 -4.20 -7.89 -11.30
CA ASN E 183 -3.92 -7.25 -12.61
C ASN E 183 -2.54 -7.68 -13.11
N LEU E 184 -1.57 -7.78 -12.21
CA LEU E 184 -0.23 -8.32 -12.53
C LEU E 184 -0.38 -9.79 -12.91
N TYR E 185 -0.98 -10.61 -12.04
CA TYR E 185 -0.84 -12.09 -12.16
C TYR E 185 -1.54 -12.63 -13.41
N LEU E 186 -2.68 -12.04 -13.80
CA LEU E 186 -3.52 -12.59 -14.90
C LEU E 186 -2.70 -12.49 -16.20
N ARG E 187 -1.77 -11.53 -16.28
CA ARG E 187 -0.97 -11.20 -17.49
C ARG E 187 0.05 -12.31 -17.71
N ARG E 188 0.35 -13.14 -16.68
CA ARG E 188 1.19 -14.34 -16.82
C ARG E 188 0.57 -15.23 -17.90
N PHE E 189 -0.75 -15.23 -17.98
CA PHE E 189 -1.53 -16.06 -18.93
C PHE E 189 -1.91 -15.20 -20.13
N LEU E 190 -2.39 -14.00 -19.89
CA LEU E 190 -3.08 -13.21 -20.96
C LEU E 190 -2.08 -12.61 -21.95
N THR E 191 -0.93 -12.08 -21.54
CA THR E 191 -0.07 -11.38 -22.53
C THR E 191 1.26 -12.10 -22.88
N THR E 192 1.56 -13.27 -22.34
CA THR E 192 2.91 -13.87 -22.56
C THR E 192 2.98 -14.67 -23.85
N LEU E 193 4.16 -14.87 -24.34
CA LEU E 193 4.42 -15.51 -25.65
C LEU E 193 4.35 -17.05 -25.52
N ASP E 194 4.40 -17.59 -24.30
CA ASP E 194 4.33 -19.08 -24.12
C ASP E 194 2.85 -19.47 -24.09
N TYR E 195 1.94 -18.50 -23.90
CA TYR E 195 0.47 -18.71 -23.78
C TYR E 195 -0.23 -18.19 -25.02
N ASN E 196 0.40 -17.29 -25.76
CA ASN E 196 -0.26 -16.60 -26.88
C ASN E 196 0.71 -16.60 -28.07
N TYR E 197 0.26 -16.75 -29.32
CA TYR E 197 1.15 -16.41 -30.48
C TYR E 197 1.54 -14.94 -30.39
N SER E 198 0.53 -14.07 -30.24
CA SER E 198 0.64 -12.60 -30.11
C SER E 198 0.48 -12.17 -28.66
N PRO E 199 1.28 -11.19 -28.19
CA PRO E 199 1.09 -10.64 -26.85
C PRO E 199 0.02 -9.55 -26.79
N ASN E 200 -0.71 -9.38 -27.91
CA ASN E 200 -1.70 -8.31 -28.13
C ASN E 200 -3.10 -8.88 -28.43
N VAL E 201 -3.40 -10.10 -28.02
CA VAL E 201 -4.74 -10.70 -28.22
C VAL E 201 -5.80 -9.92 -27.41
N PHE E 202 -5.45 -9.41 -26.23
CA PHE E 202 -6.35 -8.71 -25.28
C PHE E 202 -6.01 -7.22 -25.22
N SER E 203 -7.01 -6.36 -25.50
CA SER E 203 -7.00 -4.91 -25.15
C SER E 203 -6.82 -4.76 -23.62
N GLU E 204 -6.40 -3.59 -23.14
CA GLU E 204 -6.45 -3.20 -21.70
C GLU E 204 -7.87 -3.27 -21.13
N GLU E 205 -8.89 -3.05 -21.94
CA GLU E 205 -10.31 -3.17 -21.54
C GLU E 205 -10.67 -4.66 -21.34
N ASP E 206 -10.24 -5.52 -22.24
CA ASP E 206 -10.46 -6.97 -22.10
C ASP E 206 -9.81 -7.41 -20.78
N ILE E 207 -8.57 -7.04 -20.55
CA ILE E 207 -7.85 -7.47 -19.34
C ILE E 207 -8.58 -6.91 -18.12
N ALA E 208 -9.04 -5.64 -18.17
CA ALA E 208 -9.74 -5.01 -17.02
C ALA E 208 -10.92 -5.91 -16.64
N GLU E 209 -11.72 -6.36 -17.61
CA GLU E 209 -12.90 -7.21 -17.34
C GLU E 209 -12.51 -8.55 -16.63
N TYR E 210 -11.46 -9.23 -17.07
CA TYR E 210 -11.03 -10.47 -16.36
C TYR E 210 -10.50 -10.12 -14.96
N VAL E 211 -9.80 -8.99 -14.86
CA VAL E 211 -9.30 -8.49 -13.55
C VAL E 211 -10.51 -8.16 -12.67
N ARG E 212 -11.61 -7.68 -13.25
CA ARG E 212 -12.82 -7.25 -12.49
C ARG E 212 -13.37 -8.51 -11.84
N VAL E 213 -13.66 -9.53 -12.66
CA VAL E 213 -14.34 -10.75 -12.16
C VAL E 213 -13.42 -11.54 -11.25
N ASN E 214 -12.10 -11.60 -11.50
CA ASN E 214 -11.21 -12.38 -10.61
C ASN E 214 -10.85 -11.58 -9.36
N SER E 215 -11.27 -10.30 -9.30
CA SER E 215 -11.14 -9.42 -8.11
C SER E 215 -12.36 -9.47 -7.18
N LEU E 216 -13.49 -10.01 -7.62
CA LEU E 216 -14.63 -10.30 -6.73
C LEU E 216 -14.18 -11.27 -5.63
N PRO E 217 -14.40 -10.94 -4.35
CA PRO E 217 -14.00 -11.84 -3.27
C PRO E 217 -14.52 -13.26 -3.53
N GLY E 218 -13.61 -14.27 -3.45
CA GLY E 218 -13.94 -15.67 -3.72
C GLY E 218 -13.66 -16.15 -5.15
N SER E 219 -13.44 -15.27 -6.15
CA SER E 219 -13.09 -15.75 -7.52
C SER E 219 -11.73 -16.48 -7.52
N ILE E 220 -10.74 -15.93 -6.84
CA ILE E 220 -9.36 -16.52 -6.87
C ILE E 220 -9.43 -17.80 -6.02
N ARG E 221 -10.13 -17.75 -4.90
CA ARG E 221 -10.32 -18.94 -4.02
C ARG E 221 -10.93 -20.08 -4.84
N SER E 222 -12.05 -19.82 -5.52
CA SER E 222 -12.70 -20.81 -6.41
C SER E 222 -11.72 -21.29 -7.50
N GLY E 223 -11.00 -20.36 -8.13
CA GLY E 223 -10.05 -20.71 -9.18
C GLY E 223 -9.11 -21.76 -8.65
N CYS E 224 -8.56 -21.51 -7.46
CA CYS E 224 -7.47 -22.35 -6.95
C CYS E 224 -8.03 -23.75 -6.66
N GLN E 225 -9.33 -23.81 -6.42
CA GLN E 225 -10.09 -25.04 -6.08
C GLN E 225 -10.26 -25.87 -7.35
N TRP E 226 -10.43 -25.19 -8.49
CA TRP E 226 -10.51 -25.87 -9.79
C TRP E 226 -9.24 -26.69 -9.96
N TYR E 227 -8.07 -26.12 -9.62
CA TYR E 227 -6.71 -26.76 -9.77
C TYR E 227 -6.48 -27.80 -8.65
N ALA E 228 -6.94 -27.53 -7.43
CA ALA E 228 -6.75 -28.41 -6.24
C ALA E 228 -7.51 -29.71 -6.46
N THR E 229 -8.78 -29.61 -6.83
CA THR E 229 -9.56 -30.78 -7.27
C THR E 229 -8.91 -31.37 -8.55
N GLY E 230 -8.49 -30.49 -9.48
CA GLY E 230 -7.79 -30.81 -10.73
C GLY E 230 -6.70 -31.86 -10.54
N LEU E 231 -6.01 -31.81 -9.41
CA LEU E 231 -4.85 -32.67 -9.09
C LEU E 231 -5.24 -33.77 -8.09
N ARG E 232 -6.52 -33.91 -7.73
CA ARG E 232 -6.94 -34.85 -6.67
C ARG E 232 -8.16 -35.63 -7.15
N GLU E 233 -9.40 -35.30 -6.73
CA GLU E 233 -10.60 -36.07 -7.16
C GLU E 233 -10.60 -36.18 -8.68
N ASP E 234 -10.37 -35.11 -9.44
CA ASP E 234 -10.50 -35.19 -10.91
C ASP E 234 -9.59 -36.31 -11.43
N THR E 235 -8.45 -36.55 -10.82
CA THR E 235 -7.47 -37.56 -11.32
C THR E 235 -8.05 -38.96 -11.12
N GLU E 236 -8.87 -39.16 -10.09
CA GLU E 236 -9.50 -40.47 -9.79
C GLU E 236 -10.71 -40.63 -10.70
N ASN E 237 -11.43 -39.56 -10.97
CA ASN E 237 -12.60 -39.62 -11.87
C ASN E 237 -12.11 -39.96 -13.29
N LEU E 238 -10.99 -39.35 -13.74
CA LEU E 238 -10.40 -39.58 -15.09
C LEU E 238 -9.92 -41.04 -15.17
N ALA E 239 -9.22 -41.61 -14.17
CA ALA E 239 -8.78 -43.04 -14.20
C ALA E 239 -10.00 -43.99 -14.32
N LYS E 240 -11.23 -43.55 -13.93
CA LYS E 240 -12.46 -44.37 -14.08
C LYS E 240 -13.25 -44.01 -15.33
N ALA E 241 -12.94 -42.94 -16.07
CA ALA E 241 -13.72 -42.59 -17.27
C ALA E 241 -13.20 -43.35 -18.52
N THR E 242 -13.39 -44.68 -18.51
CA THR E 242 -12.83 -45.67 -19.48
C THR E 242 -13.87 -46.01 -20.55
N ASP E 243 -15.12 -45.62 -20.33
CA ASP E 243 -16.24 -45.86 -21.26
C ASP E 243 -16.28 -44.72 -22.28
N LYS E 244 -15.79 -44.95 -23.49
CA LYS E 244 -15.59 -43.92 -24.55
C LYS E 244 -16.94 -43.29 -24.94
N LEU E 245 -16.96 -41.96 -25.11
CA LEU E 245 -18.07 -41.18 -25.73
C LEU E 245 -18.30 -41.72 -27.15
N THR E 246 -19.58 -41.85 -27.57
CA THR E 246 -19.97 -42.33 -28.91
C THR E 246 -20.36 -41.15 -29.83
N ILE E 247 -20.61 -39.99 -29.27
CA ILE E 247 -21.08 -38.78 -29.98
C ILE E 247 -19.93 -38.18 -30.79
N PRO E 248 -20.21 -37.46 -31.90
CA PRO E 248 -19.16 -36.74 -32.62
C PRO E 248 -18.40 -35.76 -31.73
N VAL E 249 -17.07 -35.73 -31.89
CA VAL E 249 -16.12 -34.89 -31.11
C VAL E 249 -15.09 -34.26 -32.06
N ILE E 250 -14.86 -32.95 -31.93
CA ILE E 250 -13.72 -32.25 -32.54
C ILE E 250 -12.89 -31.61 -31.45
N ALA E 251 -11.58 -31.69 -31.63
CA ALA E 251 -10.55 -31.23 -30.69
C ALA E 251 -9.48 -30.47 -31.46
N TRP E 252 -9.42 -29.19 -31.15
CA TRP E 252 -8.49 -28.21 -31.73
C TRP E 252 -7.70 -27.51 -30.63
N GLY E 253 -6.37 -27.56 -30.76
CA GLY E 253 -5.38 -26.85 -29.94
C GLY E 253 -4.62 -25.80 -30.75
N GLY E 254 -4.15 -24.76 -30.09
CA GLY E 254 -3.24 -23.76 -30.65
C GLY E 254 -1.91 -24.39 -30.99
N SER E 255 -1.42 -24.12 -32.19
CA SER E 255 -0.04 -24.47 -32.60
C SER E 255 0.91 -24.13 -31.46
N HIS E 256 0.68 -23.03 -30.74
CA HIS E 256 1.69 -22.45 -29.82
C HIS E 256 1.29 -22.69 -28.38
N PHE E 257 0.39 -23.64 -28.14
CA PHE E 257 0.17 -24.22 -26.80
C PHE E 257 0.09 -25.76 -26.89
N LEU E 258 -1.11 -26.37 -26.88
CA LEU E 258 -1.22 -27.87 -26.80
C LEU E 258 -1.07 -28.52 -28.18
N GLY E 259 -1.38 -27.83 -29.27
CA GLY E 259 -1.23 -28.41 -30.62
C GLY E 259 -2.31 -29.43 -30.98
N ASP E 260 -1.87 -30.54 -31.57
CA ASP E 260 -2.69 -31.64 -32.13
C ASP E 260 -3.24 -32.46 -30.96
N ILE E 261 -4.34 -32.03 -30.34
CA ILE E 261 -4.94 -32.72 -29.17
C ILE E 261 -5.85 -33.90 -29.59
N ARG E 262 -6.03 -34.16 -30.88
CA ARG E 262 -6.78 -35.34 -31.33
C ARG E 262 -6.40 -36.57 -30.51
N PRO E 263 -5.12 -36.98 -30.35
CA PRO E 263 -4.81 -38.26 -29.72
C PRO E 263 -5.24 -38.26 -28.24
N ALA E 264 -5.13 -37.14 -27.53
CA ALA E 264 -5.56 -37.12 -26.13
C ALA E 264 -7.05 -37.49 -26.04
N TRP E 265 -7.88 -37.05 -27.01
CA TRP E 265 -9.35 -37.16 -26.96
C TRP E 265 -9.78 -38.52 -27.50
N GLN E 266 -8.98 -39.10 -28.39
CA GLN E 266 -9.20 -40.46 -28.97
C GLN E 266 -9.08 -41.54 -27.87
N GLU E 267 -8.44 -41.22 -26.77
CA GLU E 267 -8.40 -42.09 -25.57
C GLU E 267 -9.80 -42.19 -24.95
N VAL E 268 -10.69 -41.21 -25.13
CA VAL E 268 -11.95 -41.16 -24.34
C VAL E 268 -13.17 -41.07 -25.24
N ALA E 269 -12.98 -41.16 -26.55
CA ALA E 269 -14.02 -40.84 -27.55
C ALA E 269 -13.70 -41.57 -28.85
N GLU E 270 -14.65 -42.30 -29.43
CA GLU E 270 -14.43 -43.20 -30.59
C GLU E 270 -14.29 -42.39 -31.89
N ASN E 271 -15.08 -41.29 -32.02
CA ASN E 271 -15.25 -40.43 -33.23
C ASN E 271 -14.67 -39.02 -32.98
N VAL E 272 -13.39 -38.81 -33.31
CA VAL E 272 -12.63 -37.56 -33.04
C VAL E 272 -11.96 -37.07 -34.32
N GLU E 273 -12.29 -35.85 -34.70
CA GLU E 273 -11.67 -35.10 -35.82
C GLU E 273 -11.03 -33.85 -35.18
N GLY E 274 -10.02 -33.27 -35.82
CA GLY E 274 -9.45 -32.00 -35.40
C GLY E 274 -8.03 -31.83 -35.86
N GLY E 275 -7.20 -31.26 -34.97
CA GLY E 275 -5.77 -30.93 -35.18
C GLY E 275 -5.35 -29.70 -34.38
N ALA E 276 -4.42 -28.93 -34.96
CA ALA E 276 -3.80 -27.70 -34.38
C ALA E 276 -4.23 -26.48 -35.20
N VAL E 277 -4.48 -25.35 -34.52
CA VAL E 277 -4.78 -24.03 -35.18
C VAL E 277 -3.47 -23.24 -35.44
N GLU E 278 -3.28 -22.77 -36.68
CA GLU E 278 -1.99 -22.18 -37.10
C GLU E 278 -1.78 -20.82 -36.41
N ASN E 279 -0.56 -20.63 -35.89
CA ASN E 279 -0.06 -19.40 -35.21
C ASN E 279 -1.11 -18.91 -34.22
N CYS E 280 -1.37 -19.79 -33.26
CA CYS E 280 -2.41 -19.62 -32.24
C CYS E 280 -1.87 -20.19 -30.93
N GLY E 281 -2.05 -19.40 -29.86
CA GLY E 281 -1.85 -19.86 -28.48
C GLY E 281 -3.05 -20.56 -27.88
N HIS E 282 -3.05 -20.62 -26.56
CA HIS E 282 -4.06 -21.27 -25.70
C HIS E 282 -5.43 -20.63 -25.88
N PHE E 283 -5.50 -19.31 -26.05
CA PHE E 283 -6.80 -18.56 -25.98
C PHE E 283 -7.42 -18.49 -27.36
N VAL E 284 -7.83 -19.64 -27.89
CA VAL E 284 -8.30 -19.82 -29.29
C VAL E 284 -9.53 -18.93 -29.57
N PRO E 285 -10.62 -18.92 -28.75
CA PRO E 285 -11.81 -18.10 -29.02
C PRO E 285 -11.52 -16.61 -29.23
N GLU E 286 -10.40 -16.12 -28.68
CA GLU E 286 -9.96 -14.70 -28.71
C GLU E 286 -8.80 -14.45 -29.69
N GLU E 287 -7.79 -15.32 -29.79
CA GLU E 287 -6.68 -15.11 -30.76
C GLU E 287 -7.17 -15.35 -32.20
N LYS E 288 -8.09 -16.31 -32.34
CA LYS E 288 -8.63 -16.81 -33.63
C LYS E 288 -10.14 -16.97 -33.53
N PRO E 289 -10.95 -15.91 -33.29
CA PRO E 289 -12.41 -16.04 -33.24
C PRO E 289 -13.03 -16.63 -34.52
N GLN E 290 -12.54 -16.22 -35.71
CA GLN E 290 -13.14 -16.65 -36.99
C GLN E 290 -12.98 -18.16 -37.16
N PHE E 291 -11.87 -18.73 -36.68
CA PHE E 291 -11.61 -20.18 -36.81
C PHE E 291 -12.64 -20.96 -35.99
N VAL E 292 -12.90 -20.48 -34.77
CA VAL E 292 -13.87 -21.12 -33.82
C VAL E 292 -15.27 -21.01 -34.40
N ILE E 293 -15.60 -19.81 -34.89
CA ILE E 293 -16.91 -19.49 -35.55
C ILE E 293 -17.13 -20.48 -36.69
N ASP E 294 -16.27 -20.49 -37.69
CA ASP E 294 -16.52 -21.31 -38.93
C ASP E 294 -16.54 -22.81 -38.58
N THR E 295 -15.66 -23.26 -37.69
CA THR E 295 -15.50 -24.68 -37.30
C THR E 295 -16.78 -25.11 -36.61
N ALA E 296 -17.29 -24.25 -35.71
CA ALA E 296 -18.51 -24.53 -34.92
C ALA E 296 -19.74 -24.55 -35.83
N LEU E 297 -19.87 -23.62 -36.78
CA LEU E 297 -21.10 -23.56 -37.62
C LEU E 297 -21.20 -24.85 -38.46
N LYS E 298 -20.07 -25.36 -38.89
CA LYS E 298 -20.03 -26.58 -39.72
C LYS E 298 -20.29 -27.81 -38.84
N PHE E 299 -19.58 -27.93 -37.71
CA PHE E 299 -19.62 -29.11 -36.83
C PHE E 299 -21.03 -29.28 -36.25
N PHE E 300 -21.70 -28.20 -35.87
CA PHE E 300 -23.05 -28.22 -35.25
C PHE E 300 -24.13 -28.12 -36.33
N ALA E 301 -23.78 -27.89 -37.60
CA ALA E 301 -24.79 -27.77 -38.67
C ALA E 301 -25.78 -28.93 -38.68
N PRO E 302 -25.39 -30.21 -38.46
CA PRO E 302 -26.37 -31.31 -38.53
C PRO E 302 -27.47 -31.27 -37.47
N LEU E 303 -27.34 -30.45 -36.42
CA LEU E 303 -28.27 -30.40 -35.25
C LEU E 303 -29.31 -29.31 -35.44
N ARG E 304 -29.02 -28.28 -36.23
CA ARG E 304 -29.99 -27.36 -36.89
C ARG E 304 -31.08 -28.17 -37.62
N THR F 21 35.11 -20.35 21.22
CA THR F 21 33.72 -20.85 20.87
C THR F 21 32.84 -19.70 20.31
N GLU F 22 33.44 -18.53 20.04
CA GLU F 22 32.70 -17.30 19.58
C GLU F 22 32.63 -17.24 18.04
N ILE F 23 31.41 -17.08 17.53
CA ILE F 23 31.13 -16.80 16.08
C ILE F 23 31.76 -15.44 15.71
N THR F 24 32.56 -15.39 14.65
CA THR F 24 33.02 -14.16 13.96
C THR F 24 32.50 -14.11 12.50
N HIS F 25 32.03 -12.93 12.10
CA HIS F 25 31.61 -12.59 10.72
C HIS F 25 32.81 -12.18 9.90
N HIS F 26 32.91 -12.76 8.72
CA HIS F 26 33.98 -12.50 7.72
C HIS F 26 33.38 -12.34 6.33
N GLN F 27 34.20 -11.84 5.41
CA GLN F 27 33.92 -11.85 3.96
C GLN F 27 35.22 -12.13 3.21
N ALA F 28 35.07 -12.69 2.02
CA ALA F 28 36.14 -13.07 1.08
C ALA F 28 35.57 -12.89 -0.32
N MET F 29 36.38 -12.43 -1.26
CA MET F 29 36.02 -12.34 -2.71
C MET F 29 36.13 -13.75 -3.27
N ILE F 30 35.02 -14.31 -3.74
CA ILE F 30 34.94 -15.73 -4.20
C ILE F 30 34.25 -15.75 -5.56
N ASN F 31 34.98 -16.16 -6.59
CA ASN F 31 34.44 -16.29 -7.97
C ASN F 31 33.67 -15.01 -8.33
N GLY F 32 34.28 -13.85 -8.08
CA GLY F 32 33.83 -12.52 -8.56
C GLY F 32 32.72 -11.91 -7.71
N TYR F 33 32.42 -12.41 -6.51
CA TYR F 33 31.47 -11.78 -5.57
C TYR F 33 31.93 -11.92 -4.11
N ARG F 34 31.42 -10.99 -3.28
CA ARG F 34 31.74 -10.92 -1.84
C ARG F 34 30.92 -12.01 -1.14
N MET F 35 31.57 -13.05 -0.63
CA MET F 35 30.88 -14.12 0.12
C MET F 35 30.95 -13.80 1.60
N HIS F 36 29.80 -13.86 2.27
CA HIS F 36 29.72 -13.74 3.75
C HIS F 36 29.87 -15.15 4.34
N TYR F 37 30.60 -15.28 5.45
CA TYR F 37 30.72 -16.59 6.14
C TYR F 37 31.10 -16.37 7.59
N VAL F 38 30.77 -17.31 8.46
CA VAL F 38 31.16 -17.18 9.89
C VAL F 38 32.11 -18.31 10.27
N THR F 39 33.02 -18.02 11.21
CA THR F 39 33.93 -19.04 11.81
C THR F 39 33.83 -19.02 13.34
N ALA F 40 34.11 -20.16 13.96
CA ALA F 40 34.37 -20.35 15.39
C ALA F 40 35.30 -21.56 15.56
N GLY F 41 36.11 -21.55 16.61
CA GLY F 41 36.73 -22.73 17.21
C GLY F 41 38.11 -22.96 16.67
N SER F 42 38.61 -24.19 16.80
CA SER F 42 39.90 -24.63 16.23
C SER F 42 39.92 -26.15 16.20
N GLY F 43 40.88 -26.70 15.46
CA GLY F 43 40.96 -28.12 15.12
C GLY F 43 40.51 -28.33 13.69
N TYR F 44 40.25 -29.61 13.37
CA TYR F 44 39.77 -30.10 12.04
C TYR F 44 38.59 -29.23 11.63
N PRO F 45 38.54 -28.70 10.38
CA PRO F 45 37.38 -27.96 9.85
C PRO F 45 36.17 -28.80 9.40
N LEU F 46 34.98 -28.37 9.85
CA LEU F 46 33.64 -28.77 9.35
C LEU F 46 33.02 -27.54 8.70
N VAL F 47 32.52 -27.71 7.49
CA VAL F 47 31.84 -26.65 6.70
C VAL F 47 30.35 -26.96 6.75
N LEU F 48 29.52 -25.97 7.10
CA LEU F 48 28.06 -26.14 7.30
C LEU F 48 27.35 -25.36 6.20
N LEU F 49 26.58 -26.05 5.38
CA LEU F 49 25.98 -25.51 4.14
C LEU F 49 24.47 -25.51 4.29
N HIS F 50 23.93 -24.30 4.44
CA HIS F 50 22.49 -24.01 4.66
C HIS F 50 21.72 -24.26 3.39
N GLY F 51 20.39 -24.21 3.48
CA GLY F 51 19.51 -24.30 2.31
C GLY F 51 18.57 -23.11 2.25
N TRP F 52 17.43 -23.32 1.61
CA TRP F 52 16.47 -22.24 1.33
C TRP F 52 15.33 -22.38 2.34
N PRO F 53 14.72 -21.27 2.83
CA PRO F 53 15.13 -19.89 2.56
C PRO F 53 16.01 -19.27 3.65
N GLN F 54 17.16 -19.90 3.92
CA GLN F 54 17.89 -19.64 5.19
C GLN F 54 19.26 -19.05 4.87
N SER F 55 20.25 -19.38 5.69
CA SER F 55 21.57 -18.71 5.80
C SER F 55 22.39 -19.48 6.84
N TRP F 56 23.62 -19.05 7.11
CA TRP F 56 24.49 -19.57 8.20
C TRP F 56 23.67 -19.61 9.50
N TYR F 57 22.69 -18.69 9.65
CA TYR F 57 21.86 -18.53 10.88
C TYR F 57 21.17 -19.84 11.29
N GLU F 58 20.82 -20.72 10.36
CA GLU F 58 20.12 -21.97 10.72
C GLU F 58 21.04 -22.85 11.59
N TRP F 59 22.34 -22.55 11.65
CA TRP F 59 23.36 -23.41 12.34
C TRP F 59 23.74 -22.80 13.68
N ARG F 60 23.03 -21.73 14.07
CA ARG F 60 23.45 -20.88 15.19
C ARG F 60 23.42 -21.71 16.48
N ASN F 61 22.57 -22.76 16.58
CA ASN F 61 22.45 -23.57 17.84
C ASN F 61 23.23 -24.87 17.75
N VAL F 62 24.04 -25.01 16.70
CA VAL F 62 24.87 -26.22 16.42
C VAL F 62 26.33 -25.79 16.51
N ILE F 63 26.62 -24.58 16.02
CA ILE F 63 28.02 -24.08 15.85
C ILE F 63 28.77 -24.08 17.18
N PRO F 64 28.23 -23.50 18.29
CA PRO F 64 29.00 -23.36 19.54
C PRO F 64 29.51 -24.69 20.13
N ALA F 65 28.61 -25.68 20.18
CA ALA F 65 28.93 -27.05 20.65
C ALA F 65 29.92 -27.74 19.69
N LEU F 66 29.79 -27.55 18.36
CA LEU F 66 30.74 -28.17 17.37
C LEU F 66 32.10 -27.46 17.52
N ALA F 67 32.08 -26.20 17.92
CA ALA F 67 33.30 -25.37 18.07
C ALA F 67 34.09 -25.71 19.35
N GLU F 68 33.57 -26.48 20.31
CA GLU F 68 34.46 -26.91 21.42
C GLU F 68 35.51 -27.88 20.84
N GLN F 69 35.26 -28.50 19.68
CA GLN F 69 36.00 -29.71 19.22
C GLN F 69 36.64 -29.52 17.84
N PHE F 70 36.15 -28.56 17.05
CA PHE F 70 36.38 -28.41 15.59
C PHE F 70 36.48 -26.92 15.21
N THR F 71 37.19 -26.61 14.12
CA THR F 71 36.94 -25.33 13.40
C THR F 71 35.58 -25.46 12.71
N VAL F 72 34.67 -24.51 12.95
CA VAL F 72 33.35 -24.46 12.26
C VAL F 72 33.37 -23.29 11.30
N ILE F 73 32.91 -23.52 10.07
CA ILE F 73 32.91 -22.58 8.91
C ILE F 73 31.53 -22.66 8.28
N ALA F 74 30.71 -21.60 8.40
CA ALA F 74 29.32 -21.57 7.90
C ALA F 74 29.16 -20.36 7.01
N PRO F 75 29.20 -20.53 5.68
CA PRO F 75 28.95 -19.43 4.75
C PRO F 75 27.48 -19.21 4.36
N ASP F 76 27.22 -17.97 3.94
CA ASP F 76 26.04 -17.63 3.12
C ASP F 76 26.34 -18.04 1.67
N LEU F 77 25.59 -19.02 1.17
CA LEU F 77 25.77 -19.50 -0.22
C LEU F 77 25.31 -18.40 -1.18
N ARG F 78 25.61 -18.61 -2.45
CA ARG F 78 25.53 -17.63 -3.56
C ARG F 78 24.12 -17.05 -3.67
N GLY F 79 24.01 -15.72 -3.45
CA GLY F 79 22.78 -14.91 -3.62
C GLY F 79 21.91 -14.84 -2.35
N LEU F 80 22.15 -15.75 -1.40
CA LEU F 80 21.29 -15.86 -0.20
C LEU F 80 22.01 -15.28 1.03
N GLY F 81 21.28 -15.08 2.13
CA GLY F 81 21.86 -14.43 3.32
C GLY F 81 22.36 -13.02 2.99
N ASP F 82 23.50 -12.63 3.61
CA ASP F 82 24.19 -11.35 3.28
C ASP F 82 25.31 -11.58 2.23
N SER F 83 25.44 -12.75 1.60
CA SER F 83 26.41 -12.86 0.47
C SER F 83 25.90 -11.98 -0.70
N GLU F 84 26.81 -11.43 -1.51
CA GLU F 84 26.44 -10.76 -2.78
C GLU F 84 25.76 -11.81 -3.69
N LYS F 85 25.20 -11.32 -4.81
CA LYS F 85 24.04 -11.92 -5.50
C LYS F 85 24.29 -11.78 -7.00
N PRO F 86 25.13 -12.65 -7.61
CA PRO F 86 25.33 -12.65 -9.05
C PRO F 86 24.04 -13.01 -9.80
N MET F 87 24.03 -12.86 -11.13
CA MET F 87 22.87 -13.14 -12.00
C MET F 87 22.88 -14.58 -12.52
N THR F 88 24.06 -15.24 -12.52
CA THR F 88 24.22 -16.63 -13.01
C THR F 88 24.93 -17.51 -11.97
N GLY F 89 24.97 -18.82 -12.24
CA GLY F 89 25.89 -19.74 -11.53
C GLY F 89 25.21 -20.30 -10.32
N PHE F 90 23.91 -20.62 -10.45
CA PHE F 90 23.05 -21.09 -9.34
C PHE F 90 22.89 -22.61 -9.38
N ASP F 91 23.23 -23.26 -10.49
CA ASP F 91 23.39 -24.73 -10.54
C ASP F 91 24.23 -25.17 -9.34
N LYS F 92 23.96 -26.33 -8.79
CA LYS F 92 24.63 -26.74 -7.54
C LYS F 92 26.10 -27.14 -7.80
N ARG F 93 26.45 -27.62 -8.99
CA ARG F 93 27.87 -27.88 -9.34
C ARG F 93 28.64 -26.56 -9.18
N THR F 94 28.17 -25.45 -9.77
CA THR F 94 28.87 -24.15 -9.67
C THR F 94 28.95 -23.63 -8.22
N MET F 95 27.87 -23.74 -7.45
CA MET F 95 27.84 -23.22 -6.06
CA MET F 95 27.83 -23.23 -6.05
C MET F 95 28.82 -24.01 -5.18
N ALA F 96 29.05 -25.30 -5.51
CA ALA F 96 30.06 -26.18 -4.85
C ALA F 96 31.46 -25.61 -5.11
N THR F 97 31.77 -25.05 -6.30
CA THR F 97 33.06 -24.36 -6.61
C THR F 97 33.25 -23.11 -5.70
N ASP F 98 32.22 -22.36 -5.30
CA ASP F 98 32.39 -21.25 -4.31
C ASP F 98 32.91 -21.83 -3.00
N VAL F 99 32.34 -22.95 -2.56
CA VAL F 99 32.71 -23.59 -1.27
C VAL F 99 34.17 -24.09 -1.37
N ARG F 100 34.58 -24.64 -2.51
CA ARG F 100 36.00 -25.01 -2.75
C ARG F 100 36.90 -23.76 -2.63
N GLU F 101 36.53 -22.64 -3.27
CA GLU F 101 37.42 -21.44 -3.28
C GLU F 101 37.52 -20.92 -1.83
N LEU F 102 36.46 -21.09 -1.03
CA LEU F 102 36.40 -20.60 0.37
C LEU F 102 37.30 -21.49 1.24
N VAL F 103 37.20 -22.81 1.10
CA VAL F 103 38.05 -23.76 1.86
C VAL F 103 39.53 -23.56 1.47
N SER F 104 39.77 -23.15 0.22
CA SER F 104 41.11 -22.83 -0.32
C SER F 104 41.64 -21.58 0.39
N HIS F 105 40.86 -20.50 0.33
CA HIS F 105 41.14 -19.15 0.89
C HIS F 105 41.62 -19.25 2.35
N LEU F 106 40.99 -20.14 3.12
CA LEU F 106 41.22 -20.33 4.57
C LEU F 106 42.31 -21.38 4.82
N GLY F 107 42.81 -22.06 3.77
CA GLY F 107 44.10 -22.78 3.76
C GLY F 107 43.99 -24.23 4.25
N TYR F 108 42.84 -24.88 4.01
CA TYR F 108 42.55 -26.30 4.38
C TYR F 108 42.42 -27.13 3.10
N ASP F 109 43.04 -28.31 3.11
CA ASP F 109 42.98 -29.29 1.99
C ASP F 109 42.25 -30.56 2.46
N LYS F 110 41.80 -30.62 3.72
CA LYS F 110 40.88 -31.66 4.25
C LYS F 110 39.75 -31.01 5.07
N VAL F 111 38.49 -31.33 4.75
CA VAL F 111 37.32 -30.90 5.57
C VAL F 111 36.33 -32.04 5.71
N GLY F 112 35.46 -31.89 6.71
CA GLY F 112 34.14 -32.51 6.79
C GLY F 112 33.08 -31.50 6.42
N VAL F 113 31.92 -31.99 5.94
CA VAL F 113 30.80 -31.12 5.50
C VAL F 113 29.51 -31.61 6.13
N ILE F 114 28.66 -30.67 6.57
CA ILE F 114 27.23 -30.92 6.86
C ILE F 114 26.43 -30.07 5.87
N GLY F 115 25.43 -30.68 5.22
CA GLY F 115 24.60 -30.04 4.18
C GLY F 115 23.13 -30.30 4.43
N HIS F 116 22.35 -29.22 4.57
CA HIS F 116 20.91 -29.28 4.87
C HIS F 116 20.15 -28.64 3.70
N ASP F 117 19.05 -29.27 3.28
CA ASP F 117 18.20 -28.81 2.15
C ASP F 117 19.13 -28.69 0.93
N TRP F 118 19.12 -27.56 0.24
CA TRP F 118 19.87 -27.36 -1.01
C TRP F 118 21.35 -27.42 -0.64
N GLY F 119 21.69 -27.02 0.58
CA GLY F 119 23.08 -27.15 1.04
C GLY F 119 23.56 -28.60 0.91
N GLY F 120 22.64 -29.57 1.05
CA GLY F 120 22.95 -30.99 0.83
C GLY F 120 23.31 -31.28 -0.61
N SER F 121 22.58 -30.65 -1.55
CA SER F 121 22.78 -30.87 -3.01
C SER F 121 24.12 -30.25 -3.39
N VAL F 122 24.40 -29.06 -2.89
CA VAL F 122 25.74 -28.40 -3.04
C VAL F 122 26.80 -29.33 -2.42
N ALA F 123 26.60 -29.73 -1.18
CA ALA F 123 27.55 -30.58 -0.44
C ALA F 123 27.81 -31.81 -1.29
N PHE F 124 26.83 -32.29 -2.04
CA PHE F 124 27.01 -33.51 -2.85
C PHE F 124 28.04 -33.25 -3.96
N TYR F 125 27.91 -32.12 -4.65
CA TYR F 125 28.76 -31.72 -5.80
C TYR F 125 30.15 -31.40 -5.23
N PHE F 126 30.21 -30.78 -4.06
CA PHE F 126 31.46 -30.48 -3.33
C PHE F 126 32.26 -31.77 -3.10
N ALA F 127 31.62 -32.84 -2.62
CA ALA F 127 32.28 -34.15 -2.43
C ALA F 127 32.57 -34.83 -3.78
N TYR F 128 31.59 -34.79 -4.69
CA TYR F 128 31.63 -35.49 -6.00
C TYR F 128 32.79 -34.93 -6.82
N ASP F 129 32.88 -33.59 -6.91
CA ASP F 129 33.85 -32.90 -7.80
C ASP F 129 35.24 -32.76 -7.14
N ASN F 130 35.41 -32.96 -5.81
CA ASN F 130 36.71 -32.77 -5.10
C ASN F 130 36.97 -33.93 -4.10
N ARG F 131 37.44 -35.08 -4.57
CA ARG F 131 37.34 -36.39 -3.85
C ARG F 131 38.47 -36.57 -2.83
N ASP F 132 39.53 -35.78 -2.97
CA ASP F 132 40.69 -35.75 -2.05
C ASP F 132 40.44 -34.69 -0.96
N LEU F 133 39.36 -33.92 -1.03
CA LEU F 133 39.15 -32.71 -0.17
C LEU F 133 38.10 -32.98 0.92
N VAL F 134 36.96 -33.56 0.54
CA VAL F 134 35.82 -33.82 1.46
C VAL F 134 35.94 -35.25 2.01
N GLU F 135 36.18 -35.40 3.33
CA GLU F 135 36.56 -36.70 3.94
C GLU F 135 35.26 -37.42 4.35
N ARG F 136 34.29 -36.71 4.94
CA ARG F 136 33.01 -37.27 5.44
C ARG F 136 31.88 -36.28 5.16
N LEU F 137 30.70 -36.82 4.81
CA LEU F 137 29.51 -36.04 4.39
C LEU F 137 28.33 -36.38 5.31
N PHE F 138 27.67 -35.36 5.86
CA PHE F 138 26.45 -35.50 6.71
C PHE F 138 25.31 -34.68 6.08
N ILE F 139 24.30 -35.39 5.56
CA ILE F 139 23.11 -34.79 4.88
C ILE F 139 21.95 -34.68 5.88
N LEU F 140 21.30 -33.52 5.91
CA LEU F 140 20.05 -33.36 6.70
C LEU F 140 18.92 -33.04 5.71
N ASP F 141 17.95 -33.94 5.64
CA ASP F 141 16.59 -33.77 5.05
C ASP F 141 16.74 -33.15 3.66
N MET F 142 17.51 -33.84 2.79
CA MET F 142 17.64 -33.61 1.33
C MET F 142 17.96 -34.92 0.60
N ILE F 143 17.68 -34.95 -0.71
CA ILE F 143 18.06 -36.02 -1.69
C ILE F 143 19.05 -35.40 -2.67
N PRO F 144 19.94 -36.21 -3.28
CA PRO F 144 21.09 -35.64 -4.03
C PRO F 144 20.70 -34.56 -5.06
N GLY F 145 19.51 -34.72 -5.63
CA GLY F 145 18.91 -33.72 -6.53
C GLY F 145 17.41 -33.93 -6.58
N LEU F 146 16.64 -32.91 -6.99
CA LEU F 146 15.15 -32.98 -7.02
C LEU F 146 14.73 -34.16 -7.90
N ILE F 147 15.48 -34.43 -8.97
CA ILE F 147 15.16 -35.50 -9.97
C ILE F 147 16.31 -35.58 -10.99
N LYS F 148 16.38 -36.71 -11.74
CA LYS F 148 17.24 -36.94 -12.93
C LYS F 148 16.48 -36.59 -14.23
N ALA F 149 17.14 -36.02 -15.23
CA ALA F 149 16.53 -35.86 -16.57
C ALA F 149 15.97 -37.22 -16.98
N GLY F 150 14.84 -37.20 -17.68
CA GLY F 150 14.20 -38.40 -18.24
C GLY F 150 13.08 -38.91 -17.34
N ASP F 151 13.22 -38.71 -16.04
CA ASP F 151 12.25 -39.19 -15.03
C ASP F 151 11.10 -38.19 -14.95
N SER F 152 10.05 -38.59 -14.24
CA SER F 152 8.75 -37.91 -14.08
C SER F 152 8.42 -37.83 -12.59
N PHE F 153 7.58 -36.85 -12.20
CA PHE F 153 7.08 -36.60 -10.83
C PHE F 153 5.71 -37.27 -10.60
N PRO F 154 5.61 -38.27 -9.66
CA PRO F 154 4.33 -38.73 -9.13
C PRO F 154 3.53 -37.56 -8.52
N ILE F 155 2.22 -37.65 -8.58
CA ILE F 155 1.28 -36.57 -8.15
C ILE F 155 1.51 -36.24 -6.68
N PRO F 156 1.48 -37.25 -5.75
CA PRO F 156 1.95 -37.09 -4.37
C PRO F 156 3.21 -36.23 -4.16
N VAL F 157 4.30 -36.54 -4.87
CA VAL F 157 5.59 -35.82 -4.75
C VAL F 157 5.40 -34.36 -5.22
N ALA F 158 4.71 -34.17 -6.35
CA ALA F 158 4.43 -32.85 -6.99
C ALA F 158 3.69 -31.98 -5.97
N LEU F 159 2.62 -32.49 -5.35
CA LEU F 159 1.83 -31.74 -4.32
C LEU F 159 2.71 -31.50 -3.09
N MET F 160 3.43 -32.52 -2.59
CA MET F 160 4.25 -32.38 -1.35
C MET F 160 5.27 -31.25 -1.55
N ILE F 161 5.93 -31.13 -2.73
CA ILE F 161 6.94 -30.05 -2.97
C ILE F 161 6.55 -29.12 -4.13
N ASN F 162 5.31 -28.63 -4.14
CA ASN F 162 4.73 -27.79 -5.23
C ASN F 162 5.49 -26.44 -5.36
N HIS F 163 6.00 -25.92 -4.26
CA HIS F 163 6.86 -24.71 -4.23
C HIS F 163 7.99 -24.82 -5.30
N ILE F 164 8.48 -26.01 -5.67
CA ILE F 164 9.66 -26.10 -6.58
C ILE F 164 9.24 -25.62 -7.98
N PHE F 165 7.99 -25.88 -8.37
CA PHE F 165 7.44 -25.52 -9.68
C PHE F 165 7.14 -24.02 -9.70
N PHE F 166 6.78 -23.48 -8.54
CA PHE F 166 6.48 -22.02 -8.41
C PHE F 166 7.78 -21.25 -8.67
N HIS F 167 8.78 -21.49 -7.81
CA HIS F 167 10.08 -20.77 -7.77
C HIS F 167 10.77 -20.91 -9.11
N GLY F 168 10.81 -22.13 -9.66
CA GLY F 168 11.72 -22.52 -10.74
C GLY F 168 11.05 -22.54 -12.11
N GLY F 169 9.72 -22.50 -12.16
CA GLY F 169 8.95 -22.46 -13.42
C GLY F 169 9.20 -21.17 -14.18
N ASN F 170 8.81 -20.04 -13.60
CA ASN F 170 8.96 -18.70 -14.20
C ASN F 170 9.51 -17.81 -13.10
N PRO F 171 10.84 -17.83 -12.88
CA PRO F 171 11.44 -17.22 -11.70
C PRO F 171 11.08 -15.72 -11.50
N ASP F 172 10.97 -14.93 -12.59
CA ASP F 172 10.63 -13.49 -12.48
C ASP F 172 9.23 -13.36 -11.88
N TRP F 173 8.28 -14.24 -12.23
CA TRP F 173 6.88 -14.12 -11.77
C TRP F 173 6.81 -14.58 -10.31
N ALA F 174 7.48 -15.68 -9.97
CA ALA F 174 7.63 -16.09 -8.55
C ALA F 174 8.30 -14.94 -7.79
N THR F 175 9.39 -14.41 -8.32
CA THR F 175 10.12 -13.29 -7.65
C THR F 175 9.13 -12.14 -7.32
N ALA F 176 8.27 -11.76 -8.22
CA ALA F 176 7.42 -10.56 -8.01
C ALA F 176 6.37 -10.87 -6.92
N LEU F 177 5.74 -12.05 -7.00
CA LEU F 177 4.67 -12.43 -6.07
C LEU F 177 5.22 -12.65 -4.65
N ILE F 178 6.41 -13.24 -4.52
CA ILE F 178 7.01 -13.55 -3.19
C ILE F 178 7.45 -12.23 -2.57
N SER F 179 8.06 -11.36 -3.39
CA SER F 179 8.78 -10.16 -2.90
C SER F 179 7.77 -9.17 -2.36
N LYS F 180 6.51 -9.23 -2.79
CA LYS F 180 5.42 -8.32 -2.34
C LYS F 180 5.22 -8.49 -0.83
N ASP F 181 5.60 -9.62 -0.23
CA ASP F 181 5.33 -9.89 1.20
C ASP F 181 6.17 -11.11 1.62
N VAL F 182 7.43 -10.85 1.93
CA VAL F 182 8.43 -11.88 2.28
C VAL F 182 8.06 -12.46 3.64
N ASN F 183 7.60 -11.62 4.56
CA ASN F 183 7.14 -12.01 5.91
C ASN F 183 6.01 -13.04 5.81
N LEU F 184 5.00 -12.78 4.96
CA LEU F 184 3.91 -13.77 4.73
C LEU F 184 4.52 -15.05 4.13
N TYR F 185 5.19 -14.97 2.99
CA TYR F 185 5.56 -16.18 2.21
C TYR F 185 6.49 -17.11 3.02
N LEU F 186 7.52 -16.61 3.70
CA LEU F 186 8.49 -17.53 4.36
C LEU F 186 7.78 -18.45 5.35
N ARG F 187 6.63 -18.00 5.90
CA ARG F 187 5.88 -18.71 6.96
C ARG F 187 5.23 -19.97 6.36
N ARG F 188 5.08 -20.03 5.03
CA ARG F 188 4.64 -21.25 4.28
C ARG F 188 5.58 -22.41 4.66
N PHE F 189 6.84 -22.09 4.94
CA PHE F 189 7.85 -23.13 5.29
C PHE F 189 8.18 -23.12 6.79
N LEU F 190 8.17 -21.94 7.41
CA LEU F 190 8.77 -21.81 8.75
C LEU F 190 7.82 -22.20 9.88
N THR F 191 6.49 -22.05 9.73
CA THR F 191 5.53 -22.29 10.86
C THR F 191 4.50 -23.38 10.57
N THR F 192 4.46 -23.96 9.38
CA THR F 192 3.37 -24.89 8.98
C THR F 192 3.65 -26.31 9.42
N LEU F 193 2.56 -27.07 9.61
CA LEU F 193 2.66 -28.44 10.18
C LEU F 193 3.15 -29.44 9.12
N ASP F 194 3.11 -29.13 7.82
CA ASP F 194 3.67 -30.07 6.81
C ASP F 194 5.18 -29.88 6.66
N TYR F 195 5.76 -28.78 7.16
CA TYR F 195 7.23 -28.54 7.12
C TYR F 195 7.90 -28.82 8.48
N ASN F 196 7.13 -28.84 9.56
CA ASN F 196 7.67 -28.81 10.94
C ASN F 196 6.85 -29.74 11.80
N TYR F 197 7.45 -30.43 12.76
CA TYR F 197 6.60 -31.15 13.74
C TYR F 197 5.80 -30.12 14.56
N SER F 198 6.47 -29.12 15.12
CA SER F 198 5.85 -28.07 15.98
C SER F 198 5.74 -26.79 15.16
N PRO F 199 4.66 -25.96 15.26
CA PRO F 199 4.59 -24.72 14.49
C PRO F 199 5.38 -23.62 15.18
N ASN F 200 6.15 -23.96 16.20
CA ASN F 200 6.86 -23.00 17.08
C ASN F 200 8.38 -23.25 17.07
N VAL F 201 8.96 -23.83 16.02
CA VAL F 201 10.43 -24.09 15.97
C VAL F 201 11.13 -22.71 15.96
N PHE F 202 10.53 -21.72 15.31
CA PHE F 202 11.11 -20.37 15.18
C PHE F 202 10.33 -19.34 16.00
N SER F 203 11.05 -18.56 16.81
CA SER F 203 10.55 -17.30 17.40
C SER F 203 10.34 -16.27 16.28
N GLU F 204 9.61 -15.21 16.56
CA GLU F 204 9.48 -14.01 15.68
C GLU F 204 10.82 -13.34 15.40
N GLU F 205 11.72 -13.24 16.37
CA GLU F 205 13.06 -12.59 16.20
C GLU F 205 13.86 -13.39 15.15
N ASP F 206 13.74 -14.74 15.16
CA ASP F 206 14.38 -15.67 14.20
C ASP F 206 13.74 -15.51 12.79
N ILE F 207 12.41 -15.53 12.68
CA ILE F 207 11.72 -15.34 11.37
C ILE F 207 12.08 -13.95 10.86
N ALA F 208 12.19 -12.95 11.72
CA ALA F 208 12.65 -11.60 11.33
C ALA F 208 14.03 -11.67 10.64
N GLU F 209 14.95 -12.52 11.07
CA GLU F 209 16.33 -12.57 10.53
C GLU F 209 16.23 -13.12 9.12
N TYR F 210 15.40 -14.15 8.91
CA TYR F 210 15.23 -14.76 7.56
C TYR F 210 14.48 -13.79 6.64
N VAL F 211 13.51 -13.02 7.17
CA VAL F 211 12.79 -12.00 6.36
C VAL F 211 13.80 -10.91 6.03
N ARG F 212 14.69 -10.55 6.97
CA ARG F 212 15.70 -9.49 6.68
C ARG F 212 16.52 -9.90 5.44
N VAL F 213 17.17 -11.08 5.45
CA VAL F 213 18.13 -11.45 4.38
C VAL F 213 17.39 -11.72 3.08
N ASN F 214 16.24 -12.36 3.12
CA ASN F 214 15.45 -12.63 1.88
C ASN F 214 14.75 -11.35 1.39
N SER F 215 14.78 -10.22 2.12
CA SER F 215 14.25 -8.91 1.59
C SER F 215 15.37 -8.07 0.97
N LEU F 216 16.63 -8.47 1.15
CA LEU F 216 17.76 -7.80 0.47
C LEU F 216 17.53 -7.98 -1.02
N PRO F 217 17.46 -6.89 -1.82
CA PRO F 217 17.25 -7.04 -3.25
C PRO F 217 18.22 -8.07 -3.82
N GLY F 218 17.70 -9.00 -4.62
CA GLY F 218 18.50 -10.07 -5.24
C GLY F 218 18.38 -11.40 -4.52
N SER F 219 18.02 -11.43 -3.23
CA SER F 219 17.90 -12.70 -2.46
C SER F 219 16.77 -13.59 -3.03
N ILE F 220 15.59 -13.04 -3.34
CA ILE F 220 14.45 -13.87 -3.84
C ILE F 220 14.81 -14.29 -5.28
N ARG F 221 15.38 -13.39 -6.07
CA ARG F 221 15.74 -13.67 -7.50
C ARG F 221 16.69 -14.88 -7.48
N SER F 222 17.79 -14.75 -6.76
CA SER F 222 18.81 -15.80 -6.52
C SER F 222 18.13 -17.10 -6.06
N GLY F 223 17.27 -17.01 -5.06
CA GLY F 223 16.51 -18.14 -4.52
C GLY F 223 15.76 -18.90 -5.59
N CYS F 224 14.99 -18.20 -6.41
CA CYS F 224 14.23 -18.80 -7.52
C CYS F 224 15.19 -19.43 -8.54
N GLN F 225 16.38 -18.87 -8.75
CA GLN F 225 17.39 -19.47 -9.68
C GLN F 225 17.95 -20.79 -9.09
N TRP F 226 17.99 -20.92 -7.75
CA TRP F 226 18.35 -22.21 -7.08
C TRP F 226 17.41 -23.31 -7.60
N TYR F 227 16.14 -22.94 -7.77
CA TYR F 227 15.05 -23.88 -8.11
C TYR F 227 15.05 -24.08 -9.63
N ALA F 228 15.23 -22.98 -10.38
CA ALA F 228 15.17 -22.98 -11.86
C ALA F 228 16.27 -23.94 -12.39
N THR F 229 17.51 -23.74 -11.94
CA THR F 229 18.67 -24.64 -12.20
C THR F 229 18.42 -26.05 -11.62
N GLY F 230 17.83 -26.14 -10.41
CA GLY F 230 17.26 -27.37 -9.79
C GLY F 230 16.36 -28.20 -10.69
N LEU F 231 15.62 -27.58 -11.62
CA LEU F 231 14.73 -28.34 -12.52
C LEU F 231 15.32 -28.44 -13.95
N ARG F 232 16.55 -27.94 -14.20
CA ARG F 232 17.15 -27.92 -15.56
C ARG F 232 18.56 -28.56 -15.54
N GLU F 233 19.62 -27.75 -15.54
CA GLU F 233 21.05 -28.19 -15.53
C GLU F 233 21.27 -29.16 -14.35
N ASP F 234 20.63 -28.98 -13.19
CA ASP F 234 20.92 -29.88 -12.03
C ASP F 234 20.47 -31.31 -12.37
N THR F 235 19.35 -31.45 -13.09
CA THR F 235 18.75 -32.74 -13.51
C THR F 235 19.66 -33.47 -14.52
N GLU F 236 20.31 -32.73 -15.44
CA GLU F 236 21.26 -33.26 -16.46
C GLU F 236 22.51 -33.74 -15.73
N ASN F 237 23.03 -32.89 -14.85
CA ASN F 237 24.17 -33.22 -13.97
C ASN F 237 23.86 -34.47 -13.15
N LEU F 238 22.71 -34.55 -12.51
CA LEU F 238 22.46 -35.69 -11.61
C LEU F 238 22.39 -36.98 -12.44
N ALA F 239 21.86 -36.95 -13.66
CA ALA F 239 21.69 -38.18 -14.49
C ALA F 239 23.07 -38.74 -14.85
N LYS F 240 24.06 -37.84 -14.98
CA LYS F 240 25.44 -38.16 -15.43
C LYS F 240 26.39 -38.27 -14.22
N ALA F 241 25.91 -38.03 -12.99
CA ALA F 241 26.69 -38.18 -11.74
C ALA F 241 26.64 -39.62 -11.20
N THR F 242 27.25 -40.61 -11.86
CA THR F 242 26.98 -42.07 -11.63
C THR F 242 28.13 -42.81 -10.97
N ASP F 243 29.28 -42.15 -10.76
CA ASP F 243 30.44 -42.73 -10.01
C ASP F 243 30.24 -42.34 -8.55
N LYS F 244 29.75 -43.29 -7.76
CA LYS F 244 29.31 -43.07 -6.37
C LYS F 244 30.53 -42.62 -5.53
N LEU F 245 30.23 -41.85 -4.48
CA LEU F 245 31.21 -41.41 -3.47
C LEU F 245 31.77 -42.64 -2.77
N THR F 246 33.01 -42.56 -2.28
CA THR F 246 33.72 -43.66 -1.57
C THR F 246 33.81 -43.29 -0.09
N ILE F 247 33.62 -42.01 0.19
CA ILE F 247 33.76 -41.44 1.55
C ILE F 247 32.51 -41.80 2.38
N PRO F 248 32.66 -41.92 3.73
CA PRO F 248 31.53 -42.20 4.61
C PRO F 248 30.50 -41.09 4.55
N VAL F 249 29.23 -41.44 4.30
CA VAL F 249 28.07 -40.51 4.22
C VAL F 249 27.02 -40.95 5.23
N ILE F 250 26.56 -40.05 6.11
CA ILE F 250 25.29 -40.26 6.88
C ILE F 250 24.24 -39.31 6.33
N ALA F 251 23.04 -39.84 6.12
CA ALA F 251 21.88 -39.04 5.67
C ALA F 251 20.70 -39.24 6.65
N TRP F 252 20.26 -38.17 7.31
CA TRP F 252 19.12 -38.15 8.27
C TRP F 252 18.05 -37.15 7.79
N GLY F 253 16.81 -37.62 7.62
CA GLY F 253 15.63 -36.79 7.35
C GLY F 253 14.73 -36.70 8.58
N GLY F 254 13.88 -35.68 8.65
CA GLY F 254 12.86 -35.55 9.72
C GLY F 254 11.73 -36.51 9.46
N SER F 255 11.20 -37.17 10.49
CA SER F 255 10.04 -38.11 10.41
C SER F 255 8.81 -37.45 9.78
N HIS F 256 8.65 -36.14 9.94
CA HIS F 256 7.51 -35.35 9.40
C HIS F 256 7.86 -34.60 8.10
N PHE F 257 8.97 -34.93 7.43
CA PHE F 257 9.22 -34.52 6.01
C PHE F 257 9.80 -35.69 5.21
N LEU F 258 11.11 -35.71 5.00
CA LEU F 258 11.70 -36.66 4.01
C LEU F 258 11.86 -38.03 4.65
N GLY F 259 12.15 -38.10 5.94
CA GLY F 259 12.20 -39.36 6.71
C GLY F 259 13.46 -40.14 6.41
N ASP F 260 13.36 -41.45 6.18
CA ASP F 260 14.49 -42.37 5.87
C ASP F 260 14.96 -42.08 4.43
N ILE F 261 15.97 -41.22 4.29
CA ILE F 261 16.57 -40.78 2.98
C ILE F 261 17.82 -41.63 2.67
N ARG F 262 18.04 -42.74 3.34
CA ARG F 262 19.17 -43.66 3.00
C ARG F 262 19.03 -44.19 1.57
N PRO F 263 17.93 -44.86 1.17
CA PRO F 263 17.79 -45.31 -0.22
C PRO F 263 18.20 -44.25 -1.26
N ALA F 264 17.77 -42.98 -1.12
CA ALA F 264 18.08 -41.89 -2.11
C ALA F 264 19.60 -41.67 -2.18
N TRP F 265 20.29 -41.75 -1.05
CA TRP F 265 21.75 -41.54 -1.02
C TRP F 265 22.53 -42.82 -1.39
N GLN F 266 21.99 -44.03 -1.12
CA GLN F 266 22.68 -45.30 -1.47
C GLN F 266 22.90 -45.36 -3.00
N GLU F 267 22.02 -44.68 -3.74
CA GLU F 267 22.12 -44.45 -5.21
C GLU F 267 23.48 -43.83 -5.61
N VAL F 268 23.99 -42.82 -4.89
CA VAL F 268 25.22 -42.06 -5.27
C VAL F 268 26.36 -42.23 -4.26
N ALA F 269 26.18 -43.02 -3.19
CA ALA F 269 27.25 -43.29 -2.21
C ALA F 269 27.30 -44.78 -1.88
N GLU F 270 28.51 -45.34 -1.81
CA GLU F 270 28.77 -46.76 -1.44
C GLU F 270 28.54 -47.00 0.06
N ASN F 271 28.91 -46.06 0.93
CA ASN F 271 28.94 -46.18 2.42
C ASN F 271 28.01 -45.13 3.07
N VAL F 272 26.72 -45.48 3.18
CA VAL F 272 25.64 -44.63 3.72
C VAL F 272 25.12 -45.30 5.00
N GLU F 273 25.02 -44.53 6.09
CA GLU F 273 24.23 -44.88 7.30
C GLU F 273 23.25 -43.71 7.57
N GLY F 274 22.21 -43.92 8.37
CA GLY F 274 21.29 -42.86 8.81
C GLY F 274 19.87 -43.37 8.95
N GLY F 275 18.88 -42.50 8.68
CA GLY F 275 17.47 -42.85 8.90
C GLY F 275 16.62 -41.63 9.13
N ALA F 276 15.78 -41.69 10.16
CA ALA F 276 14.75 -40.68 10.49
C ALA F 276 14.87 -40.20 11.95
N VAL F 277 14.81 -38.87 12.13
CA VAL F 277 14.74 -38.14 13.42
C VAL F 277 13.28 -38.12 13.86
N GLU F 278 12.92 -38.76 14.98
CA GLU F 278 11.53 -38.85 15.52
C GLU F 278 10.93 -37.44 15.77
N ASN F 279 9.66 -37.28 15.42
CA ASN F 279 8.86 -36.03 15.66
C ASN F 279 9.71 -34.82 15.26
N CYS F 280 10.29 -34.88 14.08
CA CYS F 280 11.09 -33.76 13.50
C CYS F 280 10.61 -33.46 12.07
N GLY F 281 10.35 -32.17 11.78
CA GLY F 281 10.02 -31.68 10.43
C GLY F 281 11.29 -31.50 9.59
N HIS F 282 11.22 -30.68 8.55
CA HIS F 282 12.31 -30.43 7.58
C HIS F 282 13.54 -29.78 8.24
N PHE F 283 13.37 -28.87 9.20
CA PHE F 283 14.47 -27.97 9.63
C PHE F 283 15.27 -28.57 10.81
N VAL F 284 15.88 -29.75 10.59
CA VAL F 284 16.47 -30.53 11.71
C VAL F 284 17.38 -29.65 12.58
N PRO F 285 18.28 -28.80 12.01
CA PRO F 285 19.18 -27.97 12.82
C PRO F 285 18.55 -26.96 13.81
N GLU F 286 17.34 -26.50 13.56
CA GLU F 286 16.71 -25.54 14.52
C GLU F 286 15.67 -26.25 15.39
N GLU F 287 15.09 -27.36 14.92
CA GLU F 287 14.00 -28.09 15.62
C GLU F 287 14.59 -29.20 16.52
N LYS F 288 15.76 -29.74 16.18
CA LYS F 288 16.44 -30.84 16.92
C LYS F 288 17.95 -30.64 16.90
N PRO F 289 18.42 -29.44 17.33
CA PRO F 289 19.84 -29.13 17.30
C PRO F 289 20.62 -30.26 17.97
N GLN F 290 20.21 -30.67 19.18
CA GLN F 290 21.07 -31.63 19.93
C GLN F 290 21.29 -32.90 19.08
N PHE F 291 20.30 -33.34 18.32
CA PHE F 291 20.44 -34.54 17.48
C PHE F 291 21.59 -34.29 16.50
N VAL F 292 21.53 -33.13 15.84
CA VAL F 292 22.57 -32.72 14.87
C VAL F 292 23.93 -32.67 15.58
N ILE F 293 23.98 -32.12 16.81
CA ILE F 293 25.23 -31.92 17.59
C ILE F 293 25.83 -33.31 17.90
N ASP F 294 25.04 -34.23 18.44
CA ASP F 294 25.58 -35.54 18.91
C ASP F 294 25.94 -36.40 17.69
N THR F 295 25.10 -36.34 16.62
CA THR F 295 25.29 -37.15 15.37
C THR F 295 26.61 -36.71 14.70
N ALA F 296 26.84 -35.39 14.62
CA ALA F 296 28.04 -34.73 14.09
C ALA F 296 29.30 -35.11 14.88
N LEU F 297 29.34 -34.78 16.19
CA LEU F 297 30.53 -35.06 17.06
C LEU F 297 30.97 -36.54 16.94
N LYS F 298 30.02 -37.48 16.82
CA LYS F 298 30.27 -38.94 16.72
C LYS F 298 30.80 -39.21 15.32
N PHE F 299 30.15 -38.63 14.29
CA PHE F 299 30.39 -39.00 12.87
C PHE F 299 31.76 -38.48 12.42
N PHE F 300 32.17 -37.29 12.87
CA PHE F 300 33.44 -36.65 12.45
C PHE F 300 34.60 -36.93 13.44
N ALA F 301 34.34 -37.67 14.54
CA ALA F 301 35.30 -37.95 15.65
C ALA F 301 36.61 -38.48 15.12
N PRO F 302 36.62 -39.41 14.12
CA PRO F 302 37.89 -39.93 13.60
C PRO F 302 38.73 -38.92 12.80
N LEU F 303 38.28 -37.67 12.62
CA LEU F 303 38.99 -36.60 11.88
C LEU F 303 39.84 -35.68 12.79
N ARG F 304 39.60 -35.56 14.11
CA ARG F 304 40.69 -35.02 15.00
C ARG F 304 41.70 -36.16 15.29
N THR G 21 -0.41 -1.99 -45.30
CA THR G 21 0.47 -1.41 -44.20
C THR G 21 0.03 -1.75 -42.75
N GLU G 22 -0.87 -2.72 -42.53
CA GLU G 22 -1.25 -3.28 -41.20
C GLU G 22 -0.04 -3.91 -40.51
N ILE G 23 0.19 -3.56 -39.26
CA ILE G 23 1.22 -4.19 -38.40
C ILE G 23 0.69 -5.58 -38.03
N THR G 24 1.49 -6.65 -38.10
CA THR G 24 1.13 -8.02 -37.63
C THR G 24 2.12 -8.39 -36.52
N HIS G 25 1.64 -8.94 -35.40
CA HIS G 25 2.47 -9.44 -34.28
C HIS G 25 2.93 -10.88 -34.54
N HIS G 26 4.22 -11.13 -34.28
CA HIS G 26 4.89 -12.43 -34.46
C HIS G 26 5.81 -12.70 -33.28
N GLN G 27 6.21 -13.95 -33.15
CA GLN G 27 7.34 -14.36 -32.29
C GLN G 27 8.19 -15.43 -32.99
N ALA G 28 9.46 -15.50 -32.62
CA ALA G 28 10.43 -16.56 -33.00
C ALA G 28 11.24 -16.97 -31.77
N MET G 29 11.70 -18.23 -31.73
CA MET G 29 12.73 -18.73 -30.78
C MET G 29 14.09 -18.22 -31.28
N ILE G 30 14.68 -17.24 -30.59
CA ILE G 30 15.95 -16.54 -30.96
C ILE G 30 16.96 -16.72 -29.79
N ASN G 31 18.09 -17.41 -30.00
CA ASN G 31 19.17 -17.57 -28.98
C ASN G 31 18.56 -17.96 -27.64
N GLY G 32 17.62 -18.89 -27.65
CA GLY G 32 17.04 -19.61 -26.52
C GLY G 32 15.87 -18.90 -25.84
N TYR G 33 15.27 -17.85 -26.40
CA TYR G 33 14.09 -17.16 -25.77
C TYR G 33 13.13 -16.72 -26.88
N ARG G 34 11.90 -16.44 -26.49
CA ARG G 34 10.78 -16.08 -27.41
C ARG G 34 10.89 -14.58 -27.59
N MET G 35 11.19 -14.18 -28.81
CA MET G 35 11.37 -12.76 -29.19
C MET G 35 10.07 -12.33 -29.86
N HIS G 36 9.45 -11.31 -29.36
CA HIS G 36 8.32 -10.63 -30.04
C HIS G 36 8.85 -9.70 -31.11
N TYR G 37 8.18 -9.68 -32.25
CA TYR G 37 8.42 -8.64 -33.29
C TYR G 37 7.14 -8.37 -34.06
N VAL G 38 7.03 -7.16 -34.57
CA VAL G 38 5.99 -6.85 -35.59
C VAL G 38 6.60 -6.67 -36.97
N THR G 39 5.83 -6.97 -38.03
CA THR G 39 6.17 -6.74 -39.44
C THR G 39 5.03 -5.98 -40.12
N ALA G 40 5.30 -5.39 -41.27
CA ALA G 40 4.34 -4.62 -42.10
C ALA G 40 4.96 -4.39 -43.48
N GLY G 41 4.15 -4.24 -44.53
CA GLY G 41 4.63 -3.79 -45.86
C GLY G 41 5.31 -4.91 -46.62
N SER G 42 5.97 -4.58 -47.74
CA SER G 42 6.72 -5.50 -48.61
C SER G 42 7.85 -4.75 -49.30
N GLY G 43 8.78 -5.53 -49.85
CA GLY G 43 9.98 -5.04 -50.54
C GLY G 43 11.18 -5.22 -49.66
N TYR G 44 12.14 -4.30 -49.79
CA TYR G 44 13.43 -4.37 -49.12
C TYR G 44 13.23 -4.16 -47.62
N PRO G 45 13.91 -4.99 -46.78
CA PRO G 45 13.73 -4.95 -45.32
C PRO G 45 14.50 -3.86 -44.55
N LEU G 46 13.76 -3.08 -43.76
CA LEU G 46 14.28 -2.14 -42.74
C LEU G 46 13.97 -2.72 -41.37
N VAL G 47 14.96 -2.77 -40.51
CA VAL G 47 14.92 -3.27 -39.13
C VAL G 47 14.93 -2.04 -38.23
N LEU G 48 13.90 -1.83 -37.40
CA LEU G 48 13.83 -0.70 -36.45
C LEU G 48 14.10 -1.23 -35.02
N LEU G 49 15.13 -0.70 -34.39
CA LEU G 49 15.59 -1.12 -33.04
C LEU G 49 15.30 -0.04 -32.00
N HIS G 50 14.35 -0.31 -31.11
CA HIS G 50 13.97 0.59 -29.99
C HIS G 50 15.04 0.69 -28.91
N GLY G 51 14.82 1.58 -27.95
CA GLY G 51 15.70 1.77 -26.78
C GLY G 51 14.94 1.70 -25.45
N TRP G 52 15.52 2.27 -24.41
CA TRP G 52 14.99 2.16 -23.02
C TRP G 52 14.28 3.47 -22.69
N PRO G 53 13.07 3.51 -22.09
CA PRO G 53 12.33 2.32 -21.64
C PRO G 53 11.20 1.82 -22.53
N GLN G 54 11.50 1.43 -23.77
CA GLN G 54 10.44 1.37 -24.81
C GLN G 54 10.36 -0.04 -25.38
N SER G 55 10.10 -0.15 -26.68
CA SER G 55 9.56 -1.34 -27.35
C SER G 55 9.33 -0.97 -28.82
N TRP G 56 8.80 -1.94 -29.59
CA TRP G 56 8.49 -1.74 -31.02
C TRP G 56 7.54 -0.53 -31.09
N TYR G 57 6.80 -0.28 -30.02
CA TYR G 57 5.66 0.64 -30.04
C TYR G 57 6.15 2.07 -30.29
N GLU G 58 7.38 2.44 -29.95
CA GLU G 58 7.85 3.81 -30.25
C GLU G 58 7.87 4.07 -31.76
N TRP G 59 7.90 3.01 -32.59
CA TRP G 59 7.97 3.09 -34.06
C TRP G 59 6.57 3.15 -34.67
N ARG G 60 5.53 3.14 -33.85
CA ARG G 60 4.16 2.89 -34.37
C ARG G 60 3.71 4.00 -35.33
N ASN G 61 4.28 5.22 -35.33
CA ASN G 61 3.82 6.33 -36.21
C ASN G 61 4.73 6.49 -37.42
N VAL G 62 5.78 5.69 -37.48
CA VAL G 62 6.77 5.67 -38.57
C VAL G 62 6.49 4.45 -39.44
N ILE G 63 6.20 3.29 -38.83
CA ILE G 63 6.06 2.01 -39.57
C ILE G 63 5.07 2.14 -40.73
N PRO G 64 3.85 2.62 -40.58
CA PRO G 64 2.88 2.61 -41.69
C PRO G 64 3.38 3.28 -42.98
N ALA G 65 4.07 4.41 -42.90
CA ALA G 65 4.60 5.11 -44.08
C ALA G 65 5.79 4.33 -44.66
N LEU G 66 6.71 3.84 -43.84
CA LEU G 66 7.86 3.09 -44.36
C LEU G 66 7.34 1.82 -45.00
N ALA G 67 6.25 1.29 -44.48
CA ALA G 67 5.68 0.03 -45.00
C ALA G 67 5.06 0.20 -46.41
N GLU G 68 4.84 1.43 -46.89
CA GLU G 68 4.37 1.65 -48.29
C GLU G 68 5.49 1.31 -49.30
N GLN G 69 6.76 1.35 -48.89
CA GLN G 69 7.92 1.16 -49.78
C GLN G 69 8.80 0.01 -49.27
N PHE G 70 8.72 -0.41 -47.99
CA PHE G 70 9.64 -1.41 -47.43
C PHE G 70 8.89 -2.52 -46.67
N THR G 71 9.55 -3.66 -46.44
CA THR G 71 9.20 -4.57 -45.34
C THR G 71 9.77 -3.94 -44.09
N VAL G 72 8.95 -3.71 -43.11
CA VAL G 72 9.41 -3.10 -41.84
C VAL G 72 9.40 -4.20 -40.78
N ILE G 73 10.49 -4.34 -40.02
CA ILE G 73 10.68 -5.31 -38.90
C ILE G 73 11.06 -4.55 -37.63
N ALA G 74 10.25 -4.62 -36.57
CA ALA G 74 10.50 -3.91 -35.30
C ALA G 74 10.44 -4.91 -34.16
N PRO G 75 11.58 -5.44 -33.68
CA PRO G 75 11.57 -6.39 -32.56
C PRO G 75 11.48 -5.73 -31.18
N ASP G 76 11.04 -6.50 -30.17
CA ASP G 76 11.29 -6.21 -28.74
C ASP G 76 12.60 -6.89 -28.43
N LEU G 77 13.62 -6.08 -28.15
CA LEU G 77 14.98 -6.54 -27.82
C LEU G 77 14.98 -7.27 -26.48
N ARG G 78 15.98 -8.12 -26.30
CA ARG G 78 16.13 -9.06 -25.17
C ARG G 78 15.69 -8.37 -23.87
N GLY G 79 14.69 -8.94 -23.21
CA GLY G 79 14.26 -8.56 -21.85
C GLY G 79 13.21 -7.43 -21.84
N LEU G 80 12.94 -6.75 -22.93
CA LEU G 80 12.05 -5.59 -22.92
C LEU G 80 10.84 -5.85 -23.81
N GLY G 81 9.87 -4.92 -23.79
CA GLY G 81 8.57 -5.13 -24.44
C GLY G 81 7.96 -6.42 -23.95
N ASP G 82 7.40 -7.20 -24.87
CA ASP G 82 6.73 -8.48 -24.62
C ASP G 82 7.73 -9.61 -24.89
N SER G 83 8.97 -9.31 -25.27
CA SER G 83 9.94 -10.42 -25.45
C SER G 83 10.19 -11.09 -24.08
N GLU G 84 10.56 -12.36 -24.08
CA GLU G 84 11.06 -13.07 -22.86
C GLU G 84 12.37 -12.45 -22.38
N LYS G 85 12.85 -12.85 -21.21
CA LYS G 85 13.75 -12.03 -20.37
C LYS G 85 14.79 -12.95 -19.74
N PRO G 86 15.82 -13.38 -20.50
CA PRO G 86 16.87 -14.22 -19.94
C PRO G 86 17.59 -13.42 -18.86
N MET G 87 18.49 -14.08 -18.16
CA MET G 87 19.19 -13.53 -16.99
C MET G 87 20.52 -12.94 -17.44
N THR G 88 20.97 -13.25 -18.66
CA THR G 88 22.25 -12.74 -19.21
C THR G 88 22.15 -12.42 -20.70
N GLY G 89 23.23 -11.89 -21.26
CA GLY G 89 23.41 -11.62 -22.69
C GLY G 89 22.91 -10.22 -23.07
N PHE G 90 23.06 -9.23 -22.20
CA PHE G 90 22.48 -7.87 -22.36
C PHE G 90 23.56 -6.87 -22.80
N ASP G 91 24.82 -7.32 -22.91
CA ASP G 91 25.84 -6.51 -23.65
C ASP G 91 25.31 -6.24 -25.06
N LYS G 92 25.70 -5.17 -25.72
CA LYS G 92 25.00 -4.79 -26.98
C LYS G 92 25.52 -5.66 -28.13
N ARG G 93 26.78 -6.15 -28.07
CA ARG G 93 27.26 -7.18 -29.03
C ARG G 93 26.31 -8.39 -28.98
N THR G 94 25.95 -8.91 -27.79
CA THR G 94 25.09 -10.13 -27.67
C THR G 94 23.66 -9.86 -28.18
N MET G 95 23.10 -8.72 -27.85
CA MET G 95 21.73 -8.32 -28.27
CA MET G 95 21.72 -8.38 -28.28
C MET G 95 21.70 -8.14 -29.80
N ALA G 96 22.82 -7.69 -30.39
CA ALA G 96 22.95 -7.56 -31.86
C ALA G 96 22.95 -8.95 -32.47
N THR G 97 23.45 -10.00 -31.79
CA THR G 97 23.40 -11.37 -32.36
C THR G 97 21.95 -11.84 -32.34
N ASP G 98 21.10 -11.40 -31.42
CA ASP G 98 19.65 -11.71 -31.50
C ASP G 98 19.05 -11.15 -32.81
N VAL G 99 19.44 -9.94 -33.18
CA VAL G 99 18.87 -9.28 -34.38
C VAL G 99 19.37 -10.02 -35.63
N ARG G 100 20.66 -10.43 -35.64
CA ARG G 100 21.21 -11.25 -36.75
C ARG G 100 20.33 -12.51 -36.93
N GLU G 101 20.08 -13.28 -35.88
CA GLU G 101 19.25 -14.51 -35.90
C GLU G 101 17.81 -14.20 -36.35
N LEU G 102 17.21 -13.10 -35.91
CA LEU G 102 15.86 -12.68 -36.38
C LEU G 102 15.91 -12.45 -37.90
N VAL G 103 16.85 -11.65 -38.36
CA VAL G 103 16.93 -11.27 -39.79
C VAL G 103 17.21 -12.56 -40.57
N SER G 104 18.00 -13.45 -39.99
CA SER G 104 18.34 -14.74 -40.64
C SER G 104 17.10 -15.65 -40.65
N HIS G 105 16.29 -15.63 -39.59
CA HIS G 105 15.04 -16.46 -39.51
C HIS G 105 14.04 -15.95 -40.52
N LEU G 106 13.99 -14.65 -40.74
CA LEU G 106 13.05 -14.06 -41.73
C LEU G 106 13.52 -14.29 -43.18
N GLY G 107 14.79 -14.70 -43.43
CA GLY G 107 15.31 -15.09 -44.76
C GLY G 107 15.93 -13.95 -45.55
N TYR G 108 16.47 -12.93 -44.90
CA TYR G 108 17.09 -11.74 -45.53
C TYR G 108 18.60 -11.83 -45.34
N ASP G 109 19.39 -11.50 -46.37
CA ASP G 109 20.88 -11.45 -46.30
C ASP G 109 21.32 -10.00 -46.55
N LYS G 110 20.40 -9.06 -46.71
CA LYS G 110 20.71 -7.61 -46.85
C LYS G 110 19.62 -6.81 -46.13
N VAL G 111 19.99 -5.83 -45.30
CA VAL G 111 18.97 -5.07 -44.54
C VAL G 111 19.51 -3.66 -44.34
N GLY G 112 18.59 -2.73 -44.18
CA GLY G 112 18.85 -1.40 -43.62
C GLY G 112 18.43 -1.43 -42.18
N VAL G 113 18.97 -0.57 -41.33
CA VAL G 113 18.68 -0.55 -39.89
C VAL G 113 18.43 0.89 -39.46
N ILE G 114 17.42 1.12 -38.62
CA ILE G 114 17.28 2.38 -37.82
C ILE G 114 17.37 2.00 -36.34
N GLY G 115 18.24 2.66 -35.58
CA GLY G 115 18.33 2.48 -34.11
C GLY G 115 18.24 3.78 -33.35
N HIS G 116 17.39 3.78 -32.32
CA HIS G 116 17.19 4.91 -31.40
C HIS G 116 17.66 4.52 -29.99
N ASP G 117 18.27 5.46 -29.27
CA ASP G 117 18.67 5.17 -27.87
C ASP G 117 19.49 3.88 -27.90
N TRP G 118 19.22 2.93 -27.00
CA TRP G 118 20.11 1.76 -26.89
C TRP G 118 20.05 0.96 -28.19
N GLY G 119 18.92 1.03 -28.90
CA GLY G 119 18.78 0.43 -30.23
C GLY G 119 19.92 0.81 -31.15
N GLY G 120 20.35 2.07 -31.07
CA GLY G 120 21.43 2.65 -31.87
C GLY G 120 22.75 1.99 -31.54
N SER G 121 22.97 1.70 -30.26
CA SER G 121 24.21 0.99 -29.80
C SER G 121 24.15 -0.45 -30.31
N VAL G 122 22.99 -1.12 -30.16
CA VAL G 122 22.77 -2.49 -30.72
C VAL G 122 22.94 -2.47 -32.24
N ALA G 123 22.36 -1.48 -32.91
CA ALA G 123 22.54 -1.30 -34.38
C ALA G 123 24.03 -1.21 -34.73
N PHE G 124 24.79 -0.47 -33.93
CA PHE G 124 26.23 -0.24 -34.18
C PHE G 124 26.95 -1.61 -34.22
N TYR G 125 26.73 -2.46 -33.22
CA TYR G 125 27.40 -3.79 -33.14
C TYR G 125 26.89 -4.68 -34.27
N PHE G 126 25.63 -4.52 -34.68
CA PHE G 126 24.96 -5.35 -35.70
C PHE G 126 25.70 -5.07 -36.99
N ALA G 127 25.89 -3.77 -37.33
CA ALA G 127 26.65 -3.33 -38.54
C ALA G 127 28.13 -3.68 -38.38
N TYR G 128 28.73 -3.46 -37.21
CA TYR G 128 30.18 -3.68 -36.99
C TYR G 128 30.53 -5.16 -37.11
N ASP G 129 29.63 -6.06 -36.68
CA ASP G 129 29.94 -7.51 -36.61
C ASP G 129 29.46 -8.22 -37.90
N ASN G 130 28.71 -7.54 -38.78
CA ASN G 130 28.05 -8.18 -39.96
C ASN G 130 28.19 -7.20 -41.13
N ARG G 131 29.41 -7.12 -41.66
CA ARG G 131 29.90 -6.09 -42.59
C ARG G 131 29.16 -6.25 -43.93
N ASP G 132 28.64 -7.45 -44.24
CA ASP G 132 28.03 -7.80 -45.54
C ASP G 132 26.49 -7.80 -45.44
N LEU G 133 25.91 -7.71 -44.23
CA LEU G 133 24.46 -7.85 -43.93
C LEU G 133 23.77 -6.47 -43.89
N VAL G 134 24.35 -5.53 -43.16
CA VAL G 134 23.73 -4.19 -42.95
C VAL G 134 24.28 -3.24 -44.02
N GLU G 135 23.43 -2.79 -44.94
CA GLU G 135 23.87 -1.95 -46.10
C GLU G 135 23.87 -0.46 -45.69
N ARG G 136 23.02 -0.06 -44.75
CA ARG G 136 22.85 1.37 -44.40
C ARG G 136 22.29 1.47 -42.98
N LEU G 137 22.68 2.52 -42.26
CA LEU G 137 22.48 2.69 -40.80
C LEU G 137 22.03 4.14 -40.55
N PHE G 138 20.84 4.28 -39.96
CA PHE G 138 20.23 5.54 -39.48
C PHE G 138 20.26 5.47 -37.95
N ILE G 139 21.05 6.32 -37.29
CA ILE G 139 20.99 6.49 -35.82
C ILE G 139 20.07 7.69 -35.49
N LEU G 140 19.22 7.50 -34.49
CA LEU G 140 18.48 8.59 -33.79
C LEU G 140 18.92 8.75 -32.30
N ASP G 141 19.57 9.88 -31.99
CA ASP G 141 19.83 10.39 -30.63
C ASP G 141 20.44 9.26 -29.75
N MET G 142 21.58 8.79 -30.18
CA MET G 142 22.45 7.87 -29.47
C MET G 142 23.87 8.15 -29.93
N ILE G 143 24.83 7.79 -29.09
CA ILE G 143 26.27 7.77 -29.39
C ILE G 143 26.69 6.30 -29.35
N PRO G 144 27.74 5.91 -30.07
CA PRO G 144 28.02 4.47 -30.26
C PRO G 144 28.03 3.63 -28.96
N GLY G 145 28.59 4.19 -27.92
CA GLY G 145 28.43 3.68 -26.54
C GLY G 145 28.49 4.82 -25.53
N LEU G 146 28.25 4.50 -24.26
CA LEU G 146 28.31 5.52 -23.18
C LEU G 146 29.74 6.06 -23.07
N ILE G 147 30.77 5.21 -23.22
CA ILE G 147 32.17 5.58 -22.88
C ILE G 147 33.09 4.38 -23.20
N LYS G 148 34.35 4.65 -23.56
CA LYS G 148 35.41 3.64 -23.79
C LYS G 148 36.06 3.32 -22.46
N ALA G 149 36.37 2.05 -22.26
CA ALA G 149 37.16 1.55 -21.12
C ALA G 149 38.39 2.44 -20.94
N GLY G 150 38.63 2.95 -19.74
CA GLY G 150 39.86 3.72 -19.44
C GLY G 150 39.60 5.21 -19.51
N ASP G 151 38.49 5.65 -20.09
CA ASP G 151 38.09 7.09 -20.09
C ASP G 151 37.28 7.44 -18.83
N SER G 152 37.11 8.74 -18.62
CA SER G 152 36.54 9.38 -17.40
C SER G 152 35.36 10.27 -17.79
N PHE G 153 34.45 10.42 -16.83
CA PHE G 153 33.19 11.20 -16.92
C PHE G 153 33.38 12.59 -16.31
N PRO G 154 33.45 13.66 -17.15
CA PRO G 154 33.28 15.03 -16.61
C PRO G 154 32.03 15.10 -15.71
N ILE G 155 32.08 15.89 -14.64
CA ILE G 155 30.95 16.14 -13.70
C ILE G 155 29.66 16.53 -14.44
N PRO G 156 29.59 17.54 -15.36
CA PRO G 156 28.35 17.87 -16.05
C PRO G 156 27.75 16.68 -16.83
N VAL G 157 28.59 15.86 -17.48
CA VAL G 157 28.12 14.68 -18.24
C VAL G 157 27.51 13.68 -17.26
N ALA G 158 28.21 13.30 -16.17
CA ALA G 158 27.70 12.37 -15.14
C ALA G 158 26.34 12.85 -14.62
N LEU G 159 26.19 14.14 -14.39
CA LEU G 159 24.89 14.70 -13.89
C LEU G 159 23.81 14.61 -14.98
N MET G 160 24.13 14.84 -16.27
CA MET G 160 23.12 14.91 -17.38
C MET G 160 22.56 13.50 -17.62
N ILE G 161 23.34 12.46 -17.33
CA ILE G 161 22.89 11.04 -17.46
C ILE G 161 23.09 10.24 -16.14
N ASN G 162 22.83 10.90 -14.99
CA ASN G 162 22.90 10.36 -13.60
C ASN G 162 22.19 8.98 -13.53
N HIS G 163 21.12 8.74 -14.28
CA HIS G 163 20.35 7.47 -14.17
C HIS G 163 21.19 6.26 -14.60
N ILE G 164 22.16 6.39 -15.52
CA ILE G 164 22.92 5.18 -15.96
C ILE G 164 23.57 4.56 -14.70
N PHE G 165 24.04 5.37 -13.75
CA PHE G 165 24.82 4.96 -12.55
C PHE G 165 23.84 4.33 -11.56
N PHE G 166 22.60 4.88 -11.51
CA PHE G 166 21.47 4.35 -10.71
C PHE G 166 21.13 2.94 -11.24
N HIS G 167 20.79 2.82 -12.53
CA HIS G 167 20.39 1.55 -13.17
C HIS G 167 21.53 0.52 -13.13
N GLY G 168 22.77 0.96 -13.38
CA GLY G 168 23.86 0.05 -13.71
C GLY G 168 24.76 -0.23 -12.53
N GLY G 169 24.65 0.57 -11.45
CA GLY G 169 25.56 0.52 -10.31
C GLY G 169 25.34 -0.79 -9.59
N ASN G 170 24.11 -0.91 -9.06
CA ASN G 170 23.63 -2.03 -8.21
C ASN G 170 22.25 -2.39 -8.71
N PRO G 171 22.18 -3.08 -9.85
CA PRO G 171 20.93 -3.20 -10.58
C PRO G 171 19.79 -3.77 -9.73
N ASP G 172 20.06 -4.71 -8.79
CA ASP G 172 18.99 -5.32 -7.95
C ASP G 172 18.31 -4.21 -7.11
N TRP G 173 19.09 -3.28 -6.56
CA TRP G 173 18.56 -2.22 -5.67
C TRP G 173 17.77 -1.23 -6.52
N ALA G 174 18.24 -0.93 -7.73
CA ALA G 174 17.55 0.03 -8.63
C ALA G 174 16.24 -0.65 -9.06
N THR G 175 16.32 -1.96 -9.39
CA THR G 175 15.13 -2.74 -9.80
C THR G 175 14.09 -2.63 -8.66
N ALA G 176 14.49 -2.86 -7.42
CA ALA G 176 13.58 -2.78 -6.28
C ALA G 176 12.94 -1.38 -6.25
N LEU G 177 13.70 -0.28 -6.29
CA LEU G 177 13.17 1.09 -6.12
C LEU G 177 12.31 1.52 -7.31
N ILE G 178 12.68 1.09 -8.51
CA ILE G 178 11.92 1.46 -9.74
C ILE G 178 10.61 0.68 -9.77
N SER G 179 10.65 -0.62 -9.47
CA SER G 179 9.51 -1.57 -9.57
C SER G 179 8.42 -1.25 -8.52
N LYS G 180 8.74 -0.61 -7.39
CA LYS G 180 7.70 -0.05 -6.49
C LYS G 180 6.69 0.82 -7.26
N ASP G 181 7.09 1.60 -8.25
CA ASP G 181 6.14 2.50 -8.95
C ASP G 181 6.69 2.85 -10.35
N VAL G 182 6.41 2.00 -11.34
CA VAL G 182 6.90 2.15 -12.74
C VAL G 182 6.17 3.33 -13.44
N ASN G 183 4.88 3.50 -13.19
CA ASN G 183 4.10 4.66 -13.72
C ASN G 183 4.81 5.97 -13.38
N LEU G 184 5.26 6.12 -12.14
CA LEU G 184 5.96 7.35 -11.68
C LEU G 184 7.34 7.42 -12.34
N TYR G 185 8.14 6.38 -12.20
CA TYR G 185 9.56 6.40 -12.63
C TYR G 185 9.67 6.67 -14.14
N LEU G 186 8.85 6.07 -14.99
CA LEU G 186 9.05 6.23 -16.47
C LEU G 186 8.81 7.68 -16.79
N ARG G 187 8.07 8.42 -15.95
CA ARG G 187 7.75 9.80 -16.33
C ARG G 187 9.00 10.69 -16.20
N ARG G 188 9.99 10.31 -15.40
CA ARG G 188 11.36 10.93 -15.39
C ARG G 188 11.84 11.17 -16.84
N PHE G 189 11.46 10.28 -17.76
CA PHE G 189 11.96 10.23 -19.17
C PHE G 189 10.89 10.72 -20.14
N LEU G 190 9.66 10.28 -19.97
CA LEU G 190 8.57 10.43 -20.98
C LEU G 190 7.97 11.85 -20.95
N THR G 191 7.84 12.54 -19.78
CA THR G 191 7.16 13.87 -19.75
C THR G 191 8.06 15.05 -19.37
N THR G 192 9.35 14.81 -19.10
CA THR G 192 10.24 15.85 -18.53
C THR G 192 10.82 16.70 -19.66
N LEU G 193 11.00 17.97 -19.36
CA LEU G 193 11.50 19.01 -20.29
C LEU G 193 12.98 18.77 -20.61
N ASP G 194 13.72 18.04 -19.75
CA ASP G 194 15.13 17.78 -20.14
C ASP G 194 15.23 16.61 -21.12
N TYR G 195 14.23 15.75 -21.26
CA TYR G 195 14.24 14.64 -22.23
C TYR G 195 13.40 14.96 -23.47
N ASN G 196 12.57 15.99 -23.42
CA ASN G 196 11.53 16.23 -24.44
C ASN G 196 11.41 17.74 -24.65
N TYR G 197 11.34 18.21 -25.87
CA TYR G 197 10.98 19.62 -26.17
C TYR G 197 9.64 19.91 -25.49
N SER G 198 8.62 19.13 -25.83
CA SER G 198 7.26 19.23 -25.27
C SER G 198 7.09 18.17 -24.18
N PRO G 199 6.38 18.49 -23.07
CA PRO G 199 6.02 17.49 -22.06
C PRO G 199 4.82 16.63 -22.48
N ASN G 200 4.27 16.84 -23.69
CA ASN G 200 3.02 16.20 -24.19
C ASN G 200 3.28 15.31 -25.43
N VAL G 201 4.48 14.75 -25.54
CA VAL G 201 4.80 13.87 -26.70
C VAL G 201 3.94 12.62 -26.54
N PHE G 202 3.63 12.21 -25.31
CA PHE G 202 2.93 10.93 -25.02
C PHE G 202 1.55 11.19 -24.41
N SER G 203 0.50 10.61 -24.95
CA SER G 203 -0.82 10.51 -24.29
C SER G 203 -0.67 9.57 -23.09
N GLU G 204 -1.65 9.60 -22.20
CA GLU G 204 -1.72 8.70 -21.01
C GLU G 204 -1.81 7.25 -21.51
N GLU G 205 -2.48 7.03 -22.62
CA GLU G 205 -2.57 5.71 -23.29
C GLU G 205 -1.16 5.22 -23.70
N ASP G 206 -0.34 6.11 -24.29
CA ASP G 206 1.03 5.76 -24.67
C ASP G 206 1.85 5.44 -23.40
N ILE G 207 1.81 6.30 -22.40
CA ILE G 207 2.62 6.07 -21.18
C ILE G 207 2.22 4.72 -20.59
N ALA G 208 0.91 4.46 -20.53
CA ALA G 208 0.33 3.20 -20.03
C ALA G 208 0.94 1.99 -20.74
N GLU G 209 1.12 2.05 -22.05
CA GLU G 209 1.69 0.94 -22.82
C GLU G 209 3.12 0.70 -22.32
N TYR G 210 3.91 1.75 -22.13
CA TYR G 210 5.29 1.61 -21.65
C TYR G 210 5.24 1.06 -20.22
N VAL G 211 4.32 1.56 -19.40
CA VAL G 211 4.21 1.05 -18.00
C VAL G 211 3.83 -0.43 -18.04
N ARG G 212 2.92 -0.82 -18.96
CA ARG G 212 2.47 -2.21 -19.11
C ARG G 212 3.67 -3.13 -19.37
N VAL G 213 4.48 -2.85 -20.38
CA VAL G 213 5.59 -3.79 -20.72
C VAL G 213 6.70 -3.73 -19.69
N ASN G 214 6.97 -2.56 -19.12
CA ASN G 214 8.00 -2.45 -18.05
C ASN G 214 7.47 -2.94 -16.70
N SER G 215 6.17 -3.19 -16.53
CA SER G 215 5.60 -3.83 -15.31
C SER G 215 5.53 -5.36 -15.45
N LEU G 216 5.98 -5.93 -16.57
CA LEU G 216 6.11 -7.40 -16.69
C LEU G 216 7.33 -7.79 -15.85
N PRO G 217 7.20 -8.80 -14.98
CA PRO G 217 8.35 -9.26 -14.22
C PRO G 217 9.49 -9.67 -15.17
N GLY G 218 10.70 -9.19 -14.89
CA GLY G 218 11.89 -9.39 -15.73
C GLY G 218 12.24 -8.14 -16.46
N SER G 219 11.25 -7.31 -16.81
CA SER G 219 11.50 -6.13 -17.68
C SER G 219 12.45 -5.18 -16.98
N ILE G 220 12.15 -4.79 -15.74
CA ILE G 220 13.00 -3.75 -15.11
C ILE G 220 14.37 -4.38 -14.85
N ARG G 221 14.40 -5.63 -14.38
CA ARG G 221 15.67 -6.38 -14.11
C ARG G 221 16.51 -6.33 -15.40
N SER G 222 15.92 -6.66 -16.51
CA SER G 222 16.59 -6.64 -17.85
C SER G 222 17.07 -5.24 -18.22
N GLY G 223 16.18 -4.25 -18.14
CA GLY G 223 16.54 -2.84 -18.36
C GLY G 223 17.80 -2.46 -17.59
N CYS G 224 17.87 -2.80 -16.30
CA CYS G 224 19.03 -2.44 -15.45
C CYS G 224 20.28 -3.18 -15.97
N GLN G 225 20.11 -4.37 -16.55
CA GLN G 225 21.23 -5.17 -17.08
C GLN G 225 21.74 -4.47 -18.35
N TRP G 226 20.89 -3.75 -19.09
CA TRP G 226 21.34 -3.03 -20.31
C TRP G 226 22.35 -1.97 -19.90
N TYR G 227 22.05 -1.31 -18.79
CA TYR G 227 22.87 -0.21 -18.24
C TYR G 227 24.12 -0.83 -17.59
N ALA G 228 23.97 -1.97 -16.90
CA ALA G 228 25.07 -2.58 -16.12
C ALA G 228 26.19 -3.00 -17.07
N THR G 229 25.88 -3.74 -18.13
CA THR G 229 26.82 -4.10 -19.25
C THR G 229 27.28 -2.82 -19.96
N GLY G 230 26.35 -1.86 -20.10
CA GLY G 230 26.56 -0.51 -20.64
C GLY G 230 27.75 0.20 -20.04
N LEU G 231 28.08 -0.06 -18.77
CA LEU G 231 29.20 0.61 -18.08
C LEU G 231 30.32 -0.38 -17.79
N ARG G 232 30.24 -1.60 -18.32
CA ARG G 232 31.22 -2.69 -18.06
C ARG G 232 31.69 -3.26 -19.41
N GLU G 233 31.18 -4.43 -19.80
CA GLU G 233 31.47 -5.15 -21.08
C GLU G 233 31.50 -4.14 -22.25
N ASP G 234 30.51 -3.27 -22.34
CA ASP G 234 30.27 -2.41 -23.54
C ASP G 234 31.43 -1.40 -23.65
N THR G 235 31.96 -0.95 -22.52
CA THR G 235 33.12 -0.03 -22.50
C THR G 235 34.36 -0.79 -23.03
N GLU G 236 34.52 -2.09 -22.75
CA GLU G 236 35.69 -2.85 -23.29
CA GLU G 236 35.66 -2.90 -23.27
C GLU G 236 35.47 -3.05 -24.79
N ASN G 237 34.27 -3.45 -25.19
CA ASN G 237 33.89 -3.62 -26.61
C ASN G 237 34.16 -2.33 -27.39
N LEU G 238 33.79 -1.20 -26.82
CA LEU G 238 33.84 0.07 -27.59
C LEU G 238 35.31 0.51 -27.78
N ALA G 239 36.15 0.33 -26.75
CA ALA G 239 37.61 0.63 -26.80
C ALA G 239 38.27 -0.14 -27.96
N LYS G 240 37.72 -1.29 -28.34
CA LYS G 240 38.31 -2.26 -29.32
C LYS G 240 37.64 -2.13 -30.68
N ALA G 241 36.52 -1.42 -30.77
CA ALA G 241 35.73 -1.18 -32.00
C ALA G 241 36.35 -0.01 -32.79
N THR G 242 37.55 -0.23 -33.34
CA THR G 242 38.40 0.80 -34.01
C THR G 242 38.41 0.59 -35.53
N ASP G 243 37.79 -0.47 -36.05
CA ASP G 243 37.66 -0.69 -37.52
C ASP G 243 36.38 0.03 -38.00
N LYS G 244 36.52 1.26 -38.50
CA LYS G 244 35.33 2.11 -38.77
C LYS G 244 34.44 1.43 -39.78
N LEU G 245 33.15 1.66 -39.62
CA LEU G 245 32.13 1.31 -40.65
C LEU G 245 32.45 2.02 -41.99
N THR G 246 32.10 1.37 -43.09
CA THR G 246 32.34 1.82 -44.47
C THR G 246 30.99 2.15 -45.14
N ILE G 247 29.90 1.62 -44.61
CA ILE G 247 28.56 1.80 -45.21
C ILE G 247 28.06 3.19 -44.93
N PRO G 248 27.13 3.72 -45.75
CA PRO G 248 26.50 4.99 -45.43
C PRO G 248 25.90 4.95 -44.01
N VAL G 249 26.23 5.97 -43.22
CA VAL G 249 25.54 6.23 -41.90
C VAL G 249 24.95 7.63 -41.88
N ILE G 250 23.76 7.76 -41.35
CA ILE G 250 23.20 9.10 -40.98
C ILE G 250 22.87 9.05 -39.49
N ALA G 251 23.25 10.11 -38.77
CA ALA G 251 23.03 10.27 -37.32
C ALA G 251 22.39 11.63 -37.03
N TRP G 252 21.19 11.59 -36.47
CA TRP G 252 20.39 12.79 -36.18
C TRP G 252 20.06 12.75 -34.69
N GLY G 253 20.41 13.78 -33.92
CA GLY G 253 19.99 13.88 -32.51
C GLY G 253 18.95 14.95 -32.34
N GLY G 254 18.31 15.01 -31.17
CA GLY G 254 17.39 16.12 -30.84
C GLY G 254 18.16 17.37 -30.47
N SER G 255 17.75 18.52 -31.00
CA SER G 255 18.21 19.86 -30.56
C SER G 255 18.27 19.92 -29.04
N HIS G 256 17.26 19.37 -28.36
CA HIS G 256 17.11 19.46 -26.89
C HIS G 256 17.56 18.15 -26.19
N PHE G 257 18.29 17.25 -26.87
CA PHE G 257 19.00 16.18 -26.14
C PHE G 257 20.45 16.13 -26.65
N LEU G 258 20.86 15.16 -27.46
CA LEU G 258 22.30 15.06 -27.82
C LEU G 258 22.68 16.01 -28.97
N GLY G 259 21.71 16.58 -29.69
CA GLY G 259 22.01 17.55 -30.77
C GLY G 259 22.70 16.92 -31.98
N ASP G 260 23.70 17.61 -32.51
CA ASP G 260 24.53 17.17 -33.66
C ASP G 260 25.46 16.02 -33.21
N ILE G 261 25.02 14.78 -33.36
CA ILE G 261 25.84 13.58 -33.01
C ILE G 261 26.76 13.13 -34.16
N ARG G 262 26.89 13.88 -35.24
CA ARG G 262 27.79 13.44 -36.33
C ARG G 262 29.18 13.13 -35.77
N PRO G 263 29.82 14.07 -35.01
CA PRO G 263 31.19 13.85 -34.57
C PRO G 263 31.35 12.54 -33.77
N ALA G 264 30.37 12.19 -32.96
CA ALA G 264 30.44 10.95 -32.17
C ALA G 264 30.48 9.75 -33.13
N TRP G 265 29.72 9.78 -34.23
CA TRP G 265 29.64 8.63 -35.15
C TRP G 265 30.84 8.64 -36.08
N GLN G 266 31.46 9.80 -36.30
CA GLN G 266 32.63 9.87 -37.22
C GLN G 266 33.82 9.17 -36.56
N GLU G 267 33.83 8.98 -35.23
CA GLU G 267 34.96 8.29 -34.55
C GLU G 267 34.92 6.79 -34.86
N VAL G 268 33.74 6.24 -35.24
CA VAL G 268 33.53 4.79 -35.57
C VAL G 268 32.99 4.52 -37.01
N ALA G 269 33.07 5.48 -37.94
CA ALA G 269 32.38 5.39 -39.26
C ALA G 269 32.97 6.42 -40.20
N GLU G 270 33.32 6.02 -41.43
CA GLU G 270 34.00 6.91 -42.41
C GLU G 270 32.99 7.85 -43.08
N ASN G 271 31.75 7.45 -43.22
CA ASN G 271 30.80 8.12 -44.13
C ASN G 271 29.56 8.42 -43.32
N VAL G 272 29.58 9.57 -42.68
CA VAL G 272 28.50 9.98 -41.73
C VAL G 272 27.92 11.31 -42.21
N GLU G 273 26.61 11.38 -42.31
CA GLU G 273 25.94 12.67 -42.46
C GLU G 273 24.93 12.76 -41.30
N GLY G 274 24.33 13.92 -41.14
CA GLY G 274 23.19 14.09 -40.25
C GLY G 274 23.23 15.46 -39.62
N GLY G 275 22.86 15.54 -38.34
CA GLY G 275 22.82 16.82 -37.60
C GLY G 275 21.81 16.78 -36.46
N ALA G 276 21.15 17.91 -36.23
CA ALA G 276 20.17 18.07 -35.15
C ALA G 276 18.78 18.31 -35.74
N VAL G 277 17.77 17.70 -35.11
CA VAL G 277 16.33 17.91 -35.41
C VAL G 277 15.82 19.06 -34.54
N GLU G 278 15.29 20.10 -35.15
CA GLU G 278 14.84 21.34 -34.46
C GLU G 278 13.76 21.05 -33.45
N ASN G 279 13.82 21.74 -32.31
CA ASN G 279 12.80 21.70 -31.22
C ASN G 279 12.37 20.25 -30.98
N CYS G 280 13.36 19.38 -30.75
CA CYS G 280 13.11 17.93 -30.56
C CYS G 280 14.01 17.43 -29.44
N GLY G 281 13.45 16.64 -28.55
CA GLY G 281 14.20 16.00 -27.46
C GLY G 281 14.71 14.63 -27.90
N HIS G 282 14.84 13.72 -26.94
CA HIS G 282 15.44 12.38 -27.13
C HIS G 282 14.55 11.44 -27.93
N PHE G 283 13.24 11.54 -27.79
CA PHE G 283 12.29 10.58 -28.39
C PHE G 283 11.91 10.99 -29.81
N VAL G 284 12.87 10.99 -30.73
CA VAL G 284 12.69 11.56 -32.11
C VAL G 284 11.54 10.87 -32.82
N PRO G 285 11.48 9.51 -32.85
CA PRO G 285 10.40 8.77 -33.51
C PRO G 285 8.98 9.17 -33.12
N GLU G 286 8.75 9.52 -31.84
CA GLU G 286 7.43 9.94 -31.30
C GLU G 286 7.29 11.46 -31.28
N GLU G 287 8.36 12.21 -31.01
CA GLU G 287 8.26 13.69 -31.02
C GLU G 287 8.25 14.25 -32.46
N LYS G 288 9.04 13.71 -33.38
CA LYS G 288 9.05 14.15 -34.81
C LYS G 288 9.00 12.94 -35.74
N PRO G 289 7.89 12.18 -35.77
CA PRO G 289 7.80 11.01 -36.64
C PRO G 289 7.97 11.36 -38.14
N GLN G 290 7.43 12.51 -38.56
CA GLN G 290 7.50 12.95 -39.98
C GLN G 290 8.98 13.09 -40.39
N PHE G 291 9.82 13.71 -39.56
CA PHE G 291 11.25 13.84 -39.88
C PHE G 291 11.83 12.44 -40.07
N VAL G 292 11.53 11.52 -39.17
CA VAL G 292 12.06 10.13 -39.29
C VAL G 292 11.57 9.48 -40.61
N ILE G 293 10.29 9.62 -40.93
CA ILE G 293 9.71 9.03 -42.17
C ILE G 293 10.43 9.63 -43.37
N ASP G 294 10.42 10.96 -43.47
CA ASP G 294 10.95 11.65 -44.66
C ASP G 294 12.42 11.26 -44.88
N THR G 295 13.16 11.24 -43.80
CA THR G 295 14.62 11.02 -43.82
C THR G 295 14.88 9.56 -44.19
N ALA G 296 14.18 8.61 -43.58
CA ALA G 296 14.34 7.16 -43.88
C ALA G 296 13.98 6.89 -45.34
N LEU G 297 12.94 7.54 -45.85
CA LEU G 297 12.44 7.25 -47.23
C LEU G 297 13.49 7.67 -48.26
N LYS G 298 14.21 8.78 -48.02
CA LYS G 298 15.29 9.24 -48.93
C LYS G 298 16.53 8.39 -48.69
N PHE G 299 16.83 8.06 -47.43
CA PHE G 299 18.13 7.41 -47.12
C PHE G 299 18.13 5.98 -47.69
N PHE G 300 17.01 5.27 -47.62
CA PHE G 300 16.97 3.82 -47.94
C PHE G 300 16.51 3.61 -49.40
N ALA G 301 16.10 4.68 -50.09
CA ALA G 301 15.63 4.60 -51.48
C ALA G 301 16.61 3.84 -52.37
N PRO G 302 17.95 4.08 -52.32
CA PRO G 302 18.87 3.35 -53.20
C PRO G 302 18.89 1.82 -53.02
N LEU G 303 18.37 1.34 -51.89
CA LEU G 303 18.42 -0.11 -51.58
C LEU G 303 17.22 -0.84 -52.19
N ARG G 304 16.11 -0.13 -52.44
CA ARG G 304 14.87 -0.70 -53.02
C ARG G 304 15.16 -1.26 -54.42
N GLU H 22 27.85 10.63 30.61
CA GLU H 22 26.38 10.40 30.29
C GLU H 22 25.78 11.53 29.41
N ILE H 23 24.83 11.19 28.54
CA ILE H 23 24.52 11.96 27.30
C ILE H 23 23.28 12.82 27.57
N THR H 24 23.34 14.14 27.36
CA THR H 24 22.17 15.06 27.48
C THR H 24 21.77 15.57 26.08
N HIS H 25 20.51 15.41 25.74
CA HIS H 25 19.88 15.97 24.52
C HIS H 25 19.62 17.48 24.70
N HIS H 26 20.07 18.30 23.75
CA HIS H 26 19.93 19.78 23.78
C HIS H 26 19.47 20.32 22.41
N GLN H 27 19.04 21.58 22.36
CA GLN H 27 18.84 22.29 21.08
C GLN H 27 19.27 23.75 21.21
N ALA H 28 19.49 24.37 20.05
CA ALA H 28 19.85 25.78 19.90
C ALA H 28 19.34 26.31 18.55
N MET H 29 18.97 27.58 18.50
CA MET H 29 18.73 28.33 17.25
C MET H 29 20.11 28.67 16.65
N ILE H 30 20.39 28.09 15.47
CA ILE H 30 21.68 28.17 14.72
C ILE H 30 21.37 28.60 13.29
N ASN H 31 21.76 29.81 12.88
CA ASN H 31 21.56 30.26 11.47
C ASN H 31 20.11 30.04 11.02
N GLY H 32 19.13 30.32 11.88
CA GLY H 32 17.69 30.42 11.55
C GLY H 32 16.92 29.11 11.70
N TYR H 33 17.53 28.02 12.19
CA TYR H 33 16.87 26.72 12.42
C TYR H 33 17.26 26.08 13.77
N ARG H 34 16.42 25.21 14.29
CA ARG H 34 16.71 24.49 15.56
C ARG H 34 17.60 23.27 15.24
N MET H 35 18.84 23.31 15.71
CA MET H 35 19.84 22.21 15.59
C MET H 35 19.79 21.39 16.86
N HIS H 36 19.56 20.09 16.77
CA HIS H 36 19.67 19.17 17.93
C HIS H 36 21.16 18.81 18.15
N TYR H 37 21.56 18.62 19.40
CA TYR H 37 22.94 18.18 19.71
C TYR H 37 22.92 17.49 21.04
N VAL H 38 23.85 16.59 21.26
CA VAL H 38 24.07 15.97 22.59
C VAL H 38 25.39 16.51 23.12
N THR H 39 25.56 16.47 24.44
CA THR H 39 26.87 16.70 25.08
C THR H 39 27.05 15.68 26.18
N ALA H 40 28.31 15.48 26.59
CA ALA H 40 28.74 14.61 27.71
C ALA H 40 30.17 14.95 28.14
N GLY H 41 30.47 14.68 29.42
CA GLY H 41 31.80 14.78 30.05
C GLY H 41 32.15 16.23 30.35
N SER H 42 33.44 16.47 30.58
CA SER H 42 34.00 17.79 30.97
C SER H 42 35.47 17.91 30.54
N GLY H 43 35.91 19.17 30.48
CA GLY H 43 37.26 19.59 30.08
C GLY H 43 37.20 20.02 28.63
N TYR H 44 38.32 19.80 27.93
CA TYR H 44 38.57 20.32 26.57
C TYR H 44 37.46 19.83 25.62
N PRO H 45 36.88 20.72 24.78
CA PRO H 45 35.81 20.32 23.87
C PRO H 45 36.32 19.63 22.58
N LEU H 46 35.75 18.45 22.28
CA LEU H 46 35.87 17.73 20.99
C LEU H 46 34.49 17.75 20.33
N VAL H 47 34.45 18.10 19.04
CA VAL H 47 33.22 18.13 18.20
C VAL H 47 33.24 16.90 17.26
N LEU H 48 32.18 16.09 17.31
CA LEU H 48 32.03 14.86 16.50
C LEU H 48 30.96 15.13 15.45
N LEU H 49 31.34 15.06 14.17
CA LEU H 49 30.42 15.33 13.03
C LEU H 49 30.19 14.06 12.24
N HIS H 50 28.95 13.61 12.25
CA HIS H 50 28.43 12.39 11.58
C HIS H 50 28.27 12.63 10.08
N GLY H 51 27.92 11.58 9.35
CA GLY H 51 27.69 11.61 7.90
C GLY H 51 26.27 11.19 7.54
N TRP H 52 26.09 10.77 6.29
CA TRP H 52 24.82 10.27 5.71
C TRP H 52 24.92 8.75 5.67
N PRO H 53 23.86 7.97 5.97
CA PRO H 53 22.53 8.46 6.36
C PRO H 53 22.33 8.49 7.89
N GLN H 54 23.20 9.16 8.64
CA GLN H 54 23.25 8.90 10.09
C GLN H 54 22.97 10.20 10.85
N SER H 55 23.62 10.32 12.02
CA SER H 55 23.25 11.27 13.12
C SER H 55 24.24 11.17 14.27
N TRP H 56 24.06 12.05 15.25
CA TRP H 56 24.88 12.05 16.48
C TRP H 56 25.02 10.60 16.94
N TYR H 57 24.00 9.78 16.67
CA TYR H 57 23.80 8.39 17.15
C TYR H 57 24.99 7.52 16.77
N GLU H 58 25.63 7.78 15.64
CA GLU H 58 26.74 6.88 15.18
C GLU H 58 27.92 6.95 16.16
N TRP H 59 27.96 7.97 17.01
CA TRP H 59 29.10 8.19 17.92
C TRP H 59 28.83 7.56 19.30
N ARG H 60 27.74 6.84 19.47
CA ARG H 60 27.24 6.55 20.82
C ARG H 60 28.13 5.50 21.53
N ASN H 61 28.99 4.74 20.84
CA ASN H 61 29.90 3.75 21.51
C ASN H 61 31.29 4.41 21.69
N VAL H 62 31.44 5.61 21.18
CA VAL H 62 32.70 6.37 21.28
C VAL H 62 32.52 7.40 22.40
N ILE H 63 31.41 8.13 22.41
CA ILE H 63 31.16 9.26 23.38
C ILE H 63 31.47 8.89 24.83
N PRO H 64 30.98 7.75 25.38
CA PRO H 64 31.28 7.40 26.79
C PRO H 64 32.77 7.47 27.14
N ALA H 65 33.65 6.78 26.40
CA ALA H 65 35.10 6.74 26.70
C ALA H 65 35.70 8.15 26.52
N LEU H 66 35.32 8.92 25.50
CA LEU H 66 35.88 10.30 25.32
C LEU H 66 35.39 11.24 26.43
N ALA H 67 34.17 11.05 26.94
CA ALA H 67 33.58 11.91 28.01
C ALA H 67 34.32 11.69 29.33
N GLU H 68 35.14 10.63 29.49
CA GLU H 68 36.01 10.52 30.71
C GLU H 68 37.18 11.53 30.70
N GLN H 69 37.56 12.11 29.54
CA GLN H 69 38.75 13.01 29.46
C GLN H 69 38.41 14.37 28.84
N PHE H 70 37.29 14.49 28.13
CA PHE H 70 36.90 15.69 27.33
C PHE H 70 35.41 15.96 27.43
N THR H 71 35.01 17.17 27.09
CA THR H 71 33.62 17.53 26.71
C THR H 71 33.44 17.05 25.27
N VAL H 72 32.42 16.24 25.02
CA VAL H 72 32.06 15.73 23.68
C VAL H 72 30.78 16.46 23.24
N ILE H 73 30.77 17.02 22.04
CA ILE H 73 29.62 17.70 21.40
C ILE H 73 29.42 17.03 20.05
N ALA H 74 28.20 16.55 19.82
CA ALA H 74 27.87 15.75 18.62
C ALA H 74 26.52 16.25 18.12
N PRO H 75 26.53 17.24 17.21
CA PRO H 75 25.28 17.78 16.63
C PRO H 75 24.70 16.82 15.58
N ASP H 76 23.41 16.97 15.34
CA ASP H 76 22.72 16.50 14.11
C ASP H 76 22.88 17.62 13.07
N LEU H 77 23.59 17.37 11.98
CA LEU H 77 23.94 18.39 10.94
C LEU H 77 22.66 18.82 10.19
N ARG H 78 22.68 20.02 9.61
CA ARG H 78 21.53 20.64 8.86
C ARG H 78 20.70 19.56 8.12
N GLY H 79 19.43 19.45 8.47
CA GLY H 79 18.45 18.60 7.77
C GLY H 79 18.46 17.13 8.13
N LEU H 80 19.48 16.57 8.80
CA LEU H 80 19.49 15.14 9.21
C LEU H 80 19.24 14.99 10.71
N GLY H 81 19.13 13.74 11.12
CA GLY H 81 18.72 13.36 12.47
C GLY H 81 17.47 14.12 12.87
N ASP H 82 17.46 14.61 14.09
CA ASP H 82 16.28 15.34 14.63
C ASP H 82 16.43 16.86 14.43
N SER H 83 17.53 17.33 13.89
CA SER H 83 17.69 18.77 13.61
C SER H 83 16.58 19.21 12.64
N GLU H 84 16.23 20.51 12.66
CA GLU H 84 15.28 21.12 11.70
C GLU H 84 15.90 21.16 10.31
N LYS H 85 15.06 21.42 9.30
CA LYS H 85 15.37 21.05 7.90
C LYS H 85 15.03 22.19 6.96
N PRO H 86 15.94 23.16 6.80
CA PRO H 86 15.75 24.22 5.81
C PRO H 86 15.79 23.66 4.38
N MET H 87 15.47 24.54 3.43
CA MET H 87 15.44 24.25 1.97
C MET H 87 16.81 24.48 1.32
N THR H 88 17.70 25.20 2.02
CA THR H 88 18.97 25.70 1.44
C THR H 88 20.13 25.64 2.44
N GLY H 89 21.34 25.85 1.92
CA GLY H 89 22.60 25.99 2.66
C GLY H 89 23.20 24.63 3.00
N PHE H 90 23.11 23.66 2.09
CA PHE H 90 23.52 22.24 2.33
C PHE H 90 24.95 22.00 1.82
N ASP H 91 25.56 22.99 1.18
CA ASP H 91 27.01 22.95 0.84
C ASP H 91 27.80 22.86 2.15
N LYS H 92 28.96 22.23 2.08
CA LYS H 92 29.69 21.83 3.30
C LYS H 92 30.34 23.05 3.95
N ARG H 93 30.69 24.12 3.23
CA ARG H 93 31.17 25.41 3.84
C ARG H 93 30.05 26.01 4.71
N THR H 94 28.80 26.07 4.20
CA THR H 94 27.66 26.65 4.95
C THR H 94 27.32 25.76 6.17
N MET H 95 27.34 24.44 6.05
CA MET H 95 27.04 23.51 7.16
CA MET H 95 27.01 23.54 7.18
C MET H 95 28.13 23.64 8.24
N ALA H 96 29.32 24.09 7.85
CA ALA H 96 30.44 24.36 8.78
C ALA H 96 30.17 25.66 9.56
N THR H 97 29.49 26.65 8.94
CA THR H 97 29.08 27.87 9.67
C THR H 97 28.11 27.44 10.78
N ASP H 98 27.21 26.48 10.57
CA ASP H 98 26.31 25.97 11.64
C ASP H 98 27.16 25.46 12.81
N VAL H 99 28.23 24.73 12.50
CA VAL H 99 29.11 24.16 13.55
C VAL H 99 29.83 25.29 14.26
N ARG H 100 30.31 26.32 13.55
CA ARG H 100 30.97 27.47 14.20
C ARG H 100 29.98 28.20 15.14
N GLU H 101 28.74 28.41 14.71
CA GLU H 101 27.71 29.09 15.55
C GLU H 101 27.42 28.25 16.80
N LEU H 102 27.35 26.93 16.67
CA LEU H 102 27.07 26.02 17.81
C LEU H 102 28.23 26.09 18.81
N VAL H 103 29.46 25.98 18.34
CA VAL H 103 30.65 25.99 19.22
C VAL H 103 30.62 27.28 20.03
N SER H 104 30.36 28.41 19.36
CA SER H 104 30.40 29.76 19.96
C SER H 104 29.23 29.98 20.94
N HIS H 105 28.05 29.40 20.69
CA HIS H 105 26.87 29.35 21.62
C HIS H 105 27.27 28.61 22.91
N LEU H 106 28.05 27.54 22.80
CA LEU H 106 28.58 26.79 23.99
C LEU H 106 29.81 27.49 24.60
N GLY H 107 30.25 28.61 24.01
CA GLY H 107 31.40 29.45 24.41
C GLY H 107 32.79 28.77 24.40
N TYR H 108 33.18 28.01 23.37
CA TYR H 108 34.58 27.52 23.18
C TYR H 108 35.33 28.33 22.11
N ASP H 109 36.53 28.82 22.43
CA ASP H 109 37.42 29.58 21.51
C ASP H 109 38.36 28.58 20.79
N LYS H 110 38.46 27.34 21.29
CA LYS H 110 39.36 26.26 20.79
C LYS H 110 38.72 24.88 20.89
N VAL H 111 38.71 24.12 19.79
CA VAL H 111 38.12 22.76 19.71
C VAL H 111 39.03 21.80 18.95
N GLY H 112 38.83 20.54 19.27
CA GLY H 112 39.26 19.36 18.48
C GLY H 112 38.02 18.84 17.77
N VAL H 113 38.22 18.22 16.60
CA VAL H 113 37.14 17.76 15.71
C VAL H 113 37.46 16.38 15.15
N ILE H 114 36.45 15.50 15.16
CA ILE H 114 36.45 14.21 14.44
C ILE H 114 35.31 14.32 13.45
N GLY H 115 35.55 14.03 12.17
CA GLY H 115 34.51 13.99 11.12
C GLY H 115 34.47 12.65 10.40
N HIS H 116 33.27 12.08 10.26
CA HIS H 116 33.05 10.80 9.55
C HIS H 116 32.21 11.11 8.32
N ASP H 117 32.61 10.55 7.18
CA ASP H 117 31.88 10.67 5.89
C ASP H 117 31.69 12.18 5.62
N TRP H 118 30.49 12.63 5.34
CA TRP H 118 30.25 14.06 5.00
C TRP H 118 30.66 14.98 6.13
N GLY H 119 30.55 14.49 7.38
CA GLY H 119 31.04 15.17 8.59
C GLY H 119 32.50 15.54 8.44
N GLY H 120 33.27 14.66 7.81
CA GLY H 120 34.67 14.91 7.43
C GLY H 120 34.81 16.11 6.51
N SER H 121 33.96 16.27 5.50
CA SER H 121 34.05 17.42 4.57
C SER H 121 33.63 18.72 5.28
N VAL H 122 32.51 18.69 5.98
CA VAL H 122 32.11 19.81 6.91
C VAL H 122 33.28 20.11 7.85
N ALA H 123 33.91 19.08 8.43
CA ALA H 123 35.02 19.31 9.37
C ALA H 123 36.14 20.09 8.67
N PHE H 124 36.45 19.65 7.45
CA PHE H 124 37.46 20.27 6.58
C PHE H 124 37.16 21.76 6.44
N TYR H 125 35.94 22.17 6.05
CA TYR H 125 35.67 23.62 5.84
C TYR H 125 35.66 24.34 7.17
N PHE H 126 35.16 23.71 8.23
CA PHE H 126 35.19 24.25 9.61
C PHE H 126 36.63 24.61 9.98
N ALA H 127 37.57 23.66 9.78
CA ALA H 127 39.04 23.83 9.99
C ALA H 127 39.60 24.90 9.04
N TYR H 128 39.33 24.79 7.74
CA TYR H 128 39.82 25.73 6.70
C TYR H 128 39.36 27.17 7.01
N ASP H 129 38.08 27.35 7.33
CA ASP H 129 37.47 28.70 7.53
C ASP H 129 37.69 29.25 8.94
N ASN H 130 38.26 28.49 9.89
CA ASN H 130 38.46 29.04 11.27
C ASN H 130 39.81 28.56 11.76
N ARG H 131 40.88 29.31 11.44
CA ARG H 131 42.28 28.83 11.55
C ARG H 131 42.68 28.80 13.02
N ASP H 132 42.07 29.64 13.88
CA ASP H 132 42.37 29.72 15.33
C ASP H 132 41.30 29.01 16.20
N LEU H 133 40.24 28.45 15.64
CA LEU H 133 39.23 27.64 16.36
C LEU H 133 39.63 26.14 16.42
N VAL H 134 39.93 25.52 15.29
CA VAL H 134 40.14 24.05 15.28
C VAL H 134 41.64 23.82 15.45
N GLU H 135 42.02 23.23 16.57
CA GLU H 135 43.45 22.96 16.90
C GLU H 135 43.92 21.63 16.29
N ARG H 136 43.02 20.67 16.07
CA ARG H 136 43.42 19.29 15.63
C ARG H 136 42.19 18.62 15.00
N LEU H 137 42.43 17.74 14.03
CA LEU H 137 41.39 17.23 13.10
C LEU H 137 41.60 15.73 12.87
N PHE H 138 40.55 14.94 13.01
CA PHE H 138 40.60 13.46 12.92
C PHE H 138 39.51 13.10 11.92
N ILE H 139 39.93 12.64 10.73
CA ILE H 139 39.04 12.23 9.61
C ILE H 139 38.92 10.71 9.60
N LEU H 140 37.69 10.22 9.53
CA LEU H 140 37.37 8.79 9.36
C LEU H 140 36.65 8.60 8.04
N ASP H 141 37.24 7.73 7.18
CA ASP H 141 36.72 7.25 5.88
C ASP H 141 35.95 8.37 5.16
N MET H 142 36.65 9.45 4.81
CA MET H 142 36.15 10.46 3.85
C MET H 142 37.32 11.11 3.09
N ILE H 143 37.08 11.71 1.94
CA ILE H 143 38.12 12.54 1.27
C ILE H 143 37.68 14.00 1.38
N PRO H 144 38.56 14.99 1.15
CA PRO H 144 38.19 16.37 1.45
C PRO H 144 36.84 16.78 0.80
N GLY H 145 36.65 16.40 -0.46
CA GLY H 145 35.36 16.44 -1.21
C GLY H 145 35.25 15.29 -2.20
N LEU H 146 34.10 15.11 -2.85
CA LEU H 146 33.90 14.03 -3.84
C LEU H 146 34.91 14.19 -4.99
N ILE H 147 35.06 15.42 -5.51
CA ILE H 147 35.81 15.78 -6.73
C ILE H 147 35.95 17.31 -6.79
N LYS H 148 37.00 17.77 -7.47
CA LYS H 148 37.28 19.19 -7.74
C LYS H 148 36.64 19.54 -9.07
N ALA H 149 35.98 20.69 -9.18
CA ALA H 149 35.47 21.23 -10.48
C ALA H 149 36.57 21.18 -11.56
N GLY H 150 36.18 20.80 -12.78
CA GLY H 150 37.07 20.61 -13.96
C GLY H 150 37.63 19.20 -14.05
N ASP H 151 37.51 18.40 -12.98
CA ASP H 151 38.02 17.00 -12.95
C ASP H 151 36.86 16.09 -13.35
N SER H 152 37.20 14.82 -13.54
CA SER H 152 36.39 13.72 -14.13
C SER H 152 36.49 12.45 -13.26
N PHE H 153 35.42 11.66 -13.27
CA PHE H 153 35.31 10.39 -12.52
C PHE H 153 35.74 9.27 -13.43
N PRO H 154 36.80 8.48 -13.10
CA PRO H 154 37.05 7.23 -13.82
C PRO H 154 35.86 6.29 -13.63
N ILE H 155 35.64 5.37 -14.55
CA ILE H 155 34.44 4.49 -14.55
C ILE H 155 34.36 3.70 -13.23
N PRO H 156 35.38 2.90 -12.79
CA PRO H 156 35.26 2.12 -11.56
C PRO H 156 34.93 2.95 -10.31
N VAL H 157 35.41 4.20 -10.24
CA VAL H 157 35.08 5.15 -9.13
C VAL H 157 33.60 5.50 -9.22
N ALA H 158 33.10 5.85 -10.41
CA ALA H 158 31.69 6.27 -10.62
C ALA H 158 30.77 5.09 -10.25
N LEU H 159 31.19 3.86 -10.53
CA LEU H 159 30.42 2.64 -10.13
C LEU H 159 30.46 2.38 -8.60
N MET H 160 31.61 2.46 -7.94
CA MET H 160 31.79 2.21 -6.47
C MET H 160 30.87 3.16 -5.65
N ILE H 161 30.59 4.38 -6.13
CA ILE H 161 29.82 5.40 -5.36
C ILE H 161 28.67 5.94 -6.22
N ASN H 162 28.09 5.05 -7.04
CA ASN H 162 26.97 5.30 -7.99
C ASN H 162 25.83 6.04 -7.30
N HIS H 163 25.74 5.91 -5.97
CA HIS H 163 24.65 6.50 -5.17
C HIS H 163 24.74 8.03 -5.20
N ILE H 164 25.94 8.62 -5.34
CA ILE H 164 26.11 10.10 -5.34
C ILE H 164 25.37 10.71 -6.53
N PHE H 165 25.37 10.01 -7.66
CA PHE H 165 24.70 10.47 -8.90
C PHE H 165 23.19 10.31 -8.76
N PHE H 166 22.75 9.25 -8.07
CA PHE H 166 21.31 8.98 -7.86
C PHE H 166 20.74 10.08 -6.96
N HIS H 167 21.40 10.38 -5.84
CA HIS H 167 20.92 11.34 -4.80
C HIS H 167 21.08 12.78 -5.32
N GLY H 168 22.23 13.07 -5.97
CA GLY H 168 22.62 14.44 -6.34
C GLY H 168 22.13 14.86 -7.73
N GLY H 169 21.68 13.93 -8.61
CA GLY H 169 21.38 14.25 -10.02
C GLY H 169 20.06 15.00 -10.19
N ASN H 170 18.97 14.31 -9.81
CA ASN H 170 17.57 14.82 -9.77
C ASN H 170 17.03 14.58 -8.36
N PRO H 171 17.44 15.42 -7.39
CA PRO H 171 17.12 15.18 -5.98
C PRO H 171 15.66 14.84 -5.66
N ASP H 172 14.70 15.54 -6.28
CA ASP H 172 13.25 15.34 -6.07
C ASP H 172 12.90 13.92 -6.45
N TRP H 173 13.49 13.39 -7.52
CA TRP H 173 13.13 12.06 -8.07
C TRP H 173 13.68 11.00 -7.11
N ALA H 174 14.88 11.23 -6.60
CA ALA H 174 15.59 10.28 -5.72
C ALA H 174 14.81 10.26 -4.40
N THR H 175 14.37 11.43 -3.91
CA THR H 175 13.58 11.56 -2.67
C THR H 175 12.31 10.71 -2.82
N ALA H 176 11.57 10.81 -3.94
CA ALA H 176 10.33 10.01 -4.08
C ALA H 176 10.66 8.51 -3.99
N LEU H 177 11.73 8.08 -4.64
CA LEU H 177 11.99 6.63 -4.79
C LEU H 177 12.46 6.06 -3.44
N ILE H 178 13.26 6.85 -2.73
CA ILE H 178 13.86 6.47 -1.42
C ILE H 178 12.75 6.45 -0.37
N SER H 179 12.00 7.54 -0.28
CA SER H 179 10.99 7.79 0.79
C SER H 179 9.88 6.73 0.70
N LYS H 180 9.61 6.10 -0.45
CA LYS H 180 8.60 5.00 -0.53
C LYS H 180 8.96 3.84 0.42
N ASP H 181 10.25 3.66 0.77
CA ASP H 181 10.67 2.54 1.66
C ASP H 181 12.07 2.85 2.20
N VAL H 182 12.17 3.63 3.27
CA VAL H 182 13.47 4.06 3.85
C VAL H 182 14.19 2.88 4.50
N ASN H 183 13.44 2.02 5.19
CA ASN H 183 13.92 0.79 5.85
C ASN H 183 14.66 -0.09 4.82
N LEU H 184 14.13 -0.24 3.61
CA LEU H 184 14.84 -1.05 2.58
C LEU H 184 16.07 -0.28 2.12
N TYR H 185 15.95 1.00 1.80
CA TYR H 185 17.02 1.73 1.05
C TYR H 185 18.29 1.88 1.89
N LEU H 186 18.14 2.28 3.14
CA LEU H 186 19.28 2.48 4.09
C LEU H 186 20.08 1.18 4.18
N ARG H 187 19.47 0.02 3.96
CA ARG H 187 20.23 -1.24 4.10
C ARG H 187 21.27 -1.36 2.98
N ARG H 188 21.10 -0.65 1.84
CA ARG H 188 22.13 -0.56 0.79
C ARG H 188 23.49 -0.23 1.41
N PHE H 189 23.51 0.65 2.42
CA PHE H 189 24.72 1.13 3.12
C PHE H 189 24.96 0.32 4.39
N LEU H 190 23.91 0.07 5.17
CA LEU H 190 24.07 -0.39 6.57
C LEU H 190 24.46 -1.89 6.68
N THR H 191 23.97 -2.80 5.82
CA THR H 191 24.16 -4.26 6.03
C THR H 191 24.93 -4.94 4.88
N THR H 192 25.43 -4.18 3.89
CA THR H 192 26.08 -4.71 2.65
C THR H 192 27.57 -4.96 2.90
N LEU H 193 28.10 -6.03 2.32
CA LEU H 193 29.54 -6.42 2.35
C LEU H 193 30.45 -5.41 1.59
N ASP H 194 29.93 -4.54 0.73
CA ASP H 194 30.84 -3.57 0.06
C ASP H 194 30.97 -2.31 0.92
N TYR H 195 30.09 -2.08 1.90
CA TYR H 195 30.18 -0.89 2.80
C TYR H 195 30.75 -1.28 4.18
N ASN H 196 30.75 -2.58 4.52
CA ASN H 196 31.06 -3.10 5.88
C ASN H 196 31.81 -4.43 5.77
N TYR H 197 32.84 -4.60 6.57
CA TYR H 197 33.56 -5.89 6.60
C TYR H 197 32.52 -6.96 6.95
N SER H 198 31.74 -6.68 8.00
CA SER H 198 30.72 -7.58 8.59
C SER H 198 29.34 -7.02 8.27
N PRO H 199 28.35 -7.87 7.87
CA PRO H 199 26.98 -7.45 7.62
C PRO H 199 26.14 -7.22 8.88
N ASN H 200 26.76 -7.29 10.07
CA ASN H 200 26.10 -7.37 11.40
C ASN H 200 26.64 -6.22 12.30
N VAL H 201 27.13 -5.14 11.74
CA VAL H 201 27.63 -3.94 12.49
C VAL H 201 26.46 -3.28 13.23
N PHE H 202 25.26 -3.31 12.65
CA PHE H 202 24.04 -2.74 13.23
C PHE H 202 23.00 -3.79 13.60
N SER H 203 22.56 -3.74 14.87
CA SER H 203 21.30 -4.38 15.33
C SER H 203 20.10 -3.77 14.57
N GLU H 204 19.02 -4.54 14.52
CA GLU H 204 17.71 -4.10 13.98
C GLU H 204 17.31 -2.80 14.68
N GLU H 205 17.64 -2.68 15.98
CA GLU H 205 17.24 -1.53 16.81
C GLU H 205 18.06 -0.31 16.37
N ASP H 206 19.34 -0.48 16.08
CA ASP H 206 20.19 0.61 15.54
C ASP H 206 19.72 1.04 14.14
N ILE H 207 19.37 0.08 13.28
CA ILE H 207 18.88 0.42 11.91
C ILE H 207 17.57 1.19 12.07
N ALA H 208 16.71 0.79 13.01
CA ALA H 208 15.39 1.41 13.26
C ALA H 208 15.62 2.87 13.63
N GLU H 209 16.70 3.15 14.38
CA GLU H 209 17.01 4.54 14.78
C GLU H 209 17.28 5.36 13.52
N TYR H 210 18.07 4.86 12.57
CA TYR H 210 18.44 5.65 11.39
C TYR H 210 17.22 5.74 10.48
N VAL H 211 16.37 4.72 10.51
CA VAL H 211 15.16 4.71 9.67
C VAL H 211 14.22 5.81 10.19
N ARG H 212 14.11 5.93 11.52
CA ARG H 212 13.26 6.93 12.21
C ARG H 212 13.68 8.33 11.81
N VAL H 213 14.94 8.72 12.04
CA VAL H 213 15.37 10.10 11.70
C VAL H 213 15.25 10.35 10.17
N ASN H 214 15.47 9.32 9.34
CA ASN H 214 15.46 9.51 7.86
C ASN H 214 14.00 9.48 7.36
N SER H 215 13.07 9.09 8.22
CA SER H 215 11.63 9.01 7.90
C SER H 215 10.92 10.29 8.34
N LEU H 216 11.58 11.19 9.07
CA LEU H 216 11.01 12.52 9.36
C LEU H 216 10.93 13.27 8.04
N PRO H 217 9.77 13.82 7.68
CA PRO H 217 9.69 14.61 6.45
C PRO H 217 10.77 15.69 6.39
N GLY H 218 11.40 15.88 5.22
CA GLY H 218 12.57 16.78 5.03
C GLY H 218 13.93 16.06 5.15
N SER H 219 14.01 14.89 5.76
CA SER H 219 15.34 14.28 6.04
C SER H 219 15.93 13.81 4.70
N ILE H 220 15.14 13.09 3.92
CA ILE H 220 15.61 12.53 2.63
C ILE H 220 15.84 13.70 1.67
N ARG H 221 14.91 14.65 1.57
CA ARG H 221 15.10 15.86 0.71
C ARG H 221 16.46 16.49 1.06
N SER H 222 16.73 16.64 2.35
CA SER H 222 17.93 17.35 2.85
C SER H 222 19.16 16.51 2.48
N GLY H 223 19.12 15.22 2.76
CA GLY H 223 20.25 14.30 2.44
C GLY H 223 20.59 14.42 0.97
N CYS H 224 19.59 14.33 0.10
CA CYS H 224 19.80 14.44 -1.36
C CYS H 224 20.44 15.78 -1.70
N GLN H 225 20.10 16.88 -1.00
CA GLN H 225 20.76 18.20 -1.20
C GLN H 225 22.23 18.12 -0.72
N TRP H 226 22.56 17.32 0.29
CA TRP H 226 24.00 17.15 0.62
C TRP H 226 24.78 16.67 -0.63
N TYR H 227 24.23 15.72 -1.38
CA TYR H 227 24.92 15.14 -2.58
C TYR H 227 24.82 16.11 -3.77
N ALA H 228 23.66 16.78 -3.94
CA ALA H 228 23.46 17.77 -4.99
C ALA H 228 24.52 18.89 -4.86
N THR H 229 24.80 19.35 -3.64
CA THR H 229 25.78 20.44 -3.43
C THR H 229 27.18 19.83 -3.55
N GLY H 230 27.28 18.56 -3.15
CA GLY H 230 28.49 17.69 -3.21
C GLY H 230 29.04 17.56 -4.63
N LEU H 231 28.19 17.60 -5.66
CA LEU H 231 28.60 17.52 -7.08
C LEU H 231 28.50 18.86 -7.79
N ARG H 232 28.32 19.96 -7.06
CA ARG H 232 28.19 21.32 -7.69
C ARG H 232 29.00 22.36 -6.91
N GLU H 233 28.40 23.17 -6.01
CA GLU H 233 29.14 24.22 -5.27
CA GLU H 233 29.16 24.24 -5.31
C GLU H 233 30.37 23.64 -4.58
N ASP H 234 30.24 22.47 -3.94
CA ASP H 234 31.35 21.90 -3.13
C ASP H 234 32.57 21.62 -4.02
N THR H 235 32.36 21.32 -5.31
CA THR H 235 33.47 21.04 -6.26
C THR H 235 34.21 22.35 -6.54
N GLU H 236 33.50 23.47 -6.62
CA GLU H 236 34.10 24.82 -6.85
CA GLU H 236 34.04 24.84 -6.84
C GLU H 236 34.90 25.20 -5.62
N ASN H 237 34.29 25.08 -4.43
CA ASN H 237 34.89 25.39 -3.11
C ASN H 237 36.16 24.55 -2.91
N LEU H 238 36.18 23.26 -3.28
CA LEU H 238 37.37 22.37 -3.06
C LEU H 238 38.50 22.78 -4.00
N ALA H 239 38.19 23.13 -5.25
CA ALA H 239 39.17 23.69 -6.19
C ALA H 239 39.83 24.97 -5.63
N LYS H 240 39.09 25.84 -4.93
CA LYS H 240 39.60 27.13 -4.36
C LYS H 240 40.22 26.93 -2.96
N ALA H 241 40.10 25.75 -2.34
CA ALA H 241 40.74 25.40 -1.06
C ALA H 241 42.21 24.96 -1.29
N THR H 242 43.07 25.95 -1.59
CA THR H 242 44.49 25.78 -2.00
C THR H 242 45.45 26.02 -0.84
N ASP H 243 44.99 26.73 0.21
CA ASP H 243 45.69 27.06 1.48
C ASP H 243 45.71 25.85 2.42
N LYS H 244 46.71 24.99 2.30
CA LYS H 244 46.85 23.78 3.16
C LYS H 244 46.67 24.17 4.65
N LEU H 245 45.96 23.35 5.41
CA LEU H 245 45.88 23.42 6.88
C LEU H 245 47.28 23.20 7.46
N THR H 246 47.57 23.85 8.59
CA THR H 246 48.89 23.80 9.28
C THR H 246 48.79 23.01 10.58
N ILE H 247 47.58 22.80 11.06
CA ILE H 247 47.26 22.02 12.28
C ILE H 247 47.48 20.52 12.02
N PRO H 248 47.70 19.71 13.07
CA PRO H 248 47.83 18.26 12.92
C PRO H 248 46.50 17.65 12.49
N VAL H 249 46.58 16.79 11.49
CA VAL H 249 45.44 16.06 10.89
C VAL H 249 45.82 14.58 10.94
N ILE H 250 44.94 13.73 11.46
CA ILE H 250 45.03 12.26 11.26
C ILE H 250 43.79 11.89 10.44
N ALA H 251 44.00 11.01 9.48
CA ALA H 251 43.00 10.51 8.52
C ALA H 251 43.12 8.99 8.45
N TRP H 252 42.02 8.29 8.72
CA TRP H 252 41.97 6.80 8.72
C TRP H 252 40.72 6.34 7.97
N GLY H 253 40.95 5.51 6.95
CA GLY H 253 39.86 4.83 6.23
C GLY H 253 39.75 3.40 6.69
N GLY H 254 38.61 2.76 6.43
CA GLY H 254 38.46 1.31 6.61
C GLY H 254 39.15 0.53 5.51
N SER H 255 39.87 -0.53 5.86
CA SER H 255 40.46 -1.53 4.91
C SER H 255 39.49 -1.85 3.78
N HIS H 256 38.19 -1.99 4.07
CA HIS H 256 37.19 -2.52 3.13
C HIS H 256 36.30 -1.38 2.62
N PHE H 257 36.79 -0.13 2.60
CA PHE H 257 36.15 0.99 1.85
C PHE H 257 37.25 1.92 1.29
N LEU H 258 37.54 3.08 1.88
CA LEU H 258 38.49 4.07 1.32
C LEU H 258 39.96 3.74 1.65
N GLY H 259 40.24 2.83 2.59
CA GLY H 259 41.62 2.39 2.87
C GLY H 259 42.47 3.58 3.27
N ASP H 260 43.71 3.63 2.79
CA ASP H 260 44.74 4.63 3.17
C ASP H 260 44.35 5.96 2.51
N ILE H 261 43.68 6.81 3.28
CA ILE H 261 43.31 8.20 2.89
C ILE H 261 44.38 9.22 3.29
N ARG H 262 45.55 8.82 3.80
CA ARG H 262 46.66 9.80 4.00
C ARG H 262 46.83 10.67 2.73
N PRO H 263 47.24 10.11 1.57
CA PRO H 263 47.54 10.91 0.37
C PRO H 263 46.49 12.00 0.04
N ALA H 264 45.22 11.66 0.10
CA ALA H 264 44.09 12.60 -0.22
C ALA H 264 44.09 13.80 0.73
N TRP H 265 44.37 13.60 2.01
CA TRP H 265 44.40 14.69 3.04
C TRP H 265 45.73 15.48 2.99
N GLN H 266 46.82 14.84 2.55
CA GLN H 266 48.12 15.53 2.26
C GLN H 266 47.93 16.60 1.17
N GLU H 267 46.97 16.47 0.25
CA GLU H 267 46.71 17.52 -0.78
C GLU H 267 46.10 18.80 -0.16
N VAL H 268 45.68 18.78 1.11
CA VAL H 268 44.99 19.97 1.70
C VAL H 268 45.48 20.24 3.11
N ALA H 269 46.50 19.54 3.59
CA ALA H 269 47.05 19.70 4.95
C ALA H 269 48.53 19.36 4.91
N GLU H 270 49.37 20.10 5.67
CA GLU H 270 50.85 19.97 5.65
C GLU H 270 51.30 18.88 6.62
N ASN H 271 50.52 18.64 7.68
CA ASN H 271 50.86 17.69 8.77
C ASN H 271 49.78 16.59 8.85
N VAL H 272 49.95 15.47 8.13
CA VAL H 272 48.96 14.36 8.06
C VAL H 272 49.60 13.01 8.40
N GLU H 273 48.97 12.30 9.32
CA GLU H 273 49.34 10.91 9.64
C GLU H 273 48.07 10.09 9.48
N GLY H 274 48.23 8.79 9.23
CA GLY H 274 47.07 7.89 9.15
C GLY H 274 47.35 6.65 8.33
N GLY H 275 46.27 6.06 7.84
CA GLY H 275 46.32 4.79 7.10
C GLY H 275 44.96 4.13 7.07
N ALA H 276 44.95 2.82 7.25
CA ALA H 276 43.82 1.91 7.01
C ALA H 276 43.58 1.02 8.25
N VAL H 277 42.32 0.90 8.66
CA VAL H 277 41.91 0.04 9.79
C VAL H 277 41.59 -1.35 9.25
N GLU H 278 42.18 -2.40 9.81
CA GLU H 278 42.08 -3.78 9.27
C GLU H 278 40.66 -4.33 9.43
N ASN H 279 40.12 -4.94 8.38
CA ASN H 279 38.84 -5.69 8.39
C ASN H 279 37.75 -4.76 8.90
N CYS H 280 37.76 -3.53 8.43
CA CYS H 280 36.81 -2.48 8.81
C CYS H 280 36.25 -1.84 7.54
N GLY H 281 34.93 -1.74 7.43
CA GLY H 281 34.30 -1.01 6.31
C GLY H 281 34.33 0.49 6.51
N HIS H 282 33.30 1.15 5.98
CA HIS H 282 33.08 2.62 5.98
C HIS H 282 32.68 3.20 7.34
N PHE H 283 31.92 2.46 8.14
CA PHE H 283 31.27 2.98 9.37
C PHE H 283 32.21 2.74 10.57
N VAL H 284 33.35 3.41 10.58
CA VAL H 284 34.47 3.08 11.53
C VAL H 284 34.00 3.32 12.96
N PRO H 285 33.31 4.45 13.24
CA PRO H 285 32.73 4.69 14.55
C PRO H 285 31.90 3.53 15.11
N GLU H 286 31.18 2.77 14.27
CA GLU H 286 30.29 1.66 14.69
C GLU H 286 30.94 0.27 14.57
N GLU H 287 31.78 -0.03 13.57
CA GLU H 287 32.39 -1.38 13.38
C GLU H 287 33.68 -1.53 14.20
N LYS H 288 34.41 -0.42 14.42
CA LYS H 288 35.66 -0.37 15.22
C LYS H 288 35.62 0.82 16.18
N PRO H 289 34.67 0.85 17.14
CA PRO H 289 34.64 1.91 18.15
C PRO H 289 35.93 1.98 18.98
N GLN H 290 36.47 0.84 19.41
CA GLN H 290 37.67 0.86 20.29
C GLN H 290 38.81 1.54 19.52
N PHE H 291 38.99 1.20 18.24
CA PHE H 291 39.96 1.87 17.35
C PHE H 291 39.70 3.38 17.36
N VAL H 292 38.48 3.83 17.15
CA VAL H 292 38.26 5.30 17.17
C VAL H 292 38.59 5.88 18.56
N ILE H 293 38.18 5.20 19.63
CA ILE H 293 38.41 5.68 21.03
C ILE H 293 39.92 5.84 21.25
N ASP H 294 40.69 4.77 20.99
CA ASP H 294 42.14 4.66 21.30
C ASP H 294 42.85 5.76 20.53
N THR H 295 42.47 5.93 19.26
CA THR H 295 43.11 6.90 18.35
C THR H 295 42.74 8.32 18.83
N ALA H 296 41.48 8.58 19.15
CA ALA H 296 41.06 9.94 19.60
C ALA H 296 41.83 10.36 20.86
N LEU H 297 41.85 9.50 21.90
CA LEU H 297 42.48 9.75 23.21
C LEU H 297 43.97 10.10 23.04
N LYS H 298 44.70 9.37 22.19
CA LYS H 298 46.13 9.67 21.93
C LYS H 298 46.24 11.03 21.22
N PHE H 299 45.54 11.22 20.11
CA PHE H 299 45.68 12.37 19.19
C PHE H 299 45.39 13.70 19.91
N PHE H 300 44.34 13.72 20.72
CA PHE H 300 43.80 14.94 21.35
C PHE H 300 44.43 15.14 22.74
N ALA H 301 45.20 14.18 23.25
CA ALA H 301 45.87 14.20 24.60
C ALA H 301 46.60 15.52 24.82
N PRO H 302 47.43 16.03 23.87
CA PRO H 302 48.09 17.34 24.04
C PRO H 302 47.15 18.50 24.37
N LEU H 303 45.84 18.36 24.16
CA LEU H 303 44.87 19.48 24.25
C LEU H 303 44.16 19.56 25.61
N ARG H 304 44.23 18.51 26.42
CA ARG H 304 43.81 18.55 27.85
C ARG H 304 44.64 19.62 28.58
#